data_1OK6
#
_entry.id   1OK6
#
_cell.length_a   89.900
_cell.length_b   176.500
_cell.length_c   185.700
_cell.angle_alpha   90.00
_cell.angle_beta   90.00
_cell.angle_gamma   90.00
#
_symmetry.space_group_name_H-M   'P 21 21 21'
#
loop_
_entity.id
_entity.type
_entity.pdbx_description
1 polymer 'FRUCTOSE-BISPHOSPHATE ALDOLASE CLASS I'
2 non-polymer GLYCEROL
3 water water
#
_entity_poly.entity_id   1
_entity_poly.type   'polypeptide(L)'
_entity_poly.pdbx_seq_one_letter_code
;MANLTEKFLRIFARRGKSIILAYDHGIEHGPADFMDNPDSADPEYILRLARDAGFDGVVFQRGIAEKYYDGSVPLILKLN
GKTTLYNGEPVSVANCSVEEAVSLGASAVGYTIYPGSGFEWKMFEELARIKRDAVKFDLPLVVWSYPRGGKVVNETAPEI
VAYAARIALELGADAMKIKYTGDPKTFSWAVKVAGKVPVLMSGGPKTKTEEDFLKQVEGVLEAGALGIAVGRNVWQRRDA
LKFARALAELVYGGKKLAEPLNV
;
_entity_poly.pdbx_strand_id   A,B,C,D,E,F,G,H,I,J
#
# COMPACT_ATOMS: atom_id res chain seq x y z
N ALA A 2 -24.11 -10.43 -6.28
CA ALA A 2 -24.38 -10.41 -4.80
C ALA A 2 -24.56 -11.81 -4.16
N ASN A 3 -25.58 -12.57 -4.58
CA ASN A 3 -25.78 -13.93 -4.06
C ASN A 3 -25.00 -14.99 -4.85
N LEU A 4 -23.96 -15.53 -4.22
CA LEU A 4 -22.98 -16.37 -4.91
C LEU A 4 -23.43 -17.82 -5.07
N THR A 5 -24.15 -18.34 -4.07
CA THR A 5 -24.82 -19.64 -4.24
C THR A 5 -25.74 -19.66 -5.47
N GLU A 6 -26.53 -18.61 -5.64
CA GLU A 6 -27.37 -18.45 -6.82
C GLU A 6 -26.57 -18.41 -8.13
N LYS A 7 -25.47 -17.64 -8.14
CA LYS A 7 -24.59 -17.59 -9.29
C LYS A 7 -24.03 -19.00 -9.59
N PHE A 8 -23.59 -19.71 -8.55
CA PHE A 8 -23.13 -21.07 -8.70
C PHE A 8 -24.20 -21.97 -9.33
N LEU A 9 -25.43 -21.91 -8.80
CA LEU A 9 -26.53 -22.70 -9.33
C LEU A 9 -26.91 -22.38 -10.79
N ARG A 10 -27.10 -21.11 -11.11
CA ARG A 10 -27.18 -20.65 -12.51
C ARG A 10 -26.12 -21.29 -13.45
N ILE A 11 -24.85 -21.27 -13.03
CA ILE A 11 -23.75 -21.70 -13.92
C ILE A 11 -23.54 -23.20 -13.94
N PHE A 12 -23.53 -23.84 -12.76
CA PHE A 12 -23.17 -25.24 -12.58
C PHE A 12 -24.35 -26.19 -12.38
N ALA A 13 -25.58 -25.65 -12.38
CA ALA A 13 -26.75 -26.49 -12.20
C ALA A 13 -27.99 -25.94 -12.93
N ARG A 14 -27.85 -25.54 -14.19
CA ARG A 14 -28.97 -24.98 -14.95
C ARG A 14 -30.17 -25.94 -14.98
N ARG A 15 -29.91 -27.25 -14.93
CA ARG A 15 -30.95 -28.26 -14.99
C ARG A 15 -31.50 -28.62 -13.60
N GLY A 16 -30.99 -27.95 -12.58
CA GLY A 16 -31.48 -28.17 -11.24
C GLY A 16 -30.71 -29.20 -10.44
N LYS A 17 -29.84 -29.95 -11.13
CA LYS A 17 -28.87 -30.83 -10.49
C LYS A 17 -27.55 -30.63 -11.20
N SER A 18 -26.51 -31.28 -10.69
CA SER A 18 -25.18 -30.92 -11.13
C SER A 18 -24.21 -32.10 -11.18
N ILE A 19 -23.43 -32.17 -12.25
CA ILE A 19 -22.27 -33.06 -12.29
C ILE A 19 -21.01 -32.25 -12.61
N ILE A 20 -20.01 -32.38 -11.75
CA ILE A 20 -18.71 -31.73 -11.94
C ILE A 20 -17.67 -32.80 -12.19
N LEU A 21 -16.85 -32.63 -13.24
CA LEU A 21 -15.76 -33.53 -13.52
C LEU A 21 -14.48 -33.06 -12.82
N ALA A 22 -14.10 -33.79 -11.77
CA ALA A 22 -13.02 -33.39 -10.90
C ALA A 22 -11.74 -33.85 -11.51
N TYR A 23 -10.71 -33.00 -11.47
CA TYR A 23 -9.44 -33.33 -12.10
C TYR A 23 -8.25 -32.70 -11.41
N ASP A 24 -8.32 -32.60 -10.10
CA ASP A 24 -7.18 -32.11 -9.34
C ASP A 24 -6.28 -33.26 -8.93
N HIS A 25 -6.55 -34.43 -9.50
CA HIS A 25 -5.93 -35.65 -9.00
C HIS A 25 -4.45 -35.73 -9.21
N GLY A 26 -3.99 -35.13 -10.31
CA GLY A 26 -2.58 -35.06 -10.63
C GLY A 26 -1.66 -34.63 -9.49
N ILE A 27 -2.11 -33.68 -8.67
CA ILE A 27 -1.37 -33.24 -7.53
C ILE A 27 -1.71 -34.03 -6.27
N GLU A 28 -2.99 -34.22 -6.04
CA GLU A 28 -3.48 -34.88 -4.84
C GLU A 28 -3.00 -36.32 -4.71
N HIS A 29 -3.02 -37.08 -5.80
CA HIS A 29 -2.74 -38.52 -5.77
C HIS A 29 -1.59 -38.89 -6.68
N GLY A 30 -1.27 -38.00 -7.60
CA GLY A 30 -0.28 -38.29 -8.60
C GLY A 30 -0.85 -39.02 -9.79
N PRO A 31 0.01 -39.26 -10.78
CA PRO A 31 -0.41 -39.74 -12.10
C PRO A 31 -0.62 -41.25 -12.20
N ALA A 32 -0.33 -42.03 -11.15
CA ALA A 32 -0.48 -43.48 -11.23
C ALA A 32 -1.87 -43.94 -11.68
N ASP A 33 -2.91 -43.31 -11.14
CA ASP A 33 -4.29 -43.65 -11.50
C ASP A 33 -4.51 -43.51 -13.03
N PHE A 34 -3.86 -42.54 -13.66
CA PHE A 34 -4.01 -42.26 -15.09
C PHE A 34 -3.64 -43.47 -15.98
N MET A 35 -2.92 -44.44 -15.43
CA MET A 35 -2.44 -45.58 -16.22
C MET A 35 -3.54 -46.53 -16.75
N ASP A 36 -4.62 -46.68 -15.98
CA ASP A 36 -5.75 -47.54 -16.34
C ASP A 36 -6.41 -47.12 -17.65
N ASN A 37 -6.51 -45.81 -17.88
CA ASN A 37 -7.03 -45.23 -19.11
C ASN A 37 -6.11 -44.04 -19.48
N PRO A 38 -5.02 -44.34 -20.18
CA PRO A 38 -3.92 -43.38 -20.40
C PRO A 38 -4.30 -41.96 -20.89
N ASP A 39 -5.38 -41.85 -21.67
CA ASP A 39 -5.83 -40.55 -22.16
C ASP A 39 -6.20 -39.58 -21.02
N SER A 40 -6.51 -40.13 -19.84
CA SER A 40 -6.92 -39.30 -18.71
C SER A 40 -5.79 -38.40 -18.17
N ALA A 41 -4.55 -38.77 -18.48
CA ALA A 41 -3.39 -37.92 -18.20
C ALA A 41 -3.41 -36.62 -19.03
N ASP A 42 -4.22 -36.60 -20.07
CA ASP A 42 -4.33 -35.46 -20.98
C ASP A 42 -5.52 -34.58 -20.62
N PRO A 43 -5.27 -33.38 -20.14
CA PRO A 43 -6.37 -32.49 -19.73
C PRO A 43 -7.32 -32.11 -20.87
N GLU A 44 -6.82 -32.13 -22.12
CA GLU A 44 -7.62 -31.91 -23.34
C GLU A 44 -8.68 -32.98 -23.52
N TYR A 45 -8.32 -34.22 -23.18
CA TYR A 45 -9.26 -35.33 -23.17
C TYR A 45 -10.35 -35.10 -22.12
N ILE A 46 -9.99 -34.51 -20.99
CA ILE A 46 -10.91 -34.29 -19.88
C ILE A 46 -11.96 -33.22 -20.26
N LEU A 47 -11.50 -32.16 -20.91
CA LEU A 47 -12.39 -31.13 -21.43
C LEU A 47 -13.39 -31.67 -22.47
N ARG A 48 -12.89 -32.46 -23.42
CA ARG A 48 -13.76 -33.11 -24.39
C ARG A 48 -14.78 -34.03 -23.71
N LEU A 49 -14.29 -34.84 -22.79
CA LEU A 49 -15.09 -35.75 -22.02
C LEU A 49 -16.22 -35.02 -21.26
N ALA A 50 -15.87 -33.94 -20.55
CA ALA A 50 -16.86 -33.16 -19.81
C ALA A 50 -17.93 -32.58 -20.73
N ARG A 51 -17.50 -32.05 -21.87
CA ARG A 51 -18.37 -31.40 -22.83
C ARG A 51 -19.27 -32.45 -23.52
N ASP A 52 -18.66 -33.51 -24.01
CA ASP A 52 -19.39 -34.57 -24.73
C ASP A 52 -20.41 -35.27 -23.83
N ALA A 53 -20.14 -35.30 -22.53
CA ALA A 53 -21.07 -35.92 -21.58
C ALA A 53 -22.19 -34.98 -21.14
N GLY A 54 -22.08 -33.71 -21.49
CA GLY A 54 -23.04 -32.70 -21.05
C GLY A 54 -22.90 -32.29 -19.58
N PHE A 55 -21.73 -32.52 -18.99
CA PHE A 55 -21.49 -32.17 -17.59
C PHE A 55 -21.48 -30.63 -17.35
N ASP A 56 -21.52 -30.24 -16.08
CA ASP A 56 -21.65 -28.82 -15.76
C ASP A 56 -20.35 -28.10 -15.59
N GLY A 57 -19.29 -28.84 -15.28
CA GLY A 57 -18.01 -28.20 -15.04
C GLY A 57 -16.87 -29.15 -14.87
N VAL A 58 -15.67 -28.57 -14.77
CA VAL A 58 -14.42 -29.26 -14.48
C VAL A 58 -13.70 -28.53 -13.35
N VAL A 59 -12.90 -29.29 -12.59
CA VAL A 59 -12.09 -28.71 -11.53
C VAL A 59 -10.69 -28.94 -11.95
N PHE A 60 -9.95 -27.84 -12.16
CA PHE A 60 -8.51 -27.84 -12.49
C PHE A 60 -7.69 -27.06 -11.42
N GLN A 61 -6.46 -27.52 -11.16
CA GLN A 61 -5.46 -26.72 -10.52
C GLN A 61 -5.01 -25.64 -11.52
N ARG A 62 -4.50 -24.55 -11.00
CA ARG A 62 -4.13 -23.42 -11.82
C ARG A 62 -3.18 -23.78 -12.99
N GLY A 63 -2.20 -24.65 -12.75
CA GLY A 63 -1.29 -25.04 -13.81
C GLY A 63 -2.00 -25.64 -15.01
N ILE A 64 -2.91 -26.56 -14.74
CA ILE A 64 -3.67 -27.20 -15.79
C ILE A 64 -4.63 -26.20 -16.46
N ALA A 65 -5.24 -25.33 -15.64
CA ALA A 65 -6.14 -24.31 -16.15
C ALA A 65 -5.40 -23.38 -17.11
N GLU A 66 -4.23 -22.94 -16.69
CA GLU A 66 -3.39 -22.02 -17.47
C GLU A 66 -2.97 -22.59 -18.81
N LYS A 67 -2.45 -23.82 -18.81
CA LYS A 67 -1.97 -24.46 -20.03
C LYS A 67 -3.11 -25.07 -20.89
N TYR A 68 -4.21 -25.50 -20.28
CA TYR A 68 -5.23 -26.22 -21.08
C TYR A 68 -6.65 -25.63 -21.19
N TYR A 69 -7.04 -24.76 -20.26
CA TYR A 69 -8.45 -24.36 -20.20
C TYR A 69 -8.83 -23.51 -21.42
N ASP A 70 -9.95 -23.87 -22.05
CA ASP A 70 -10.31 -23.29 -23.35
C ASP A 70 -11.71 -22.70 -23.32
N GLY A 71 -12.30 -22.61 -22.13
CA GLY A 71 -13.59 -21.96 -21.97
C GLY A 71 -14.79 -22.77 -22.42
N SER A 72 -14.58 -24.04 -22.74
CA SER A 72 -15.64 -24.85 -23.39
C SER A 72 -16.58 -25.50 -22.39
N VAL A 73 -16.18 -25.47 -21.11
CA VAL A 73 -16.92 -26.01 -19.98
C VAL A 73 -16.62 -25.12 -18.79
N PRO A 74 -17.63 -24.68 -18.04
CA PRO A 74 -17.37 -23.85 -16.86
C PRO A 74 -16.28 -24.47 -15.98
N LEU A 75 -15.40 -23.63 -15.41
CA LEU A 75 -14.26 -24.06 -14.59
C LEU A 75 -14.36 -23.62 -13.10
N ILE A 76 -14.16 -24.58 -12.21
CA ILE A 76 -13.85 -24.34 -10.83
C ILE A 76 -12.32 -24.46 -10.69
N LEU A 77 -11.68 -23.37 -10.32
CA LEU A 77 -10.23 -23.36 -10.15
C LEU A 77 -9.97 -23.78 -8.70
N LYS A 78 -9.37 -24.97 -8.53
CA LYS A 78 -9.04 -25.51 -7.21
C LYS A 78 -7.77 -24.80 -6.76
N LEU A 79 -7.87 -23.97 -5.72
CA LEU A 79 -6.80 -23.05 -5.30
C LEU A 79 -5.69 -23.67 -4.49
N ASN A 80 -6.03 -24.65 -3.65
CA ASN A 80 -4.98 -25.33 -2.88
C ASN A 80 -4.80 -26.76 -3.30
N GLY A 81 -3.70 -27.36 -2.90
CA GLY A 81 -3.36 -28.73 -3.28
C GLY A 81 -2.24 -29.25 -2.40
N LYS A 82 -2.29 -30.56 -2.13
CA LYS A 82 -1.22 -31.22 -1.38
C LYS A 82 -1.01 -32.61 -2.00
N THR A 83 0.03 -33.31 -1.59
CA THR A 83 0.34 -34.62 -2.18
C THR A 83 0.09 -35.73 -1.17
N THR A 84 -0.04 -36.96 -1.65
CA THR A 84 -0.08 -38.11 -0.73
C THR A 84 1.29 -38.52 -0.21
N LEU A 85 2.37 -37.94 -0.75
CA LEU A 85 3.73 -38.23 -0.29
C LEU A 85 3.99 -37.59 1.07
N TYR A 86 3.23 -36.53 1.34
CA TYR A 86 3.26 -35.78 2.59
C TYR A 86 2.80 -36.63 3.76
N ASN A 87 3.47 -36.48 4.90
CA ASN A 87 3.21 -37.30 6.09
C ASN A 87 2.74 -36.55 7.34
N GLY A 88 2.81 -35.22 7.35
CA GLY A 88 2.48 -34.47 8.57
C GLY A 88 0.99 -34.42 8.87
N GLU A 89 0.60 -33.52 9.79
CA GLU A 89 -0.81 -33.22 10.02
C GLU A 89 -1.34 -32.65 8.70
N PRO A 90 -2.54 -33.09 8.29
CA PRO A 90 -3.09 -32.69 6.98
C PRO A 90 -3.15 -31.17 6.83
N VAL A 91 -2.59 -30.68 5.72
CA VAL A 91 -2.59 -29.27 5.43
C VAL A 91 -2.52 -29.08 3.92
N SER A 92 -3.24 -28.09 3.42
CA SER A 92 -3.20 -27.82 1.99
C SER A 92 -3.28 -26.34 1.80
N VAL A 93 -2.20 -25.74 1.29
CA VAL A 93 -2.16 -24.29 1.10
C VAL A 93 -2.42 -23.89 -0.35
N ALA A 94 -2.97 -22.69 -0.53
CA ALA A 94 -3.19 -22.08 -1.84
C ALA A 94 -1.89 -21.98 -2.65
N ASN A 95 -1.93 -22.45 -3.88
CA ASN A 95 -0.81 -22.24 -4.80
C ASN A 95 -1.21 -21.21 -5.84
N CYS A 96 -2.38 -20.62 -5.65
CA CYS A 96 -2.86 -19.58 -6.55
C CYS A 96 -3.85 -18.66 -5.85
N SER A 97 -4.52 -17.81 -6.63
CA SER A 97 -5.37 -16.78 -6.04
C SER A 97 -6.67 -16.63 -6.81
N VAL A 98 -7.68 -16.07 -6.13
CA VAL A 98 -8.94 -15.78 -6.77
C VAL A 98 -8.73 -14.84 -7.96
N GLU A 99 -7.91 -13.80 -7.80
CA GLU A 99 -7.68 -12.83 -8.86
C GLU A 99 -7.14 -13.46 -10.14
N GLU A 100 -6.20 -14.39 -9.98
CA GLU A 100 -5.64 -15.12 -11.11
C GLU A 100 -6.66 -16.07 -11.72
N ALA A 101 -7.46 -16.73 -10.89
CA ALA A 101 -8.55 -17.59 -11.37
C ALA A 101 -9.50 -16.82 -12.27
N VAL A 102 -9.85 -15.61 -11.84
CA VAL A 102 -10.71 -14.74 -12.62
C VAL A 102 -10.15 -14.56 -14.02
N SER A 103 -8.88 -14.22 -14.11
CA SER A 103 -8.24 -13.91 -15.38
C SER A 103 -8.06 -15.17 -16.24
N LEU A 104 -8.08 -16.34 -15.61
CA LEU A 104 -8.06 -17.59 -16.35
C LEU A 104 -9.47 -18.07 -16.80
N GLY A 105 -10.48 -17.28 -16.53
CA GLY A 105 -11.84 -17.62 -16.94
C GLY A 105 -12.60 -18.53 -16.00
N ALA A 106 -12.15 -18.64 -14.76
CA ALA A 106 -12.87 -19.49 -13.83
C ALA A 106 -14.29 -18.96 -13.55
N SER A 107 -15.22 -19.84 -13.27
CA SER A 107 -16.55 -19.40 -12.85
C SER A 107 -16.77 -19.56 -11.34
N ALA A 108 -15.81 -20.23 -10.68
CA ALA A 108 -15.90 -20.47 -9.23
C ALA A 108 -14.51 -20.85 -8.79
N VAL A 109 -14.28 -20.79 -7.48
CA VAL A 109 -13.01 -21.25 -6.89
C VAL A 109 -13.23 -22.37 -5.85
N GLY A 110 -12.23 -23.22 -5.70
CA GLY A 110 -12.30 -24.32 -4.76
C GLY A 110 -11.16 -24.31 -3.76
N TYR A 111 -11.47 -24.82 -2.57
CA TYR A 111 -10.53 -24.83 -1.49
C TYR A 111 -10.86 -25.99 -0.55
N THR A 112 -9.84 -26.78 -0.20
CA THR A 112 -9.99 -27.88 0.76
C THR A 112 -9.66 -27.43 2.17
N ILE A 113 -10.49 -27.84 3.11
CA ILE A 113 -10.17 -27.73 4.53
C ILE A 113 -10.18 -29.14 5.14
N TYR A 114 -9.31 -29.35 6.12
CA TYR A 114 -9.31 -30.57 6.89
C TYR A 114 -9.66 -30.30 8.37
N PRO A 115 -10.94 -30.14 8.71
CA PRO A 115 -11.33 -29.91 10.10
C PRO A 115 -10.74 -31.00 10.99
N GLY A 116 -10.29 -30.62 12.19
CA GLY A 116 -9.71 -31.57 13.11
C GLY A 116 -8.19 -31.67 13.04
N SER A 117 -7.62 -31.39 11.87
CA SER A 117 -6.18 -31.42 11.69
C SER A 117 -5.48 -30.54 12.69
N GLY A 118 -4.24 -30.91 13.03
CA GLY A 118 -3.38 -30.09 13.87
C GLY A 118 -3.12 -28.77 13.18
N PHE A 119 -3.35 -28.75 11.88
CA PHE A 119 -3.16 -27.53 11.10
C PHE A 119 -4.49 -26.92 10.68
N GLU A 120 -5.58 -27.24 11.38
CA GLU A 120 -6.88 -26.73 10.95
C GLU A 120 -6.87 -25.19 10.89
N TRP A 121 -6.28 -24.57 11.88
CA TRP A 121 -6.19 -23.11 11.92
C TRP A 121 -5.52 -22.51 10.67
N LYS A 122 -4.53 -23.21 10.12
CA LYS A 122 -3.78 -22.68 8.97
C LYS A 122 -4.70 -22.52 7.76
N MET A 123 -5.54 -23.52 7.52
CA MET A 123 -6.51 -23.46 6.46
C MET A 123 -7.68 -22.47 6.66
N PHE A 124 -8.10 -22.31 7.92
CA PHE A 124 -9.18 -21.36 8.27
C PHE A 124 -8.70 -19.92 8.04
N GLU A 125 -7.50 -19.66 8.53
CA GLU A 125 -6.77 -18.41 8.33
C GLU A 125 -6.73 -18.05 6.84
N GLU A 126 -6.29 -19.00 6.02
CA GLU A 126 -6.19 -18.76 4.60
C GLU A 126 -7.58 -18.69 3.90
N LEU A 127 -8.49 -19.59 4.25
CA LEU A 127 -9.89 -19.45 3.81
C LEU A 127 -10.50 -18.04 4.05
N ALA A 128 -10.18 -17.43 5.17
CA ALA A 128 -10.66 -16.07 5.42
C ALA A 128 -10.31 -15.11 4.27
N ARG A 129 -9.04 -15.13 3.83
CA ARG A 129 -8.59 -14.31 2.71
C ARG A 129 -9.28 -14.71 1.41
N ILE A 130 -9.37 -16.01 1.16
CA ILE A 130 -9.91 -16.50 -0.10
C ILE A 130 -11.40 -16.22 -0.22
N LYS A 131 -12.12 -16.40 0.90
CA LYS A 131 -13.54 -16.07 0.96
C LYS A 131 -13.77 -14.58 0.65
N ARG A 132 -12.98 -13.72 1.31
CA ARG A 132 -13.01 -12.30 1.03
C ARG A 132 -12.75 -12.01 -0.44
N ASP A 133 -11.72 -12.61 -1.03
CA ASP A 133 -11.45 -12.45 -2.45
C ASP A 133 -12.57 -12.99 -3.35
N ALA A 134 -13.14 -14.15 -3.00
CA ALA A 134 -14.24 -14.72 -3.74
C ALA A 134 -15.42 -13.73 -3.84
N VAL A 135 -15.78 -13.10 -2.73
CA VAL A 135 -16.85 -12.09 -2.69
C VAL A 135 -16.44 -10.89 -3.56
N LYS A 136 -15.21 -10.43 -3.38
CA LYS A 136 -14.71 -9.27 -4.11
C LYS A 136 -14.74 -9.48 -5.64
N PHE A 137 -14.36 -10.66 -6.11
CA PHE A 137 -14.35 -10.95 -7.53
C PHE A 137 -15.66 -11.61 -8.03
N ASP A 138 -16.65 -11.71 -7.14
CA ASP A 138 -17.95 -12.30 -7.46
C ASP A 138 -17.82 -13.73 -7.99
N LEU A 139 -16.97 -14.53 -7.34
CA LEU A 139 -16.76 -15.92 -7.74
C LEU A 139 -17.20 -16.85 -6.60
N PRO A 140 -18.16 -17.73 -6.83
CA PRO A 140 -18.60 -18.64 -5.77
C PRO A 140 -17.43 -19.45 -5.20
N LEU A 141 -17.46 -19.65 -3.89
CA LEU A 141 -16.47 -20.45 -3.21
C LEU A 141 -17.03 -21.79 -2.96
N VAL A 142 -16.35 -22.81 -3.48
CA VAL A 142 -16.71 -24.22 -3.31
C VAL A 142 -15.74 -24.80 -2.29
N VAL A 143 -16.28 -25.32 -1.19
CA VAL A 143 -15.39 -25.87 -0.16
C VAL A 143 -15.43 -27.41 -0.13
N TRP A 144 -14.26 -28.01 -0.33
CA TRP A 144 -14.10 -29.44 -0.15
C TRP A 144 -13.91 -29.55 1.33
N SER A 145 -14.86 -30.15 2.03
CA SER A 145 -14.79 -30.22 3.49
C SER A 145 -14.49 -31.66 3.95
N TYR A 146 -13.24 -31.89 4.35
CA TYR A 146 -12.74 -33.25 4.60
C TYR A 146 -12.08 -33.38 5.98
N PRO A 147 -12.89 -33.60 7.03
CA PRO A 147 -12.37 -33.80 8.39
C PRO A 147 -11.33 -34.90 8.38
N ARG A 148 -10.16 -34.61 8.94
CA ARG A 148 -9.03 -35.51 8.88
C ARG A 148 -8.00 -35.05 9.87
N GLY A 149 -7.37 -35.99 10.56
CA GLY A 149 -6.45 -35.68 11.64
C GLY A 149 -7.21 -35.53 12.95
N GLY A 150 -6.51 -35.13 14.01
CA GLY A 150 -7.11 -34.97 15.32
C GLY A 150 -7.87 -36.20 15.75
N LYS A 151 -9.15 -36.01 16.08
CA LYS A 151 -10.01 -37.07 16.60
C LYS A 151 -10.70 -37.91 15.50
N VAL A 152 -10.60 -37.49 14.25
CA VAL A 152 -11.25 -38.18 13.15
C VAL A 152 -10.61 -39.56 12.92
N VAL A 153 -11.41 -40.61 13.05
CA VAL A 153 -10.95 -41.97 12.74
C VAL A 153 -11.65 -42.48 11.49
N ASN A 154 -12.98 -42.41 11.49
CA ASN A 154 -13.74 -42.83 10.33
C ASN A 154 -14.30 -41.61 9.59
N GLU A 155 -13.75 -41.35 8.40
CA GLU A 155 -14.12 -40.17 7.63
C GLU A 155 -15.56 -40.18 7.10
N THR A 156 -16.10 -41.37 6.81
CA THR A 156 -17.46 -41.47 6.28
C THR A 156 -18.52 -41.69 7.37
N ALA A 157 -18.10 -41.72 8.63
CA ALA A 157 -19.06 -41.75 9.74
C ALA A 157 -20.10 -40.63 9.58
N PRO A 158 -21.37 -40.94 9.80
CA PRO A 158 -22.44 -39.95 9.63
C PRO A 158 -22.25 -38.67 10.45
N GLU A 159 -21.70 -38.77 11.67
CA GLU A 159 -21.49 -37.58 12.48
C GLU A 159 -20.36 -36.72 11.90
N ILE A 160 -19.37 -37.38 11.29
CA ILE A 160 -18.24 -36.67 10.72
C ILE A 160 -18.59 -35.95 9.41
N VAL A 161 -19.35 -36.62 8.53
CA VAL A 161 -19.80 -35.99 7.30
C VAL A 161 -20.77 -34.84 7.61
N ALA A 162 -21.60 -35.02 8.64
CA ALA A 162 -22.52 -33.96 9.05
C ALA A 162 -21.73 -32.76 9.58
N TYR A 163 -20.69 -33.01 10.36
CA TYR A 163 -19.83 -31.94 10.87
C TYR A 163 -19.17 -31.22 9.68
N ALA A 164 -18.60 -31.99 8.78
CA ALA A 164 -17.99 -31.45 7.56
C ALA A 164 -18.93 -30.46 6.83
N ALA A 165 -20.18 -30.88 6.65
CA ALA A 165 -21.16 -30.08 5.94
C ALA A 165 -21.47 -28.79 6.71
N ARG A 166 -21.62 -28.91 8.03
CA ARG A 166 -21.94 -27.75 8.82
C ARG A 166 -20.78 -26.76 8.81
N ILE A 167 -19.57 -27.27 9.02
CA ILE A 167 -18.38 -26.41 8.99
C ILE A 167 -18.26 -25.61 7.71
N ALA A 168 -18.44 -26.25 6.56
CA ALA A 168 -18.44 -25.54 5.29
C ALA A 168 -19.44 -24.38 5.28
N LEU A 169 -20.66 -24.64 5.74
CA LEU A 169 -21.65 -23.58 5.81
C LEU A 169 -21.20 -22.41 6.71
N GLU A 170 -20.73 -22.77 7.90
CA GLU A 170 -20.31 -21.78 8.88
C GLU A 170 -19.22 -20.88 8.32
N LEU A 171 -18.29 -21.47 7.55
CA LEU A 171 -17.10 -20.75 7.08
C LEU A 171 -17.31 -19.95 5.81
N GLY A 172 -18.47 -20.11 5.17
CA GLY A 172 -18.85 -19.23 4.08
C GLY A 172 -18.92 -19.87 2.71
N ALA A 173 -18.85 -21.21 2.65
CA ALA A 173 -19.01 -21.92 1.39
C ALA A 173 -20.32 -21.55 0.66
N ASP A 174 -20.26 -21.39 -0.66
CA ASP A 174 -21.44 -21.12 -1.44
C ASP A 174 -21.93 -22.40 -2.06
N ALA A 175 -21.05 -23.38 -2.08
CA ALA A 175 -21.39 -24.76 -2.46
C ALA A 175 -20.35 -25.62 -1.75
N MET A 176 -20.65 -26.89 -1.52
CA MET A 176 -19.67 -27.74 -0.85
C MET A 176 -19.60 -29.12 -1.46
N LYS A 177 -18.54 -29.83 -1.10
CA LYS A 177 -18.23 -31.14 -1.61
C LYS A 177 -17.81 -31.95 -0.40
N ILE A 178 -18.51 -33.05 -0.17
CA ILE A 178 -18.27 -33.88 1.03
C ILE A 178 -18.36 -35.37 0.68
N LYS A 179 -17.78 -36.22 1.51
CA LYS A 179 -17.85 -37.66 1.31
C LYS A 179 -19.23 -38.22 1.64
N TYR A 180 -19.59 -39.28 0.93
CA TYR A 180 -20.86 -39.98 1.13
C TYR A 180 -20.78 -40.83 2.40
N THR A 181 -21.89 -40.94 3.12
CA THR A 181 -21.96 -41.78 4.32
C THR A 181 -22.14 -43.28 4.02
N GLY A 182 -22.56 -43.60 2.80
CA GLY A 182 -22.87 -44.98 2.45
C GLY A 182 -24.36 -45.23 2.38
N ASP A 183 -25.16 -44.40 3.03
CA ASP A 183 -26.61 -44.54 2.99
C ASP A 183 -27.33 -43.19 2.98
N PRO A 184 -28.42 -43.11 2.23
CA PRO A 184 -29.15 -41.85 2.06
C PRO A 184 -29.80 -41.24 3.30
N LYS A 185 -30.12 -42.03 4.32
CA LYS A 185 -30.75 -41.46 5.53
C LYS A 185 -29.80 -40.60 6.34
N THR A 186 -28.58 -41.09 6.58
CA THR A 186 -27.56 -40.29 7.28
C THR A 186 -27.01 -39.16 6.42
N PHE A 187 -26.89 -39.40 5.11
CA PHE A 187 -26.39 -38.36 4.23
C PHE A 187 -27.36 -37.17 4.14
N SER A 188 -28.65 -37.45 4.25
CA SER A 188 -29.62 -36.36 4.21
C SER A 188 -29.57 -35.47 5.46
N TRP A 189 -29.11 -36.00 6.61
CA TRP A 189 -28.85 -35.15 7.77
C TRP A 189 -27.71 -34.17 7.46
N ALA A 190 -26.66 -34.65 6.78
CA ALA A 190 -25.58 -33.77 6.33
C ALA A 190 -26.13 -32.69 5.41
N VAL A 191 -26.96 -33.09 4.45
CA VAL A 191 -27.58 -32.16 3.51
C VAL A 191 -28.47 -31.11 4.24
N LYS A 192 -29.26 -31.57 5.21
CA LYS A 192 -30.09 -30.68 6.03
C LYS A 192 -29.28 -29.62 6.80
N VAL A 193 -28.22 -30.02 7.52
CA VAL A 193 -27.41 -29.07 8.31
C VAL A 193 -26.62 -28.07 7.44
N ALA A 194 -26.44 -28.41 6.16
CA ALA A 194 -25.85 -27.51 5.16
C ALA A 194 -26.79 -26.36 4.78
N GLY A 195 -28.06 -26.48 5.11
CA GLY A 195 -29.04 -25.43 4.88
C GLY A 195 -29.15 -24.98 3.43
N LYS A 196 -29.10 -23.68 3.22
CA LYS A 196 -29.15 -23.09 1.90
C LYS A 196 -27.97 -23.46 0.98
N VAL A 197 -26.89 -24.02 1.52
CA VAL A 197 -25.70 -24.29 0.70
C VAL A 197 -25.75 -25.68 0.05
N PRO A 198 -25.74 -25.72 -1.28
CA PRO A 198 -25.83 -27.01 -2.01
C PRO A 198 -24.64 -27.94 -1.71
N VAL A 199 -24.96 -29.23 -1.65
CA VAL A 199 -23.99 -30.29 -1.39
C VAL A 199 -23.73 -31.19 -2.63
N LEU A 200 -22.48 -31.26 -3.05
CA LEU A 200 -22.07 -32.26 -4.05
C LEU A 200 -21.35 -33.40 -3.39
N MET A 201 -21.66 -34.63 -3.78
CA MET A 201 -20.97 -35.82 -3.30
C MET A 201 -19.58 -35.91 -3.91
N SER A 202 -18.58 -36.13 -3.07
CA SER A 202 -17.23 -36.42 -3.54
C SER A 202 -17.19 -37.85 -4.08
N GLY A 203 -16.85 -38.01 -5.37
CA GLY A 203 -16.97 -39.28 -6.08
C GLY A 203 -16.19 -40.43 -5.45
N GLY A 204 -14.90 -40.19 -5.20
CA GLY A 204 -14.03 -41.16 -4.53
C GLY A 204 -13.32 -42.16 -5.43
N PRO A 205 -12.73 -43.20 -4.82
CA PRO A 205 -12.04 -44.28 -5.56
C PRO A 205 -12.97 -45.11 -6.44
N LYS A 206 -12.43 -45.66 -7.53
CA LYS A 206 -13.19 -46.44 -8.51
C LYS A 206 -13.90 -47.65 -7.89
N THR A 207 -15.19 -47.78 -8.18
CA THR A 207 -16.01 -48.87 -7.63
C THR A 207 -15.86 -50.15 -8.45
N LYS A 208 -15.93 -51.29 -7.75
CA LYS A 208 -15.79 -52.59 -8.40
C LYS A 208 -16.58 -52.65 -9.73
N THR A 209 -17.82 -52.15 -9.73
CA THR A 209 -18.64 -52.11 -10.93
C THR A 209 -19.21 -50.71 -11.20
N GLU A 210 -19.57 -50.47 -12.47
CA GLU A 210 -20.22 -49.23 -12.90
C GLU A 210 -21.50 -48.99 -12.10
N GLU A 211 -22.29 -50.05 -11.94
CA GLU A 211 -23.58 -49.99 -11.24
C GLU A 211 -23.49 -49.81 -9.70
N ASP A 212 -22.36 -50.20 -9.10
CA ASP A 212 -22.13 -49.94 -7.67
C ASP A 212 -22.18 -48.44 -7.39
N PHE A 213 -21.51 -47.70 -8.29
CA PHE A 213 -21.39 -46.25 -8.24
C PHE A 213 -22.71 -45.59 -8.57
N LEU A 214 -23.44 -46.13 -9.57
CA LEU A 214 -24.78 -45.59 -9.88
C LEU A 214 -25.70 -45.66 -8.66
N LYS A 215 -25.61 -46.76 -7.91
CA LYS A 215 -26.41 -46.94 -6.70
C LYS A 215 -26.08 -45.89 -5.63
N GLN A 216 -24.80 -45.53 -5.57
CA GLN A 216 -24.36 -44.54 -4.62
C GLN A 216 -24.99 -43.23 -5.02
N VAL A 217 -24.94 -42.90 -6.31
CA VAL A 217 -25.42 -41.61 -6.80
C VAL A 217 -26.91 -41.47 -6.52
N GLU A 218 -27.66 -42.48 -6.95
CA GLU A 218 -29.07 -42.71 -6.57
C GLU A 218 -29.36 -42.31 -5.13
N GLY A 219 -28.67 -42.92 -4.16
CA GLY A 219 -28.85 -42.56 -2.77
C GLY A 219 -28.55 -41.10 -2.48
N VAL A 220 -27.43 -40.61 -3.03
CA VAL A 220 -27.04 -39.20 -2.93
C VAL A 220 -28.20 -38.27 -3.40
N LEU A 221 -28.81 -38.61 -4.55
CA LEU A 221 -29.94 -37.80 -5.03
C LEU A 221 -31.18 -37.90 -4.09
N GLU A 222 -31.36 -39.06 -3.49
CA GLU A 222 -32.47 -39.33 -2.60
C GLU A 222 -32.36 -38.46 -1.36
N ALA A 223 -31.14 -38.20 -0.96
CA ALA A 223 -30.85 -37.43 0.24
C ALA A 223 -31.06 -35.94 0.04
N GLY A 224 -31.13 -35.49 -1.21
CA GLY A 224 -31.39 -34.08 -1.53
C GLY A 224 -30.15 -33.28 -1.92
N ALA A 225 -29.05 -33.97 -2.18
CA ALA A 225 -27.85 -33.34 -2.66
C ALA A 225 -28.08 -32.75 -4.05
N LEU A 226 -27.29 -31.74 -4.39
CA LEU A 226 -27.35 -31.11 -5.71
C LEU A 226 -26.76 -32.02 -6.81
N GLY A 227 -25.94 -33.00 -6.43
CA GLY A 227 -25.32 -33.88 -7.39
C GLY A 227 -23.96 -34.40 -6.98
N ILE A 228 -23.07 -34.53 -7.95
CA ILE A 228 -21.81 -35.21 -7.73
C ILE A 228 -20.61 -34.46 -8.34
N ALA A 229 -19.47 -34.55 -7.68
CA ALA A 229 -18.24 -34.12 -8.29
C ALA A 229 -17.44 -35.40 -8.46
N VAL A 230 -17.40 -35.89 -9.69
CA VAL A 230 -16.83 -37.19 -9.97
C VAL A 230 -15.50 -37.06 -10.74
N GLY A 231 -14.53 -37.88 -10.39
CA GLY A 231 -13.23 -37.88 -11.04
C GLY A 231 -12.88 -39.24 -11.60
N ARG A 232 -12.04 -39.98 -10.87
CA ARG A 232 -11.70 -41.38 -11.14
C ARG A 232 -12.83 -42.25 -11.73
N ASN A 233 -13.98 -42.28 -11.06
CA ASN A 233 -15.10 -43.16 -11.43
C ASN A 233 -15.64 -42.92 -12.84
N VAL A 234 -15.31 -41.76 -13.42
CA VAL A 234 -15.49 -41.52 -14.85
C VAL A 234 -14.16 -41.78 -15.57
N TRP A 235 -13.19 -40.88 -15.41
CA TRP A 235 -12.04 -40.90 -16.30
C TRP A 235 -11.01 -42.05 -16.14
N GLN A 236 -11.11 -42.83 -15.07
CA GLN A 236 -10.28 -44.03 -14.89
C GLN A 236 -10.81 -45.23 -15.69
N ARG A 237 -12.06 -45.12 -16.15
CA ARG A 237 -12.73 -46.14 -16.96
C ARG A 237 -12.45 -45.99 -18.46
N ARG A 238 -12.24 -47.10 -19.14
CA ARG A 238 -11.94 -47.07 -20.53
C ARG A 238 -13.12 -46.53 -21.36
N ASP A 239 -14.33 -46.82 -20.89
CA ASP A 239 -15.58 -46.38 -21.51
C ASP A 239 -16.17 -45.10 -20.86
N ALA A 240 -15.33 -44.09 -20.68
CA ALA A 240 -15.64 -42.94 -19.83
C ALA A 240 -16.83 -42.16 -20.30
N LEU A 241 -16.97 -41.98 -21.60
CA LEU A 241 -18.12 -41.25 -22.13
C LEU A 241 -19.46 -41.95 -21.96
N LYS A 242 -19.50 -43.26 -22.26
CA LYS A 242 -20.73 -44.04 -22.12
C LYS A 242 -21.18 -43.96 -20.67
N PHE A 243 -20.27 -44.28 -19.76
CA PHE A 243 -20.59 -44.22 -18.35
C PHE A 243 -20.90 -42.80 -17.85
N ALA A 244 -20.19 -41.80 -18.34
CA ALA A 244 -20.52 -40.41 -18.02
C ALA A 244 -21.94 -40.10 -18.44
N ARG A 245 -22.28 -40.60 -19.62
CA ARG A 245 -23.56 -40.34 -20.20
C ARG A 245 -24.59 -41.06 -19.38
N ALA A 246 -24.22 -42.21 -18.83
CA ALA A 246 -25.13 -42.91 -17.89
C ALA A 246 -25.43 -42.03 -16.67
N LEU A 247 -24.37 -41.53 -15.98
CA LEU A 247 -24.54 -40.65 -14.83
C LEU A 247 -25.43 -39.47 -15.18
N ALA A 248 -25.15 -38.84 -16.32
CA ALA A 248 -25.99 -37.77 -16.87
C ALA A 248 -27.48 -38.08 -16.99
N GLU A 249 -27.81 -39.30 -17.38
CA GLU A 249 -29.21 -39.73 -17.47
C GLU A 249 -29.80 -39.87 -16.08
N LEU A 250 -29.03 -40.47 -15.18
CA LEU A 250 -29.45 -40.59 -13.78
C LEU A 250 -29.64 -39.21 -13.10
N VAL A 251 -28.59 -38.40 -13.08
CA VAL A 251 -28.60 -37.14 -12.34
C VAL A 251 -29.59 -36.13 -12.92
N TYR A 252 -29.54 -35.90 -14.23
CA TYR A 252 -30.47 -34.91 -14.82
C TYR A 252 -31.85 -35.51 -14.99
N GLY A 253 -31.97 -36.78 -14.59
CA GLY A 253 -33.11 -37.62 -14.82
C GLY A 253 -33.89 -37.15 -16.03
N GLY A 254 -35.05 -36.56 -15.74
CA GLY A 254 -35.91 -35.93 -16.74
C GLY A 254 -37.25 -36.60 -16.93
N LYS A 255 -37.62 -37.54 -16.04
CA LYS A 255 -38.94 -38.20 -16.08
C LYS A 255 -40.12 -37.22 -15.91
N ALA B 2 2.72 -13.45 -23.29
CA ALA B 2 1.54 -14.28 -22.83
C ALA B 2 1.86 -15.77 -22.56
N ASN B 3 2.27 -16.51 -23.60
CA ASN B 3 2.66 -17.92 -23.42
C ASN B 3 4.13 -18.09 -23.04
N LEU B 4 4.35 -18.46 -21.77
CA LEU B 4 5.69 -18.48 -21.18
C LEU B 4 6.51 -19.71 -21.49
N THR B 5 5.86 -20.86 -21.64
CA THR B 5 6.51 -22.05 -22.17
C THR B 5 7.09 -21.75 -23.56
N GLU B 6 6.32 -21.10 -24.40
CA GLU B 6 6.78 -20.70 -25.74
C GLU B 6 7.99 -19.75 -25.70
N LYS B 7 7.93 -18.76 -24.80
CA LYS B 7 9.03 -17.84 -24.57
C LYS B 7 10.27 -18.60 -24.12
N PHE B 8 10.11 -19.52 -23.17
CA PHE B 8 11.21 -20.39 -22.73
C PHE B 8 11.85 -21.16 -23.90
N LEU B 9 11.02 -21.81 -24.72
CA LEU B 9 11.51 -22.55 -25.90
C LEU B 9 12.27 -21.68 -26.93
N ARG B 10 11.73 -20.52 -27.29
CA ARG B 10 12.44 -19.55 -28.14
C ARG B 10 13.84 -19.26 -27.62
N ILE B 11 13.93 -18.99 -26.31
CA ILE B 11 15.18 -18.52 -25.73
C ILE B 11 16.14 -19.67 -25.42
N PHE B 12 15.63 -20.76 -24.86
CA PHE B 12 16.48 -21.85 -24.33
C PHE B 12 16.47 -23.13 -25.18
N ALA B 13 15.76 -23.11 -26.30
CA ALA B 13 15.72 -24.27 -27.17
C ALA B 13 15.48 -23.89 -28.64
N ARG B 14 16.19 -22.88 -29.14
CA ARG B 14 16.05 -22.45 -30.53
C ARG B 14 16.25 -23.61 -31.53
N ARG B 15 17.08 -24.58 -31.17
CA ARG B 15 17.38 -25.70 -32.04
C ARG B 15 16.40 -26.87 -31.83
N GLY B 16 15.41 -26.67 -30.96
CA GLY B 16 14.40 -27.68 -30.71
C GLY B 16 14.74 -28.64 -29.57
N LYS B 17 15.99 -28.60 -29.12
CA LYS B 17 16.41 -29.26 -27.89
C LYS B 17 17.28 -28.28 -27.10
N SER B 18 17.64 -28.65 -25.86
CA SER B 18 18.15 -27.69 -24.91
C SER B 18 19.20 -28.29 -23.98
N ILE B 19 20.27 -27.53 -23.76
CA ILE B 19 21.27 -27.85 -22.75
C ILE B 19 21.50 -26.63 -21.88
N ILE B 20 21.24 -26.81 -20.58
CA ILE B 20 21.43 -25.77 -19.59
C ILE B 20 22.64 -26.16 -18.73
N LEU B 21 23.57 -25.22 -18.57
CA LEU B 21 24.67 -25.44 -17.65
C LEU B 21 24.27 -24.98 -16.24
N ALA B 22 24.03 -25.95 -15.37
CA ALA B 22 23.58 -25.70 -14.01
C ALA B 22 24.75 -25.28 -13.13
N TYR B 23 24.57 -24.25 -12.30
CA TYR B 23 25.67 -23.77 -11.46
C TYR B 23 25.20 -23.19 -10.12
N ASP B 24 24.18 -23.80 -9.55
CA ASP B 24 23.73 -23.42 -8.22
C ASP B 24 24.44 -24.24 -7.13
N HIS B 25 25.37 -25.09 -7.56
CA HIS B 25 26.09 -26.05 -6.73
C HIS B 25 26.73 -25.41 -5.49
N GLY B 26 27.23 -24.19 -5.67
CA GLY B 26 27.98 -23.49 -4.63
C GLY B 26 27.23 -23.40 -3.31
N ILE B 27 25.92 -23.19 -3.38
CA ILE B 27 25.09 -23.16 -2.19
C ILE B 27 24.53 -24.56 -1.84
N GLU B 28 24.04 -25.27 -2.85
CA GLU B 28 23.38 -26.56 -2.64
C GLU B 28 24.31 -27.62 -2.02
N HIS B 29 25.55 -27.69 -2.50
CA HIS B 29 26.45 -28.76 -2.11
C HIS B 29 27.73 -28.17 -1.51
N GLY B 30 27.99 -26.91 -1.81
CA GLY B 30 29.21 -26.27 -1.38
C GLY B 30 30.36 -26.49 -2.35
N PRO B 31 31.51 -25.90 -2.06
CA PRO B 31 32.59 -25.77 -3.03
C PRO B 31 33.52 -26.98 -3.13
N ALA B 32 33.31 -28.04 -2.34
CA ALA B 32 34.19 -29.22 -2.36
C ALA B 32 34.35 -29.84 -3.76
N ASP B 33 33.25 -29.98 -4.50
CA ASP B 33 33.31 -30.55 -5.84
C ASP B 33 34.11 -29.69 -6.85
N PHE B 34 34.25 -28.41 -6.56
CA PHE B 34 35.05 -27.53 -7.40
C PHE B 34 36.54 -27.91 -7.40
N MET B 35 36.95 -28.76 -6.46
CA MET B 35 38.37 -29.09 -6.31
C MET B 35 38.94 -29.98 -7.42
N ASP B 36 38.09 -30.85 -7.99
CA ASP B 36 38.49 -31.73 -9.09
C ASP B 36 38.98 -30.98 -10.34
N ASN B 37 38.31 -29.87 -10.64
CA ASN B 37 38.66 -28.95 -11.73
C ASN B 37 38.56 -27.49 -11.21
N PRO B 38 39.63 -27.01 -10.57
CA PRO B 38 39.60 -25.76 -9.78
C PRO B 38 38.98 -24.52 -10.46
N ASP B 39 39.07 -24.42 -11.78
CA ASP B 39 38.54 -23.29 -12.52
C ASP B 39 37.00 -23.21 -12.39
N SER B 40 36.38 -24.33 -12.05
CA SER B 40 34.93 -24.41 -11.91
C SER B 40 34.40 -23.54 -10.76
N ALA B 41 35.25 -23.26 -9.78
CA ALA B 41 34.90 -22.32 -8.70
C ALA B 41 34.72 -20.88 -9.21
N ASP B 42 35.23 -20.61 -10.40
CA ASP B 42 35.15 -19.29 -11.02
C ASP B 42 33.94 -19.21 -11.98
N PRO B 43 32.94 -18.39 -11.63
CA PRO B 43 31.74 -18.27 -12.47
C PRO B 43 32.05 -17.74 -13.88
N GLU B 44 33.11 -16.95 -14.02
CA GLU B 44 33.56 -16.45 -15.33
C GLU B 44 33.94 -17.59 -16.26
N TYR B 45 34.56 -18.62 -15.68
CA TYR B 45 34.93 -19.83 -16.42
C TYR B 45 33.69 -20.54 -16.90
N ILE B 46 32.64 -20.55 -16.06
CA ILE B 46 31.38 -21.22 -16.37
C ILE B 46 30.69 -20.53 -17.54
N LEU B 47 30.67 -19.20 -17.52
CA LEU B 47 30.10 -18.45 -18.63
C LEU B 47 30.82 -18.72 -19.96
N ARG B 48 32.16 -18.67 -19.94
CA ARG B 48 32.99 -19.01 -21.11
C ARG B 48 32.70 -20.42 -21.60
N LEU B 49 32.61 -21.35 -20.67
CA LEU B 49 32.37 -22.75 -20.95
C LEU B 49 31.01 -22.93 -21.63
N ALA B 50 29.97 -22.30 -21.09
CA ALA B 50 28.63 -22.41 -21.65
C ALA B 50 28.58 -21.85 -23.08
N ARG B 51 29.25 -20.73 -23.27
CA ARG B 51 29.25 -20.01 -24.55
C ARG B 51 30.05 -20.80 -25.60
N ASP B 52 31.26 -21.21 -25.22
CA ASP B 52 32.14 -21.95 -26.13
C ASP B 52 31.54 -23.30 -26.54
N ALA B 53 30.74 -23.90 -25.67
CA ALA B 53 30.10 -25.19 -25.97
C ALA B 53 28.83 -25.03 -26.78
N GLY B 54 28.38 -23.79 -26.97
CA GLY B 54 27.12 -23.52 -27.67
C GLY B 54 25.84 -23.85 -26.87
N PHE B 55 25.96 -23.96 -25.54
CA PHE B 55 24.81 -24.28 -24.69
C PHE B 55 23.75 -23.19 -24.71
N ASP B 56 22.58 -23.49 -24.18
CA ASP B 56 21.45 -22.55 -24.23
C ASP B 56 21.32 -21.63 -23.05
N GLY B 57 21.89 -22.00 -21.91
CA GLY B 57 21.78 -21.16 -20.74
C GLY B 57 22.63 -21.62 -19.59
N VAL B 58 22.65 -20.78 -18.56
CA VAL B 58 23.26 -21.07 -17.27
C VAL B 58 22.24 -20.81 -16.15
N VAL B 59 22.42 -21.50 -15.04
CA VAL B 59 21.59 -21.29 -13.84
C VAL B 59 22.52 -20.77 -12.77
N PHE B 60 22.23 -19.55 -12.30
CA PHE B 60 22.98 -18.88 -11.24
C PHE B 60 22.00 -18.53 -10.09
N GLN B 61 22.53 -18.59 -8.86
CA GLN B 61 21.92 -17.91 -7.73
C GLN B 61 22.15 -16.41 -7.90
N ARG B 62 21.29 -15.63 -7.29
CA ARG B 62 21.34 -14.19 -7.45
C ARG B 62 22.73 -13.58 -7.16
N GLY B 63 23.41 -14.03 -6.10
CA GLY B 63 24.73 -13.50 -5.78
C GLY B 63 25.74 -13.63 -6.91
N ILE B 64 25.80 -14.81 -7.50
CA ILE B 64 26.65 -15.07 -8.64
C ILE B 64 26.19 -14.27 -9.86
N ALA B 65 24.89 -14.21 -10.08
CA ALA B 65 24.36 -13.45 -11.21
C ALA B 65 24.75 -11.97 -11.08
N GLU B 66 24.56 -11.42 -9.90
CA GLU B 66 24.87 -10.04 -9.61
C GLU B 66 26.32 -9.67 -9.81
N LYS B 67 27.21 -10.52 -9.30
CA LYS B 67 28.63 -10.24 -9.42
C LYS B 67 29.28 -10.65 -10.73
N TYR B 68 28.70 -11.63 -11.43
CA TYR B 68 29.36 -12.18 -12.63
C TYR B 68 28.59 -12.16 -13.96
N TYR B 69 27.26 -12.13 -13.92
CA TYR B 69 26.52 -12.29 -15.17
C TYR B 69 26.80 -11.12 -16.14
N ASP B 70 27.13 -11.46 -17.39
CA ASP B 70 27.53 -10.49 -18.38
C ASP B 70 26.65 -10.51 -19.63
N GLY B 71 25.51 -11.19 -19.57
CA GLY B 71 24.59 -11.22 -20.70
C GLY B 71 25.00 -12.07 -21.89
N SER B 72 26.06 -12.87 -21.74
CA SER B 72 26.65 -13.56 -22.89
C SER B 72 25.99 -14.89 -23.19
N VAL B 73 25.22 -15.38 -22.21
CA VAL B 73 24.45 -16.64 -22.33
C VAL B 73 23.14 -16.40 -21.56
N PRO B 74 22.00 -16.80 -22.12
CA PRO B 74 20.71 -16.65 -21.40
C PRO B 74 20.78 -17.20 -19.98
N LEU B 75 20.20 -16.48 -19.01
CA LEU B 75 20.28 -16.81 -17.59
C LEU B 75 18.94 -17.27 -17.04
N ILE B 76 18.97 -18.38 -16.32
CA ILE B 76 17.90 -18.77 -15.42
C ILE B 76 18.39 -18.40 -14.01
N LEU B 77 17.69 -17.50 -13.35
CA LEU B 77 18.05 -17.10 -11.98
C LEU B 77 17.32 -18.04 -11.02
N LYS B 78 18.10 -18.86 -10.32
CA LYS B 78 17.55 -19.83 -9.36
C LYS B 78 17.25 -19.04 -8.10
N LEU B 79 15.97 -18.96 -7.74
CA LEU B 79 15.50 -18.03 -6.69
C LEU B 79 15.66 -18.53 -5.27
N ASN B 80 15.53 -19.85 -5.07
CA ASN B 80 15.76 -20.42 -3.76
C ASN B 80 17.01 -21.28 -3.72
N GLY B 81 17.48 -21.54 -2.51
CA GLY B 81 18.62 -22.41 -2.30
C GLY B 81 18.68 -22.85 -0.86
N LYS B 82 19.23 -24.02 -0.62
CA LYS B 82 19.46 -24.55 0.73
C LYS B 82 20.81 -25.24 0.74
N THR B 83 21.29 -25.67 1.90
CA THR B 83 22.59 -26.33 2.00
C THR B 83 22.43 -27.79 2.38
N THR B 84 23.47 -28.59 2.11
CA THR B 84 23.52 -29.97 2.62
C THR B 84 23.82 -30.07 4.12
N LEU B 85 24.23 -28.97 4.72
CA LEU B 85 24.54 -28.98 6.14
C LEU B 85 23.23 -29.07 6.93
N TYR B 86 22.15 -28.61 6.29
CA TYR B 86 20.82 -28.62 6.86
C TYR B 86 20.30 -30.05 7.10
N ASN B 87 19.66 -30.26 8.24
CA ASN B 87 19.20 -31.59 8.65
C ASN B 87 17.69 -31.75 8.82
N GLY B 88 16.91 -30.67 8.80
CA GLY B 88 15.47 -30.83 8.96
C GLY B 88 14.71 -31.48 7.80
N GLU B 89 13.38 -31.36 7.84
CA GLU B 89 12.53 -31.69 6.70
C GLU B 89 12.99 -30.78 5.57
N PRO B 90 13.11 -31.30 4.35
CA PRO B 90 13.66 -30.53 3.22
C PRO B 90 12.85 -29.27 2.95
N VAL B 91 13.54 -28.14 2.90
CA VAL B 91 12.91 -26.86 2.62
C VAL B 91 13.92 -25.93 1.96
N SER B 92 13.46 -25.15 0.99
CA SER B 92 14.32 -24.20 0.32
C SER B 92 13.54 -22.94 0.05
N VAL B 93 13.96 -21.83 0.64
CA VAL B 93 13.20 -20.60 0.49
C VAL B 93 13.92 -19.64 -0.42
N ALA B 94 13.15 -18.75 -1.04
CA ALA B 94 13.65 -17.74 -1.95
C ALA B 94 14.62 -16.79 -1.23
N ASN B 95 15.80 -16.59 -1.81
CA ASN B 95 16.70 -15.57 -1.28
C ASN B 95 16.70 -14.35 -2.20
N CYS B 96 15.79 -14.38 -3.17
CA CYS B 96 15.65 -13.29 -4.12
C CYS B 96 14.24 -13.26 -4.73
N SER B 97 14.08 -12.47 -5.78
CA SER B 97 12.75 -12.18 -6.30
C SER B 97 12.79 -12.13 -7.82
N VAL B 98 11.62 -12.32 -8.42
CA VAL B 98 11.47 -12.22 -9.85
C VAL B 98 11.86 -10.84 -10.33
N GLU B 99 11.41 -9.80 -9.61
CA GLU B 99 11.63 -8.42 -10.02
C GLU B 99 13.13 -8.10 -10.10
N GLU B 100 13.89 -8.61 -9.11
CA GLU B 100 15.33 -8.43 -9.09
C GLU B 100 16.00 -9.23 -10.19
N ALA B 101 15.49 -10.45 -10.45
CA ALA B 101 16.02 -11.28 -11.56
C ALA B 101 15.88 -10.55 -12.88
N VAL B 102 14.77 -9.85 -13.05
CA VAL B 102 14.51 -9.12 -14.28
C VAL B 102 15.59 -8.09 -14.47
N SER B 103 15.88 -7.33 -13.42
CA SER B 103 16.83 -6.24 -13.49
C SER B 103 18.27 -6.75 -13.62
N LEU B 104 18.53 -8.00 -13.26
CA LEU B 104 19.83 -8.64 -13.51
C LEU B 104 19.95 -9.25 -14.91
N GLY B 105 18.91 -9.14 -15.73
CA GLY B 105 18.96 -9.66 -17.09
C GLY B 105 18.61 -11.12 -17.24
N ALA B 106 17.90 -11.69 -16.28
CA ALA B 106 17.49 -13.09 -16.38
C ALA B 106 16.45 -13.27 -17.49
N SER B 107 16.48 -14.42 -18.15
CA SER B 107 15.45 -14.75 -19.13
C SER B 107 14.39 -15.71 -18.59
N ALA B 108 14.63 -16.23 -17.38
CA ALA B 108 13.71 -17.16 -16.74
C ALA B 108 14.05 -17.23 -15.26
N VAL B 109 13.14 -17.76 -14.45
CA VAL B 109 13.44 -17.94 -13.01
C VAL B 109 13.30 -19.40 -12.61
N GLY B 110 14.03 -19.81 -11.58
CA GLY B 110 14.02 -21.19 -11.14
C GLY B 110 13.60 -21.32 -9.68
N TYR B 111 12.89 -22.40 -9.38
CA TYR B 111 12.47 -22.64 -8.01
C TYR B 111 12.39 -24.14 -7.73
N THR B 112 12.96 -24.56 -6.61
CA THR B 112 12.89 -25.97 -6.22
C THR B 112 11.70 -26.22 -5.30
N ILE B 113 10.98 -27.30 -5.54
CA ILE B 113 10.03 -27.79 -4.56
C ILE B 113 10.43 -29.20 -4.19
N TYR B 114 10.10 -29.60 -2.97
CA TYR B 114 10.29 -30.96 -2.47
C TYR B 114 8.95 -31.57 -2.06
N PRO B 115 8.18 -32.05 -3.03
CA PRO B 115 6.89 -32.68 -2.73
C PRO B 115 7.08 -33.80 -1.71
N GLY B 116 6.16 -33.91 -0.75
CA GLY B 116 6.27 -34.94 0.27
C GLY B 116 6.90 -34.47 1.55
N SER B 117 7.78 -33.47 1.47
CA SER B 117 8.43 -32.93 2.66
C SER B 117 7.39 -32.49 3.69
N GLY B 118 7.79 -32.52 4.97
CA GLY B 118 6.96 -31.99 6.04
C GLY B 118 6.75 -30.49 5.87
N PHE B 119 7.58 -29.87 5.04
CA PHE B 119 7.52 -28.45 4.72
C PHE B 119 6.99 -28.20 3.30
N GLU B 120 6.34 -29.19 2.70
CA GLU B 120 5.91 -29.06 1.30
C GLU B 120 5.00 -27.81 1.14
N TRP B 121 4.10 -27.62 2.10
CA TRP B 121 3.26 -26.43 2.12
C TRP B 121 4.03 -25.10 2.06
N LYS B 122 5.20 -25.04 2.68
CA LYS B 122 5.96 -23.78 2.75
C LYS B 122 6.41 -23.39 1.35
N MET B 123 6.91 -24.37 0.60
CA MET B 123 7.32 -24.10 -0.76
C MET B 123 6.16 -23.83 -1.74
N PHE B 124 4.99 -24.44 -1.50
CA PHE B 124 3.83 -24.23 -2.39
C PHE B 124 3.31 -22.80 -2.22
N GLU B 125 3.25 -22.39 -0.95
CA GLU B 125 2.87 -21.07 -0.52
C GLU B 125 3.74 -20.05 -1.23
N GLU B 126 5.04 -20.28 -1.16
CA GLU B 126 5.96 -19.33 -1.75
C GLU B 126 5.89 -19.39 -3.29
N LEU B 127 5.84 -20.60 -3.85
CA LEU B 127 5.67 -20.75 -5.27
C LEU B 127 4.49 -19.93 -5.82
N ALA B 128 3.39 -19.86 -5.07
CA ALA B 128 2.23 -19.07 -5.49
C ALA B 128 2.61 -17.61 -5.80
N ARG B 129 3.42 -17.02 -4.92
CA ARG B 129 3.89 -15.64 -5.11
C ARG B 129 4.83 -15.55 -6.31
N ILE B 130 5.73 -16.50 -6.40
CA ILE B 130 6.74 -16.47 -7.46
C ILE B 130 6.11 -16.70 -8.84
N LYS B 131 5.21 -17.68 -8.93
CA LYS B 131 4.47 -17.91 -10.16
C LYS B 131 3.72 -16.63 -10.60
N ARG B 132 2.99 -16.01 -9.68
CA ARG B 132 2.32 -14.76 -9.96
C ARG B 132 3.32 -13.68 -10.47
N ASP B 133 4.45 -13.50 -9.78
CA ASP B 133 5.49 -12.59 -10.24
C ASP B 133 6.06 -12.97 -11.62
N ALA B 134 6.30 -14.26 -11.84
CA ALA B 134 6.81 -14.71 -13.14
C ALA B 134 5.89 -14.28 -14.28
N VAL B 135 4.59 -14.49 -14.12
CA VAL B 135 3.61 -14.06 -15.11
C VAL B 135 3.65 -12.53 -15.27
N LYS B 136 3.65 -11.83 -14.13
CA LYS B 136 3.67 -10.38 -14.14
C LYS B 136 4.88 -9.81 -14.90
N PHE B 137 6.06 -10.40 -14.69
CA PHE B 137 7.28 -9.90 -15.33
C PHE B 137 7.58 -10.61 -16.65
N ASP B 138 6.67 -11.50 -17.06
CA ASP B 138 6.81 -12.25 -18.31
C ASP B 138 8.13 -13.05 -18.33
N LEU B 139 8.41 -13.72 -17.23
CA LEU B 139 9.60 -14.58 -17.14
C LEU B 139 9.14 -16.01 -16.91
N PRO B 140 9.52 -16.93 -17.80
CA PRO B 140 9.16 -18.35 -17.60
C PRO B 140 9.64 -18.87 -16.24
N LEU B 141 8.80 -19.67 -15.58
CA LEU B 141 9.15 -20.31 -14.32
C LEU B 141 9.57 -21.73 -14.58
N VAL B 142 10.82 -22.04 -14.21
CA VAL B 142 11.38 -23.39 -14.35
C VAL B 142 11.33 -24.04 -12.96
N VAL B 143 10.62 -25.17 -12.83
CA VAL B 143 10.49 -25.82 -11.54
C VAL B 143 11.38 -27.06 -11.43
N TRP B 144 12.30 -27.04 -10.48
CA TRP B 144 13.08 -28.21 -10.12
C TRP B 144 12.12 -28.97 -9.24
N SER B 145 11.67 -30.13 -9.68
CA SER B 145 10.69 -30.89 -8.89
C SER B 145 11.31 -32.15 -8.29
N TYR B 146 11.63 -32.08 -7.00
CA TYR B 146 12.41 -33.12 -6.32
C TYR B 146 11.70 -33.71 -5.09
N PRO B 147 10.80 -34.67 -5.28
CA PRO B 147 10.12 -35.31 -4.15
C PRO B 147 11.14 -35.82 -3.13
N ARG B 148 10.93 -35.49 -1.87
CA ARG B 148 11.92 -35.78 -0.84
C ARG B 148 11.27 -35.54 0.51
N GLY B 149 11.54 -36.42 1.46
CA GLY B 149 10.88 -36.40 2.75
C GLY B 149 9.60 -37.21 2.71
N GLY B 150 8.84 -37.17 3.80
CA GLY B 150 7.58 -37.87 3.88
C GLY B 150 7.74 -39.33 3.53
N LYS B 151 6.96 -39.78 2.54
CA LYS B 151 6.93 -41.18 2.11
C LYS B 151 7.99 -41.52 1.05
N VAL B 152 8.68 -40.52 0.52
CA VAL B 152 9.67 -40.76 -0.53
C VAL B 152 10.87 -41.52 0.04
N VAL B 153 11.12 -42.71 -0.50
CA VAL B 153 12.31 -43.47 -0.14
C VAL B 153 13.29 -43.51 -1.32
N ASN B 154 12.80 -43.95 -2.48
CA ASN B 154 13.63 -43.96 -3.69
C ASN B 154 13.25 -42.81 -4.63
N GLU B 155 14.14 -41.82 -4.76
CA GLU B 155 13.86 -40.63 -5.53
C GLU B 155 13.77 -40.86 -7.04
N THR B 156 14.49 -41.86 -7.54
CA THR B 156 14.48 -42.15 -8.98
C THR B 156 13.47 -43.23 -9.36
N ALA B 157 12.69 -43.72 -8.40
CA ALA B 157 11.59 -44.64 -8.70
C ALA B 157 10.67 -44.02 -9.76
N PRO B 158 10.27 -44.82 -10.75
CA PRO B 158 9.44 -44.31 -11.86
C PRO B 158 8.15 -43.63 -11.40
N GLU B 159 7.52 -44.10 -10.33
CA GLU B 159 6.28 -43.47 -9.86
C GLU B 159 6.58 -42.12 -9.20
N ILE B 160 7.75 -42.00 -8.58
CA ILE B 160 8.12 -40.78 -7.89
C ILE B 160 8.52 -39.67 -8.89
N VAL B 161 9.24 -40.06 -9.94
CA VAL B 161 9.65 -39.10 -10.96
C VAL B 161 8.42 -38.65 -11.74
N ALA B 162 7.53 -39.59 -12.02
CA ALA B 162 6.27 -39.26 -12.68
C ALA B 162 5.43 -38.28 -11.83
N TYR B 163 5.30 -38.55 -10.53
CA TYR B 163 4.62 -37.63 -9.62
C TYR B 163 5.29 -36.25 -9.65
N ALA B 164 6.62 -36.23 -9.56
CA ALA B 164 7.39 -34.98 -9.65
C ALA B 164 7.02 -34.16 -10.88
N ALA B 165 7.00 -34.80 -12.05
CA ALA B 165 6.67 -34.14 -13.30
C ALA B 165 5.25 -33.58 -13.27
N ARG B 166 4.30 -34.40 -12.82
CA ARG B 166 2.90 -33.99 -12.80
C ARG B 166 2.70 -32.80 -11.82
N ILE B 167 3.28 -32.90 -10.63
CA ILE B 167 3.20 -31.79 -9.68
C ILE B 167 3.66 -30.48 -10.29
N ALA B 168 4.80 -30.50 -10.98
CA ALA B 168 5.32 -29.28 -11.59
C ALA B 168 4.30 -28.68 -12.56
N LEU B 169 3.71 -29.53 -13.42
CA LEU B 169 2.66 -29.07 -14.33
C LEU B 169 1.47 -28.43 -13.59
N GLU B 170 0.98 -29.14 -12.58
CA GLU B 170 -0.20 -28.70 -11.85
C GLU B 170 0.03 -27.34 -11.19
N LEU B 171 1.28 -27.08 -10.76
CA LEU B 171 1.60 -25.91 -9.98
C LEU B 171 1.96 -24.69 -10.81
N GLY B 172 2.11 -24.88 -12.12
CA GLY B 172 2.29 -23.75 -13.02
C GLY B 172 3.65 -23.65 -13.71
N ALA B 173 4.51 -24.64 -13.54
CA ALA B 173 5.81 -24.69 -14.23
C ALA B 173 5.65 -24.46 -15.74
N ASP B 174 6.49 -23.61 -16.33
CA ASP B 174 6.52 -23.46 -17.77
C ASP B 174 7.56 -24.39 -18.41
N ALA B 175 8.44 -24.92 -17.57
CA ALA B 175 9.43 -25.91 -17.95
C ALA B 175 9.79 -26.57 -16.62
N MET B 176 10.32 -27.77 -16.67
CA MET B 176 10.66 -28.42 -15.42
C MET B 176 11.95 -29.22 -15.53
N LYS B 177 12.50 -29.53 -14.38
CA LYS B 177 13.75 -30.25 -14.26
C LYS B 177 13.48 -31.36 -13.23
N ILE B 178 13.75 -32.60 -13.63
CA ILE B 178 13.44 -33.75 -12.78
C ILE B 178 14.53 -34.79 -12.92
N LYS B 179 14.59 -35.72 -11.99
CA LYS B 179 15.60 -36.78 -12.01
C LYS B 179 15.27 -37.85 -13.03
N TYR B 180 16.31 -38.45 -13.60
CA TYR B 180 16.15 -39.56 -14.54
C TYR B 180 15.79 -40.85 -13.81
N THR B 181 14.97 -41.69 -14.45
CA THR B 181 14.55 -42.96 -13.84
C THR B 181 15.59 -44.05 -14.01
N GLY B 182 16.52 -43.85 -14.95
CA GLY B 182 17.50 -44.87 -15.26
C GLY B 182 17.20 -45.59 -16.58
N ASP B 183 15.96 -45.53 -17.04
CA ASP B 183 15.59 -46.14 -18.31
C ASP B 183 14.55 -45.30 -19.03
N PRO B 184 14.64 -45.25 -20.35
CA PRO B 184 13.77 -44.39 -21.18
C PRO B 184 12.29 -44.77 -21.22
N LYS B 185 11.92 -46.03 -21.00
CA LYS B 185 10.49 -46.36 -20.98
C LYS B 185 9.71 -45.69 -19.82
N THR B 186 10.22 -45.84 -18.60
CA THR B 186 9.58 -45.18 -17.44
C THR B 186 9.71 -43.66 -17.48
N PHE B 187 10.84 -43.15 -17.97
CA PHE B 187 11.03 -41.71 -18.03
C PHE B 187 10.06 -41.07 -19.00
N SER B 188 9.71 -41.78 -20.06
CA SER B 188 8.75 -41.23 -21.01
C SER B 188 7.31 -41.10 -20.46
N TRP B 189 6.97 -41.90 -19.45
CA TRP B 189 5.71 -41.73 -18.73
C TRP B 189 5.74 -40.41 -17.95
N ALA B 190 6.86 -40.12 -17.30
CA ALA B 190 7.05 -38.82 -16.66
C ALA B 190 6.87 -37.68 -17.67
N VAL B 191 7.54 -37.82 -18.83
CA VAL B 191 7.45 -36.82 -19.90
C VAL B 191 6.01 -36.64 -20.41
N LYS B 192 5.28 -37.75 -20.54
CA LYS B 192 3.87 -37.73 -20.98
C LYS B 192 2.98 -36.94 -20.00
N VAL B 193 3.03 -37.29 -18.72
CA VAL B 193 2.18 -36.65 -17.71
C VAL B 193 2.50 -35.16 -17.51
N ALA B 194 3.69 -34.74 -17.95
CA ALA B 194 4.08 -33.33 -17.95
C ALA B 194 3.34 -32.55 -19.02
N GLY B 195 2.75 -33.25 -19.99
CA GLY B 195 1.93 -32.60 -21.00
C GLY B 195 2.66 -31.60 -21.85
N LYS B 196 2.06 -30.42 -21.99
CA LYS B 196 2.66 -29.33 -22.77
C LYS B 196 3.97 -28.79 -22.20
N VAL B 197 4.29 -29.11 -20.94
CA VAL B 197 5.45 -28.52 -20.24
C VAL B 197 6.73 -29.32 -20.48
N PRO B 198 7.73 -28.68 -21.10
CA PRO B 198 8.99 -29.37 -21.43
C PRO B 198 9.74 -29.82 -20.20
N VAL B 199 10.41 -30.97 -20.33
CA VAL B 199 11.13 -31.62 -19.26
C VAL B 199 12.64 -31.64 -19.55
N LEU B 200 13.42 -31.13 -18.61
CA LEU B 200 14.87 -31.26 -18.67
C LEU B 200 15.31 -32.26 -17.62
N MET B 201 16.24 -33.15 -18.00
CA MET B 201 16.85 -34.10 -17.07
C MET B 201 17.83 -33.38 -16.17
N SER B 202 17.69 -33.60 -14.86
CA SER B 202 18.66 -33.15 -13.89
C SER B 202 19.91 -34.02 -14.00
N GLY B 203 21.05 -33.40 -14.35
CA GLY B 203 22.27 -34.12 -14.68
C GLY B 203 22.78 -35.06 -13.59
N GLY B 204 22.90 -34.53 -12.35
CA GLY B 204 23.30 -35.31 -11.18
C GLY B 204 24.81 -35.44 -10.92
N PRO B 205 25.18 -36.36 -10.01
CA PRO B 205 26.60 -36.62 -9.68
C PRO B 205 27.42 -37.15 -10.87
N LYS B 206 28.72 -36.84 -10.91
CA LYS B 206 29.63 -37.30 -11.97
C LYS B 206 29.67 -38.82 -12.10
N THR B 207 29.45 -39.31 -13.31
CA THR B 207 29.39 -40.74 -13.60
C THR B 207 30.78 -41.32 -13.87
N LYS B 208 30.93 -42.60 -13.58
CA LYS B 208 32.21 -43.30 -13.66
C LYS B 208 33.02 -42.94 -14.93
N THR B 209 32.34 -42.86 -16.07
CA THR B 209 32.95 -42.46 -17.34
C THR B 209 32.08 -41.46 -18.08
N GLU B 210 32.68 -40.75 -19.03
CA GLU B 210 31.95 -39.86 -19.94
C GLU B 210 30.93 -40.66 -20.78
N GLU B 211 31.25 -41.93 -21.00
CA GLU B 211 30.38 -42.84 -21.76
C GLU B 211 29.04 -43.11 -21.07
N ASP B 212 29.07 -43.37 -19.76
CA ASP B 212 27.84 -43.66 -18.99
C ASP B 212 26.84 -42.52 -19.06
N PHE B 213 27.36 -41.29 -19.03
CA PHE B 213 26.54 -40.10 -19.03
C PHE B 213 25.85 -39.91 -20.35
N LEU B 214 26.62 -40.02 -21.44
CA LEU B 214 26.04 -39.97 -22.80
C LEU B 214 24.89 -40.96 -22.99
N LYS B 215 25.03 -42.16 -22.39
CA LYS B 215 24.04 -43.22 -22.53
C LYS B 215 22.75 -42.80 -21.83
N GLN B 216 22.91 -42.13 -20.68
CA GLN B 216 21.80 -41.56 -19.95
C GLN B 216 21.11 -40.47 -20.79
N VAL B 217 21.91 -39.56 -21.33
CA VAL B 217 21.40 -38.45 -22.11
C VAL B 217 20.59 -38.93 -23.32
N GLU B 218 21.07 -39.97 -23.99
CA GLU B 218 20.36 -40.57 -25.12
C GLU B 218 19.04 -41.23 -24.69
N GLY B 219 19.07 -41.91 -23.55
CA GLY B 219 17.86 -42.41 -22.92
C GLY B 219 16.81 -41.33 -22.73
N VAL B 220 17.21 -40.24 -22.07
CA VAL B 220 16.39 -39.05 -21.87
C VAL B 220 15.77 -38.53 -23.19
N LEU B 221 16.55 -38.51 -24.27
CA LEU B 221 16.06 -37.98 -25.54
C LEU B 221 15.07 -38.93 -26.19
N GLU B 222 15.33 -40.23 -26.07
CA GLU B 222 14.44 -41.25 -26.62
C GLU B 222 13.06 -41.06 -26.00
N ALA B 223 13.06 -40.64 -24.72
CA ALA B 223 11.86 -40.52 -23.91
C ALA B 223 11.08 -39.27 -24.24
N GLY B 224 11.69 -38.34 -24.96
CA GLY B 224 10.98 -37.17 -25.45
C GLY B 224 11.19 -35.92 -24.65
N ALA B 225 12.14 -35.95 -23.72
CA ALA B 225 12.52 -34.77 -22.97
C ALA B 225 13.11 -33.71 -23.87
N LEU B 226 12.98 -32.45 -23.45
CA LEU B 226 13.58 -31.34 -24.19
C LEU B 226 15.13 -31.34 -24.16
N GLY B 227 15.72 -31.99 -23.15
CA GLY B 227 17.17 -32.03 -23.04
C GLY B 227 17.62 -32.14 -21.61
N ILE B 228 18.72 -31.48 -21.26
CA ILE B 228 19.38 -31.70 -19.99
C ILE B 228 19.77 -30.40 -19.31
N ALA B 229 19.77 -30.44 -18.00
CA ALA B 229 20.36 -29.37 -17.22
C ALA B 229 21.53 -30.03 -16.50
N VAL B 230 22.73 -29.76 -16.98
CA VAL B 230 23.91 -30.48 -16.55
C VAL B 230 24.86 -29.55 -15.78
N GLY B 231 25.41 -30.06 -14.68
CA GLY B 231 26.32 -29.28 -13.86
C GLY B 231 27.68 -29.96 -13.76
N ARG B 232 27.84 -30.73 -12.68
CA ARG B 232 29.04 -31.47 -12.34
C ARG B 232 29.61 -32.25 -13.53
N ASN B 233 28.74 -33.00 -14.18
CA ASN B 233 29.14 -33.87 -15.27
C ASN B 233 29.81 -33.17 -16.44
N VAL B 234 29.69 -31.85 -16.49
CA VAL B 234 30.52 -31.04 -17.38
C VAL B 234 31.67 -30.41 -16.58
N TRP B 235 31.36 -29.45 -15.70
CA TRP B 235 32.40 -28.62 -15.11
C TRP B 235 33.31 -29.27 -14.04
N GLN B 236 32.95 -30.46 -13.57
CA GLN B 236 33.83 -31.20 -12.66
C GLN B 236 34.95 -31.92 -13.42
N ARG B 237 34.81 -32.04 -14.74
CA ARG B 237 35.78 -32.72 -15.62
C ARG B 237 36.87 -31.78 -16.14
N ARG B 238 38.12 -32.25 -16.26
CA ARG B 238 39.20 -31.41 -16.78
C ARG B 238 38.99 -31.01 -18.26
N ASP B 239 38.43 -31.95 -19.02
CA ASP B 239 38.13 -31.78 -20.43
C ASP B 239 36.72 -31.25 -20.64
N ALA B 240 36.34 -30.29 -19.79
CA ALA B 240 34.99 -29.74 -19.74
C ALA B 240 34.45 -29.38 -21.11
N LEU B 241 35.22 -28.62 -21.89
CA LEU B 241 34.71 -28.12 -23.16
C LEU B 241 34.57 -29.21 -24.22
N LYS B 242 35.61 -30.05 -24.35
CA LYS B 242 35.56 -31.24 -25.20
C LYS B 242 34.31 -32.05 -24.85
N PHE B 243 34.18 -32.43 -23.60
CA PHE B 243 32.99 -33.19 -23.21
C PHE B 243 31.69 -32.42 -23.42
N ALA B 244 31.72 -31.11 -23.19
CA ALA B 244 30.55 -30.27 -23.44
C ALA B 244 30.16 -30.27 -24.91
N ARG B 245 31.16 -30.12 -25.79
CA ARG B 245 30.89 -30.12 -27.22
C ARG B 245 30.20 -31.42 -27.66
N ALA B 246 30.58 -32.53 -27.03
CA ALA B 246 30.07 -33.88 -27.38
C ALA B 246 28.65 -34.04 -26.88
N LEU B 247 28.37 -33.42 -25.75
CA LEU B 247 27.01 -33.29 -25.28
C LEU B 247 26.16 -32.47 -26.27
N ALA B 248 26.71 -31.37 -26.77
CA ALA B 248 26.06 -30.59 -27.85
C ALA B 248 25.75 -31.42 -29.13
N GLU B 249 26.75 -32.14 -29.65
CA GLU B 249 26.59 -32.92 -30.86
C GLU B 249 25.48 -33.94 -30.64
N LEU B 250 25.41 -34.50 -29.44
CA LEU B 250 24.45 -35.55 -29.14
C LEU B 250 23.03 -34.98 -29.05
N VAL B 251 22.89 -33.94 -28.22
CA VAL B 251 21.61 -33.32 -27.99
C VAL B 251 21.08 -32.57 -29.22
N TYR B 252 21.92 -31.79 -29.90
CA TYR B 252 21.44 -30.96 -31.02
C TYR B 252 21.37 -31.59 -32.45
N GLY B 253 22.20 -32.60 -32.74
CA GLY B 253 22.40 -33.01 -34.13
C GLY B 253 22.15 -34.47 -34.51
N ALA C 2 26.07 1.87 -7.72
CA ALA C 2 25.83 0.57 -8.45
C ALA C 2 26.63 -0.63 -7.93
N ASN C 3 27.96 -0.59 -8.00
CA ASN C 3 28.82 -1.67 -7.47
C ASN C 3 29.14 -1.48 -5.98
N LEU C 4 28.53 -2.32 -5.16
CA LEU C 4 28.55 -2.16 -3.71
C LEU C 4 29.82 -2.69 -3.05
N THR C 5 30.37 -3.76 -3.58
CA THR C 5 31.70 -4.21 -3.16
C THR C 5 32.74 -3.08 -3.30
N GLU C 6 32.71 -2.40 -4.45
CA GLU C 6 33.58 -1.26 -4.71
C GLU C 6 33.36 -0.12 -3.72
N LYS C 7 32.10 0.21 -3.45
CA LYS C 7 31.75 1.19 -2.44
C LYS C 7 32.30 0.77 -1.08
N PHE C 8 32.12 -0.51 -0.71
CA PHE C 8 32.70 -1.03 0.53
C PHE C 8 34.23 -0.81 0.60
N LEU C 9 34.94 -1.22 -0.45
CA LEU C 9 36.39 -1.08 -0.48
C LEU C 9 36.87 0.37 -0.38
N ARG C 10 36.20 1.27 -1.11
CA ARG C 10 36.44 2.70 -1.04
C ARG C 10 36.36 3.18 0.40
N ILE C 11 35.32 2.77 1.12
CA ILE C 11 35.07 3.30 2.45
C ILE C 11 35.85 2.59 3.54
N PHE C 12 35.92 1.25 3.46
CA PHE C 12 36.50 0.45 4.53
C PHE C 12 37.89 -0.12 4.23
N ALA C 13 38.44 0.18 3.06
CA ALA C 13 39.76 -0.33 2.68
C ALA C 13 40.54 0.62 1.76
N ARG C 14 40.53 1.90 2.09
CA ARG C 14 41.24 2.90 1.28
C ARG C 14 42.71 2.57 1.07
N ARG C 15 43.31 1.89 2.06
CA ARG C 15 44.71 1.50 1.98
C ARG C 15 44.94 0.13 1.33
N GLY C 16 43.87 -0.48 0.83
CA GLY C 16 43.98 -1.77 0.16
C GLY C 16 43.77 -2.99 1.06
N LYS C 17 43.76 -2.75 2.38
CA LYS C 17 43.49 -3.76 3.39
C LYS C 17 42.63 -3.09 4.44
N SER C 18 42.08 -3.88 5.36
CA SER C 18 41.00 -3.41 6.19
C SER C 18 41.06 -3.97 7.61
N ILE C 19 40.83 -3.10 8.59
CA ILE C 19 40.60 -3.51 9.98
C ILE C 19 39.30 -2.90 10.49
N ILE C 20 38.37 -3.77 10.87
CA ILE C 20 37.08 -3.37 11.43
C ILE C 20 37.09 -3.69 12.92
N LEU C 21 36.74 -2.70 13.75
CA LEU C 21 36.55 -2.96 15.17
C LEU C 21 35.12 -3.40 15.49
N ALA C 22 34.96 -4.69 15.79
CA ALA C 22 33.69 -5.33 16.01
C ALA C 22 33.23 -5.05 17.40
N TYR C 23 31.95 -4.73 17.57
CA TYR C 23 31.43 -4.36 18.88
C TYR C 23 29.94 -4.71 19.06
N ASP C 24 29.54 -5.85 18.49
CA ASP C 24 28.17 -6.36 18.66
C ASP C 24 28.09 -7.32 19.85
N HIS C 25 29.21 -7.47 20.55
CA HIS C 25 29.33 -8.49 21.59
C HIS C 25 28.38 -8.32 22.78
N GLY C 26 27.94 -7.07 23.03
CA GLY C 26 27.07 -6.76 24.13
C GLY C 26 25.78 -7.56 24.09
N ILE C 27 25.30 -7.82 22.87
CA ILE C 27 24.13 -8.68 22.69
C ILE C 27 24.53 -10.14 22.51
N GLU C 28 25.53 -10.38 21.67
CA GLU C 28 25.90 -11.75 21.26
C GLU C 28 26.37 -12.59 22.45
N HIS C 29 27.20 -11.99 23.30
CA HIS C 29 27.86 -12.71 24.40
C HIS C 29 27.49 -12.09 25.77
N GLY C 30 27.00 -10.85 25.75
CA GLY C 30 26.76 -10.10 26.96
C GLY C 30 28.00 -9.43 27.50
N PRO C 31 27.82 -8.71 28.61
CA PRO C 31 28.82 -7.77 29.08
C PRO C 31 29.94 -8.38 29.93
N ALA C 32 29.92 -9.68 30.22
CA ALA C 32 30.95 -10.28 31.08
C ALA C 32 32.40 -10.05 30.60
N ASP C 33 32.67 -10.22 29.30
CA ASP C 33 33.98 -9.94 28.73
C ASP C 33 34.45 -8.49 28.95
N PHE C 34 33.51 -7.55 29.13
CA PHE C 34 33.86 -6.15 29.33
C PHE C 34 34.62 -5.91 30.64
N MET C 35 34.61 -6.92 31.52
CA MET C 35 35.17 -6.79 32.87
C MET C 35 36.70 -6.74 32.90
N ASP C 36 37.35 -7.47 31.99
CA ASP C 36 38.81 -7.47 31.87
C ASP C 36 39.40 -6.08 31.64
N ASN C 37 38.71 -5.28 30.82
CA ASN C 37 39.08 -3.91 30.54
C ASN C 37 37.80 -3.04 30.58
N PRO C 38 37.42 -2.59 31.79
CA PRO C 38 36.09 -1.99 32.02
C PRO C 38 35.63 -0.87 31.07
N ASP C 39 36.56 -0.08 30.54
CA ASP C 39 36.27 0.98 29.56
C ASP C 39 35.59 0.45 28.28
N SER C 40 35.82 -0.83 27.97
CA SER C 40 35.24 -1.48 26.80
C SER C 40 33.69 -1.55 26.80
N ALA C 41 33.10 -1.51 28.00
CA ALA C 41 31.67 -1.40 28.13
C ALA C 41 31.12 -0.07 27.61
N ASP C 42 32.00 0.90 27.42
CA ASP C 42 31.61 2.23 26.98
C ASP C 42 31.84 2.37 25.49
N PRO C 43 30.77 2.51 24.71
CA PRO C 43 30.89 2.64 23.26
C PRO C 43 31.71 3.87 22.81
N GLU C 44 31.71 4.91 23.63
CA GLU C 44 32.52 6.12 23.37
C GLU C 44 34.01 5.79 23.33
N TYR C 45 34.42 4.90 24.22
CA TYR C 45 35.80 4.42 24.30
C TYR C 45 36.15 3.66 23.04
N ILE C 46 35.20 2.86 22.54
CA ILE C 46 35.37 2.07 21.32
C ILE C 46 35.58 2.95 20.10
N LEU C 47 34.77 4.01 19.98
CA LEU C 47 34.93 4.96 18.88
C LEU C 47 36.31 5.64 18.91
N ARG C 48 36.72 6.11 20.11
CA ARG C 48 38.01 6.72 20.31
C ARG C 48 39.12 5.74 19.93
N LEU C 49 38.97 4.51 20.40
CA LEU C 49 39.93 3.46 20.14
C LEU C 49 40.09 3.19 18.65
N ALA C 50 38.97 3.04 17.94
CA ALA C 50 39.01 2.84 16.49
C ALA C 50 39.72 3.97 15.75
N ARG C 51 39.42 5.19 16.16
CA ARG C 51 39.91 6.39 15.48
C ARG C 51 41.40 6.53 15.75
N ASP C 52 41.79 6.44 17.03
CA ASP C 52 43.18 6.59 17.44
C ASP C 52 44.10 5.52 16.85
N ALA C 53 43.54 4.33 16.57
CA ALA C 53 44.32 3.24 15.97
C ALA C 53 44.41 3.35 14.45
N GLY C 54 43.64 4.27 13.88
CA GLY C 54 43.54 4.42 12.43
C GLY C 54 42.75 3.31 11.71
N PHE C 55 41.86 2.60 12.44
CA PHE C 55 41.06 1.52 11.85
C PHE C 55 40.05 2.04 10.83
N ASP C 56 39.43 1.13 10.09
CA ASP C 56 38.53 1.52 9.01
C ASP C 56 37.06 1.62 9.36
N GLY C 57 36.66 0.95 10.44
CA GLY C 57 35.26 1.00 10.82
C GLY C 57 34.99 0.35 12.15
N VAL C 58 33.73 0.51 12.57
CA VAL C 58 33.17 -0.15 13.75
C VAL C 58 31.89 -0.86 13.36
N VAL C 59 31.57 -1.93 14.10
CA VAL C 59 30.30 -2.62 13.97
C VAL C 59 29.46 -2.38 15.25
N PHE C 60 28.33 -1.70 15.12
CA PHE C 60 27.42 -1.48 16.23
C PHE C 60 26.06 -2.09 15.87
N GLN C 61 25.34 -2.55 16.89
CA GLN C 61 23.91 -2.80 16.78
C GLN C 61 23.23 -1.45 16.80
N ARG C 62 22.01 -1.45 16.31
CA ARG C 62 21.26 -0.20 16.20
C ARG C 62 21.17 0.64 17.51
N GLY C 63 20.92 -0.02 18.64
CA GLY C 63 20.81 0.67 19.91
C GLY C 63 22.05 1.47 20.25
N ILE C 64 23.20 0.85 20.11
CA ILE C 64 24.48 1.51 20.36
C ILE C 64 24.73 2.60 19.29
N ALA C 65 24.39 2.30 18.03
CA ALA C 65 24.59 3.30 16.98
C ALA C 65 23.77 4.54 17.25
N GLU C 66 22.52 4.33 17.65
CA GLU C 66 21.57 5.41 17.87
C GLU C 66 21.99 6.30 19.04
N LYS C 67 22.43 5.69 20.13
CA LYS C 67 22.83 6.45 21.31
C LYS C 67 24.26 7.02 21.26
N TYR C 68 25.16 6.37 20.51
CA TYR C 68 26.56 6.77 20.58
C TYR C 68 27.22 7.17 19.28
N TYR C 69 26.71 6.73 18.13
CA TYR C 69 27.46 6.96 16.88
C TYR C 69 27.61 8.46 16.56
N ASP C 70 28.84 8.89 16.30
CA ASP C 70 29.12 10.31 16.12
C ASP C 70 29.77 10.61 14.75
N GLY C 71 29.75 9.64 13.84
CA GLY C 71 30.25 9.85 12.49
C GLY C 71 31.75 9.93 12.35
N SER C 72 32.49 9.60 13.40
CA SER C 72 33.95 9.81 13.43
C SER C 72 34.74 8.66 12.82
N VAL C 73 34.06 7.53 12.63
CA VAL C 73 34.63 6.32 12.03
C VAL C 73 33.48 5.66 11.24
N PRO C 74 33.72 5.24 10.00
CA PRO C 74 32.67 4.58 9.20
C PRO C 74 32.00 3.45 9.98
N LEU C 75 30.67 3.36 9.90
CA LEU C 75 29.88 2.40 10.66
C LEU C 75 29.28 1.31 9.77
N ILE C 76 29.42 0.06 10.22
CA ILE C 76 28.64 -1.05 9.73
C ILE C 76 27.59 -1.28 10.82
N LEU C 77 26.32 -1.16 10.46
CA LEU C 77 25.22 -1.38 11.39
C LEU C 77 24.84 -2.86 11.28
N LYS C 78 25.11 -3.61 12.34
CA LYS C 78 24.78 -5.03 12.42
C LYS C 78 23.31 -5.15 12.67
N LEU C 79 22.58 -5.71 11.72
CA LEU C 79 21.11 -5.66 11.74
C LEU C 79 20.48 -6.68 12.66
N ASN C 80 21.06 -7.88 12.72
CA ASN C 80 20.49 -8.91 13.55
C ASN C 80 21.37 -9.22 14.72
N GLY C 81 20.79 -9.86 15.72
CA GLY C 81 21.54 -10.26 16.90
C GLY C 81 20.78 -11.30 17.68
N LYS C 82 21.49 -12.16 18.37
CA LYS C 82 20.91 -13.16 19.27
C LYS C 82 21.81 -13.25 20.50
N THR C 83 21.38 -14.00 21.52
CA THR C 83 22.12 -14.13 22.77
C THR C 83 22.69 -15.53 22.92
N THR C 84 23.70 -15.69 23.78
CA THR C 84 24.19 -17.02 24.14
C THR C 84 23.25 -17.71 25.12
N LEU C 85 22.31 -16.99 25.71
CA LEU C 85 21.39 -17.60 26.65
C LEU C 85 20.41 -18.55 25.93
N TYR C 86 20.16 -18.22 24.66
CA TYR C 86 19.32 -19.00 23.75
C TYR C 86 19.86 -20.43 23.54
N ASN C 87 18.94 -21.39 23.51
CA ASN C 87 19.29 -22.79 23.37
C ASN C 87 18.79 -23.52 22.14
N GLY C 88 17.91 -22.92 21.35
CA GLY C 88 17.36 -23.63 20.20
C GLY C 88 18.31 -23.83 19.01
N GLU C 89 17.74 -24.20 17.87
CA GLU C 89 18.49 -24.20 16.60
C GLU C 89 18.93 -22.74 16.37
N PRO C 90 20.18 -22.52 15.99
CA PRO C 90 20.73 -21.15 15.86
C PRO C 90 19.89 -20.29 14.91
N VAL C 91 19.52 -19.12 15.40
CA VAL C 91 18.72 -18.19 14.62
C VAL C 91 18.99 -16.78 15.13
N SER C 92 19.06 -15.83 14.21
CA SER C 92 19.26 -14.44 14.61
C SER C 92 18.45 -13.58 13.67
N VAL C 93 17.50 -12.84 14.22
CA VAL C 93 16.62 -12.06 13.36
C VAL C 93 16.94 -10.58 13.45
N ALA C 94 16.59 -9.84 12.41
CA ALA C 94 16.83 -8.42 12.36
C ALA C 94 16.06 -7.69 13.48
N ASN C 95 16.75 -6.81 14.20
CA ASN C 95 16.05 -5.95 15.16
C ASN C 95 15.97 -4.52 14.61
N CYS C 96 16.39 -4.39 13.35
CA CYS C 96 16.41 -3.08 12.70
C CYS C 96 16.39 -3.22 11.20
N SER C 97 16.54 -2.12 10.49
CA SER C 97 16.36 -2.11 9.05
C SER C 97 17.44 -1.31 8.35
N VAL C 98 17.60 -1.58 7.04
CA VAL C 98 18.54 -0.85 6.22
C VAL C 98 18.18 0.64 6.23
N GLU C 99 16.89 0.95 6.07
CA GLU C 99 16.42 2.35 6.02
C GLU C 99 16.79 3.14 7.27
N GLU C 100 16.65 2.51 8.43
CA GLU C 100 17.02 3.14 9.68
C GLU C 100 18.54 3.29 9.82
N ALA C 101 19.28 2.30 9.33
CA ALA C 101 20.74 2.35 9.35
C ALA C 101 21.22 3.54 8.54
N VAL C 102 20.57 3.75 7.39
CA VAL C 102 20.93 4.88 6.52
C VAL C 102 20.79 6.16 7.29
N SER C 103 19.67 6.36 7.97
CA SER C 103 19.40 7.59 8.69
C SER C 103 20.30 7.76 9.92
N LEU C 104 20.88 6.66 10.41
CA LEU C 104 21.86 6.71 11.50
C LEU C 104 23.29 6.96 11.04
N GLY C 105 23.50 7.12 9.74
CA GLY C 105 24.81 7.39 9.18
C GLY C 105 25.68 6.17 8.90
N ALA C 106 25.08 5.00 8.78
CA ALA C 106 25.84 3.79 8.46
C ALA C 106 26.38 3.87 7.06
N SER C 107 27.56 3.28 6.84
CA SER C 107 28.12 3.15 5.50
C SER C 107 27.96 1.74 4.93
N ALA C 108 27.52 0.81 5.77
CA ALA C 108 27.25 -0.58 5.34
C ALA C 108 26.32 -1.25 6.35
N VAL C 109 25.73 -2.39 5.99
CA VAL C 109 24.90 -3.13 6.94
C VAL C 109 25.44 -4.53 7.10
N GLY C 110 25.19 -5.14 8.26
CA GLY C 110 25.68 -6.45 8.56
C GLY C 110 24.58 -7.44 8.90
N TYR C 111 24.76 -8.69 8.52
CA TYR C 111 23.78 -9.69 8.84
C TYR C 111 24.42 -11.06 9.01
N THR C 112 24.06 -11.76 10.09
CA THR C 112 24.58 -13.10 10.33
C THR C 112 23.66 -14.14 9.75
N ILE C 113 24.23 -15.15 9.08
CA ILE C 113 23.51 -16.37 8.72
C ILE C 113 24.24 -17.54 9.36
N TYR C 114 23.48 -18.58 9.70
CA TYR C 114 24.01 -19.84 10.25
C TYR C 114 23.61 -20.98 9.30
N PRO C 115 24.32 -21.13 8.19
CA PRO C 115 24.03 -22.23 7.24
C PRO C 115 24.07 -23.57 7.98
N GLY C 116 23.16 -24.47 7.65
CA GLY C 116 23.07 -25.73 8.36
C GLY C 116 22.06 -25.76 9.50
N SER C 117 21.79 -24.63 10.12
CA SER C 117 20.79 -24.54 11.20
C SER C 117 19.42 -25.08 10.74
N GLY C 118 18.65 -25.59 11.71
CA GLY C 118 17.26 -26.00 11.46
C GLY C 118 16.41 -24.80 11.09
N PHE C 119 16.95 -23.62 11.37
CA PHE C 119 16.31 -22.38 11.04
C PHE C 119 17.03 -21.65 9.89
N GLU C 120 17.84 -22.36 9.09
CA GLU C 120 18.60 -21.69 8.04
C GLU C 120 17.67 -20.92 7.09
N TRP C 121 16.54 -21.52 6.74
CA TRP C 121 15.57 -20.88 5.87
C TRP C 121 15.08 -19.54 6.43
N LYS C 122 14.95 -19.43 7.75
CA LYS C 122 14.40 -18.20 8.33
C LYS C 122 15.34 -17.01 8.03
N MET C 123 16.65 -17.23 8.19
CA MET C 123 17.61 -16.20 7.86
C MET C 123 17.79 -15.91 6.37
N PHE C 124 17.64 -16.92 5.52
CA PHE C 124 17.73 -16.72 4.07
C PHE C 124 16.54 -15.90 3.56
N GLU C 125 15.37 -16.22 4.06
CA GLU C 125 14.14 -15.47 3.85
C GLU C 125 14.33 -14.00 4.20
N GLU C 126 14.83 -13.77 5.39
CA GLU C 126 15.04 -12.41 5.84
C GLU C 126 16.17 -11.71 5.06
N LEU C 127 17.28 -12.42 4.82
CA LEU C 127 18.37 -11.90 4.00
C LEU C 127 17.90 -11.38 2.64
N ALA C 128 16.93 -12.06 2.03
CA ALA C 128 16.34 -11.62 0.78
C ALA C 128 15.84 -10.17 0.86
N ARG C 129 15.08 -9.87 1.91
CA ARG C 129 14.55 -8.52 2.10
C ARG C 129 15.69 -7.53 2.35
N ILE C 130 16.63 -7.92 3.20
CA ILE C 130 17.72 -7.03 3.60
C ILE C 130 18.62 -6.72 2.43
N LYS C 131 19.00 -7.76 1.67
CA LYS C 131 19.78 -7.60 0.44
C LYS C 131 19.10 -6.62 -0.54
N ARG C 132 17.81 -6.81 -0.76
CA ARG C 132 17.04 -5.93 -1.63
C ARG C 132 17.09 -4.49 -1.09
N ASP C 133 16.86 -4.33 0.22
CA ASP C 133 17.02 -3.00 0.85
C ASP C 133 18.42 -2.42 0.72
N ALA C 134 19.45 -3.26 0.89
CA ALA C 134 20.83 -2.78 0.77
C ALA C 134 21.10 -2.20 -0.60
N VAL C 135 20.64 -2.89 -1.66
CA VAL C 135 20.79 -2.41 -3.03
C VAL C 135 19.99 -1.09 -3.17
N LYS C 136 18.76 -1.07 -2.68
CA LYS C 136 17.90 0.09 -2.80
C LYS C 136 18.52 1.34 -2.15
N PHE C 137 19.09 1.19 -0.95
CA PHE C 137 19.69 2.30 -0.25
C PHE C 137 21.17 2.50 -0.56
N ASP C 138 21.71 1.69 -1.49
CA ASP C 138 23.12 1.76 -1.87
C ASP C 138 24.08 1.58 -0.68
N LEU C 139 23.77 0.61 0.17
CA LEU C 139 24.59 0.28 1.33
C LEU C 139 25.17 -1.13 1.17
N PRO C 140 26.48 -1.29 1.15
CA PRO C 140 27.05 -2.63 1.03
C PRO C 140 26.55 -3.58 2.13
N LEU C 141 26.21 -4.81 1.75
CA LEU C 141 25.82 -5.84 2.71
C LEU C 141 27.03 -6.67 3.10
N VAL C 142 27.33 -6.69 4.39
CA VAL C 142 28.40 -7.52 4.95
C VAL C 142 27.78 -8.72 5.65
N VAL C 143 28.09 -9.94 5.16
CA VAL C 143 27.50 -11.16 5.71
C VAL C 143 28.48 -11.92 6.63
N TRP C 144 28.05 -12.07 7.88
CA TRP C 144 28.78 -12.88 8.83
C TRP C 144 28.29 -14.26 8.49
N SER C 145 29.17 -15.13 8.01
CA SER C 145 28.72 -16.44 7.55
C SER C 145 29.26 -17.53 8.48
N TYR C 146 28.38 -18.05 9.34
CA TYR C 146 28.80 -18.94 10.42
C TYR C 146 28.02 -20.26 10.43
N PRO C 147 28.42 -21.23 9.63
CA PRO C 147 27.74 -22.51 9.62
C PRO C 147 27.62 -23.06 11.04
N ARG C 148 26.43 -23.50 11.42
CA ARG C 148 26.21 -23.92 12.80
C ARG C 148 24.87 -24.62 12.88
N GLY C 149 24.82 -25.69 13.64
CA GLY C 149 23.64 -26.55 13.68
C GLY C 149 23.74 -27.62 12.60
N GLY C 150 22.66 -28.39 12.45
CA GLY C 150 22.59 -29.44 11.46
C GLY C 150 23.77 -30.38 11.56
N LYS C 151 24.49 -30.50 10.44
CA LYS C 151 25.62 -31.41 10.31
C LYS C 151 26.95 -30.80 10.76
N VAL C 152 26.97 -29.49 11.02
CA VAL C 152 28.20 -28.82 11.42
C VAL C 152 28.66 -29.30 12.80
N VAL C 153 29.84 -29.89 12.86
CA VAL C 153 30.45 -30.26 14.15
C VAL C 153 31.66 -29.38 14.45
N ASN C 154 32.60 -29.30 13.51
CA ASN C 154 33.76 -28.43 13.66
C ASN C 154 33.63 -27.19 12.77
N GLU C 155 33.39 -26.04 13.42
CA GLU C 155 33.16 -24.79 12.71
C GLU C 155 34.38 -24.24 11.93
N THR C 156 35.59 -24.53 12.41
CA THR C 156 36.80 -24.07 11.72
C THR C 156 37.40 -25.11 10.75
N ALA C 157 36.71 -26.23 10.56
CA ALA C 157 37.12 -27.18 9.52
C ALA C 157 37.21 -26.48 8.16
N PRO C 158 38.27 -26.79 7.41
CA PRO C 158 38.49 -26.12 6.11
C PRO C 158 37.32 -26.26 5.14
N GLU C 159 36.62 -27.39 5.13
CA GLU C 159 35.48 -27.53 4.23
C GLU C 159 34.30 -26.68 4.67
N ILE C 160 34.15 -26.50 5.99
CA ILE C 160 33.07 -25.71 6.54
C ILE C 160 33.26 -24.21 6.32
N VAL C 161 34.47 -23.72 6.57
CA VAL C 161 34.80 -22.32 6.31
C VAL C 161 34.69 -22.03 4.82
N ALA C 162 35.16 -22.93 3.97
CA ALA C 162 34.98 -22.77 2.53
C ALA C 162 33.49 -22.69 2.13
N TYR C 163 32.66 -23.57 2.68
CA TYR C 163 31.24 -23.55 2.39
C TYR C 163 30.66 -22.19 2.85
N ALA C 164 31.04 -21.76 4.06
CA ALA C 164 30.62 -20.47 4.62
C ALA C 164 30.87 -19.34 3.63
N ALA C 165 32.09 -19.32 3.07
CA ALA C 165 32.50 -18.28 2.15
C ALA C 165 31.67 -18.33 0.88
N ARG C 166 31.48 -19.53 0.35
CA ARG C 166 30.76 -19.67 -0.90
C ARG C 166 29.29 -19.27 -0.75
N ILE C 167 28.66 -19.71 0.33
CA ILE C 167 27.27 -19.37 0.59
C ILE C 167 27.11 -17.86 0.62
N ALA C 168 27.99 -17.14 1.33
CA ALA C 168 27.95 -15.67 1.40
C ALA C 168 27.96 -15.02 0.01
N LEU C 169 28.85 -15.48 -0.86
CA LEU C 169 28.88 -15.01 -2.23
C LEU C 169 27.56 -15.29 -2.97
N GLU C 170 27.11 -16.54 -2.90
CA GLU C 170 25.88 -16.98 -3.56
C GLU C 170 24.68 -16.12 -3.17
N LEU C 171 24.61 -15.73 -1.89
CA LEU C 171 23.43 -15.05 -1.37
C LEU C 171 23.44 -13.53 -1.59
N GLY C 172 24.57 -12.97 -2.03
CA GLY C 172 24.61 -11.55 -2.37
C GLY C 172 25.51 -10.68 -1.50
N ALA C 173 26.28 -11.29 -0.60
CA ALA C 173 27.20 -10.52 0.21
C ALA C 173 28.12 -9.68 -0.68
N ASP C 174 28.37 -8.43 -0.28
CA ASP C 174 29.33 -7.56 -0.96
C ASP C 174 30.68 -7.60 -0.26
N ALA C 175 30.67 -8.05 0.99
CA ALA C 175 31.88 -8.35 1.75
C ALA C 175 31.46 -9.42 2.73
N MET C 176 32.38 -10.21 3.24
CA MET C 176 31.98 -11.25 4.19
C MET C 176 32.99 -11.37 5.34
N LYS C 177 32.52 -12.03 6.40
CA LYS C 177 33.27 -12.24 7.61
C LYS C 177 33.10 -13.71 7.97
N ILE C 178 34.21 -14.43 8.07
CA ILE C 178 34.19 -15.88 8.29
C ILE C 178 35.31 -16.25 9.28
N LYS C 179 35.20 -17.44 9.87
CA LYS C 179 36.19 -17.91 10.84
C LYS C 179 37.45 -18.38 10.12
N TYR C 180 38.58 -18.19 10.80
CA TYR C 180 39.87 -18.67 10.31
C TYR C 180 39.97 -20.20 10.45
N THR C 181 40.66 -20.84 9.52
CA THR C 181 40.84 -22.29 9.56
C THR C 181 41.96 -22.73 10.50
N GLY C 182 42.83 -21.78 10.86
CA GLY C 182 44.02 -22.10 11.63
C GLY C 182 45.29 -22.12 10.79
N ASP C 183 45.16 -22.31 9.48
CA ASP C 183 46.32 -22.26 8.58
C ASP C 183 46.00 -21.57 7.25
N PRO C 184 46.96 -20.82 6.73
CA PRO C 184 46.76 -20.04 5.50
C PRO C 184 46.48 -20.84 4.21
N LYS C 185 46.86 -22.12 4.12
CA LYS C 185 46.64 -22.88 2.88
C LYS C 185 45.16 -23.22 2.67
N THR C 186 44.52 -23.72 3.71
CA THR C 186 43.08 -23.99 3.66
C THR C 186 42.25 -22.71 3.64
N PHE C 187 42.72 -21.67 4.34
CA PHE C 187 41.99 -20.42 4.36
C PHE C 187 41.98 -19.74 2.99
N SER C 188 43.05 -19.92 2.24
CA SER C 188 43.08 -19.33 0.91
C SER C 188 42.12 -20.03 -0.09
N TRP C 189 41.74 -21.29 0.17
CA TRP C 189 40.69 -21.93 -0.62
C TRP C 189 39.33 -21.27 -0.34
N ALA C 190 39.06 -20.95 0.91
CA ALA C 190 37.87 -20.18 1.27
C ALA C 190 37.88 -18.83 0.55
N VAL C 191 39.03 -18.16 0.56
CA VAL C 191 39.17 -16.85 -0.07
C VAL C 191 38.94 -16.96 -1.59
N LYS C 192 39.47 -18.02 -2.20
CA LYS C 192 39.30 -18.25 -3.64
C LYS C 192 37.84 -18.45 -4.03
N VAL C 193 37.14 -19.33 -3.32
CA VAL C 193 35.74 -19.60 -3.63
C VAL C 193 34.81 -18.39 -3.39
N ALA C 194 35.28 -17.43 -2.59
CA ALA C 194 34.56 -16.17 -2.37
C ALA C 194 34.61 -15.27 -3.59
N GLY C 195 35.52 -15.55 -4.52
CA GLY C 195 35.62 -14.83 -5.79
C GLY C 195 35.87 -13.35 -5.62
N LYS C 196 35.09 -12.54 -6.34
CA LYS C 196 35.14 -11.08 -6.23
C LYS C 196 34.79 -10.48 -4.86
N VAL C 197 34.25 -11.27 -3.95
CA VAL C 197 33.79 -10.74 -2.66
C VAL C 197 34.88 -10.82 -1.61
N PRO C 198 35.29 -9.67 -1.07
CA PRO C 198 36.38 -9.61 -0.06
C PRO C 198 36.00 -10.31 1.25
N VAL C 199 36.99 -10.94 1.86
CA VAL C 199 36.84 -11.74 3.06
C VAL C 199 37.59 -11.10 4.22
N LEU C 200 36.88 -10.85 5.31
CA LEU C 200 37.49 -10.45 6.57
C LEU C 200 37.48 -11.64 7.52
N MET C 201 38.59 -11.85 8.21
CA MET C 201 38.67 -12.84 9.28
C MET C 201 37.89 -12.37 10.52
N SER C 202 37.00 -13.21 11.02
CA SER C 202 36.38 -13.02 12.31
C SER C 202 37.43 -13.24 13.42
N GLY C 203 37.69 -12.18 14.20
CA GLY C 203 38.77 -12.18 15.20
C GLY C 203 38.71 -13.31 16.23
N GLY C 204 37.54 -13.48 16.87
CA GLY C 204 37.31 -14.54 17.84
C GLY C 204 37.69 -14.24 19.30
N PRO C 205 37.73 -15.29 20.12
CA PRO C 205 38.10 -15.18 21.55
C PRO C 205 39.55 -14.74 21.76
N LYS C 206 39.81 -14.12 22.92
CA LYS C 206 41.15 -13.68 23.32
C LYS C 206 42.21 -14.81 23.20
N THR C 207 43.33 -14.49 22.57
CA THR C 207 44.43 -15.44 22.43
C THR C 207 45.32 -15.52 23.67
N LYS C 208 45.83 -16.72 23.92
CA LYS C 208 46.74 -16.97 25.05
C LYS C 208 47.79 -15.88 25.05
N THR C 209 48.30 -15.56 23.88
CA THR C 209 49.31 -14.52 23.73
C THR C 209 49.04 -13.63 22.52
N GLU C 210 49.40 -12.36 22.63
CA GLU C 210 49.31 -11.40 21.53
C GLU C 210 50.04 -11.92 20.29
N GLU C 211 51.13 -12.63 20.51
CA GLU C 211 51.91 -13.22 19.43
C GLU C 211 51.06 -14.21 18.63
N ASP C 212 50.33 -15.07 19.33
CA ASP C 212 49.46 -16.04 18.67
C ASP C 212 48.43 -15.38 17.74
N PHE C 213 47.86 -14.25 18.16
CA PHE C 213 46.91 -13.52 17.35
C PHE C 213 47.53 -12.93 16.08
N LEU C 214 48.67 -12.26 16.21
CA LEU C 214 49.31 -11.65 15.05
C LEU C 214 49.74 -12.64 13.96
N LYS C 215 50.11 -13.85 14.37
CA LYS C 215 50.54 -14.88 13.42
C LYS C 215 49.35 -15.46 12.65
N GLN C 216 48.16 -15.37 13.27
CA GLN C 216 46.93 -15.80 12.63
C GLN C 216 46.51 -14.74 11.64
N VAL C 217 46.70 -13.47 12.02
CA VAL C 217 46.49 -12.33 11.12
C VAL C 217 47.40 -12.39 9.88
N GLU C 218 48.69 -12.62 10.12
CA GLU C 218 49.67 -12.88 9.06
C GLU C 218 49.15 -13.94 8.11
N GLY C 219 48.77 -15.10 8.65
CA GLY C 219 48.20 -16.18 7.87
C GLY C 219 47.10 -15.68 6.96
N VAL C 220 46.11 -15.04 7.59
CA VAL C 220 44.96 -14.48 6.90
C VAL C 220 45.36 -13.60 5.70
N LEU C 221 46.43 -12.82 5.89
CA LEU C 221 46.88 -11.91 4.83
C LEU C 221 47.59 -12.65 3.68
N GLU C 222 48.45 -13.62 4.01
CA GLU C 222 49.02 -14.56 3.05
C GLU C 222 47.94 -15.25 2.23
N ALA C 223 46.82 -15.55 2.87
CA ALA C 223 45.76 -16.28 2.21
C ALA C 223 45.01 -15.39 1.22
N GLY C 224 45.20 -14.08 1.34
CA GLY C 224 44.60 -13.13 0.40
C GLY C 224 43.32 -12.49 0.89
N ALA C 225 43.02 -12.62 2.17
CA ALA C 225 41.91 -11.92 2.77
C ALA C 225 42.13 -10.42 2.77
N LEU C 226 41.04 -9.66 2.80
CA LEU C 226 41.11 -8.20 2.85
C LEU C 226 41.60 -7.69 4.21
N GLY C 227 41.43 -8.51 5.25
CA GLY C 227 41.88 -8.13 6.58
C GLY C 227 41.04 -8.78 7.66
N ILE C 228 40.77 -8.02 8.74
CA ILE C 228 40.22 -8.59 9.95
C ILE C 228 39.08 -7.77 10.51
N ALA C 229 38.11 -8.45 11.12
CA ALA C 229 37.12 -7.78 11.94
C ALA C 229 37.39 -8.24 13.36
N VAL C 230 38.01 -7.38 14.15
CA VAL C 230 38.50 -7.77 15.45
C VAL C 230 37.72 -7.08 16.57
N GLY C 231 37.42 -7.83 17.61
CA GLY C 231 36.67 -7.29 18.74
C GLY C 231 37.43 -7.43 20.06
N ARG C 232 37.09 -8.49 20.78
CA ARG C 232 37.70 -8.84 22.06
C ARG C 232 39.26 -8.84 22.09
N ASN C 233 39.90 -9.27 21.00
CA ASN C 233 41.35 -9.33 20.91
C ASN C 233 42.04 -7.98 20.88
N VAL C 234 41.26 -6.93 20.60
CA VAL C 234 41.71 -5.57 20.85
C VAL C 234 41.17 -5.07 22.20
N TRP C 235 39.86 -4.86 22.29
CA TRP C 235 39.27 -4.13 23.41
C TRP C 235 39.14 -4.86 24.73
N GLN C 236 39.43 -6.16 24.76
CA GLN C 236 39.47 -6.90 26.02
C GLN C 236 40.83 -6.73 26.74
N ARG C 237 41.82 -6.20 25.99
CA ARG C 237 43.19 -5.99 26.46
C ARG C 237 43.35 -4.64 27.15
N ARG C 238 43.93 -4.63 28.36
CA ARG C 238 44.23 -3.38 29.07
C ARG C 238 45.13 -2.44 28.25
N ASP C 239 46.02 -3.02 27.44
CA ASP C 239 46.86 -2.30 26.46
C ASP C 239 46.25 -2.27 25.04
N ALA C 240 44.92 -2.10 24.97
CA ALA C 240 44.18 -2.21 23.71
C ALA C 240 44.81 -1.35 22.59
N LEU C 241 45.06 -0.08 22.91
CA LEU C 241 45.47 0.92 21.91
C LEU C 241 46.82 0.60 21.29
N LYS C 242 47.79 0.30 22.15
CA LYS C 242 49.13 -0.11 21.76
C LYS C 242 49.08 -1.36 20.87
N PHE C 243 48.37 -2.39 21.31
CA PHE C 243 48.25 -3.60 20.51
C PHE C 243 47.49 -3.33 19.18
N ALA C 244 46.37 -2.60 19.27
CA ALA C 244 45.68 -2.12 18.07
C ALA C 244 46.63 -1.45 17.08
N ARG C 245 47.46 -0.53 17.60
CA ARG C 245 48.42 0.19 16.77
C ARG C 245 49.46 -0.76 16.16
N ALA C 246 49.67 -1.91 16.82
CA ALA C 246 50.48 -3.00 16.27
C ALA C 246 49.76 -3.75 15.13
N LEU C 247 48.51 -4.14 15.37
CA LEU C 247 47.68 -4.75 14.35
C LEU C 247 47.61 -3.88 13.09
N ALA C 248 47.63 -2.55 13.27
CA ALA C 248 47.58 -1.61 12.14
C ALA C 248 48.82 -1.73 11.27
N GLU C 249 49.95 -1.48 11.92
CA GLU C 249 51.29 -1.65 11.35
C GLU C 249 51.39 -2.89 10.47
N LEU C 250 50.93 -4.03 10.99
CA LEU C 250 51.02 -5.28 10.28
C LEU C 250 50.08 -5.37 9.08
N VAL C 251 48.82 -5.00 9.28
CA VAL C 251 47.81 -5.14 8.21
C VAL C 251 48.01 -4.18 7.02
N TYR C 252 48.23 -2.89 7.32
CA TYR C 252 48.41 -1.84 6.29
C TYR C 252 49.85 -1.75 5.73
N GLY C 253 50.81 -2.41 6.38
CA GLY C 253 52.20 -2.23 6.06
C GLY C 253 52.67 -0.89 6.58
N ALA D 2 13.40 14.30 18.70
CA ALA D 2 14.62 13.57 18.23
C ALA D 2 15.24 12.63 19.30
N ASN D 3 15.74 13.19 20.42
CA ASN D 3 16.30 12.35 21.50
C ASN D 3 15.23 11.87 22.50
N LEU D 4 14.92 10.57 22.43
CA LEU D 4 13.78 10.01 23.15
C LEU D 4 14.06 9.70 24.61
N THR D 5 15.28 9.29 24.92
CA THR D 5 15.70 9.20 26.33
C THR D 5 15.48 10.53 27.06
N GLU D 6 15.85 11.64 26.41
CA GLU D 6 15.69 12.98 26.95
C GLU D 6 14.23 13.33 27.17
N LYS D 7 13.40 13.01 26.17
CA LYS D 7 11.95 13.18 26.29
C LYS D 7 11.40 12.35 27.43
N PHE D 8 11.87 11.11 27.58
CA PHE D 8 11.47 10.28 28.70
C PHE D 8 11.82 10.92 30.06
N LEU D 9 13.08 11.34 30.22
CA LEU D 9 13.54 12.02 31.44
C LEU D 9 12.73 13.29 31.77
N ARG D 10 12.46 14.10 30.75
CA ARG D 10 11.66 15.31 30.89
C ARG D 10 10.25 15.02 31.40
N ILE D 11 9.65 13.92 30.93
CA ILE D 11 8.28 13.61 31.33
C ILE D 11 8.19 12.77 32.61
N PHE D 12 9.07 11.78 32.75
CA PHE D 12 8.99 10.81 33.83
C PHE D 12 10.03 11.01 34.95
N ALA D 13 10.89 12.02 34.81
CA ALA D 13 11.93 12.27 35.81
C ALA D 13 12.28 13.75 35.93
N ARG D 14 11.26 14.61 36.04
CA ARG D 14 11.50 16.04 36.17
C ARG D 14 12.33 16.42 37.41
N ARG D 15 12.23 15.61 38.46
CA ARG D 15 13.02 15.80 39.68
C ARG D 15 14.38 15.12 39.65
N GLY D 16 14.72 14.45 38.54
CA GLY D 16 16.00 13.82 38.34
C GLY D 16 16.05 12.36 38.73
N LYS D 17 14.98 11.89 39.39
CA LYS D 17 14.78 10.49 39.69
C LYS D 17 13.32 10.19 39.36
N SER D 18 12.93 8.92 39.41
CA SER D 18 11.64 8.53 38.87
C SER D 18 11.01 7.41 39.64
N ILE D 19 9.70 7.53 39.87
CA ILE D 19 8.87 6.42 40.37
C ILE D 19 7.69 6.20 39.42
N ILE D 20 7.60 4.99 38.87
CA ILE D 20 6.51 4.57 38.00
C ILE D 20 5.64 3.57 38.75
N LEU D 21 4.32 3.79 38.73
CA LEU D 21 3.37 2.84 39.32
C LEU D 21 2.91 1.81 38.28
N ALA D 22 3.43 0.60 38.42
CA ALA D 22 3.23 -0.47 37.45
C ALA D 22 1.89 -1.11 37.69
N TYR D 23 1.14 -1.37 36.63
CA TYR D 23 -0.19 -1.92 36.79
C TYR D 23 -0.61 -2.78 35.62
N ASP D 24 0.35 -3.52 35.06
CA ASP D 24 0.04 -4.49 34.03
C ASP D 24 -0.24 -5.85 34.64
N HIS D 25 -0.22 -5.90 35.96
CA HIS D 25 -0.40 -7.15 36.71
C HIS D 25 -1.68 -7.94 36.42
N GLY D 26 -2.75 -7.25 36.02
CA GLY D 26 -4.02 -7.90 35.76
C GLY D 26 -3.92 -8.99 34.72
N ILE D 27 -3.05 -8.79 33.71
CA ILE D 27 -2.87 -9.79 32.68
C ILE D 27 -1.73 -10.72 33.04
N GLU D 28 -0.63 -10.15 33.51
CA GLU D 28 0.60 -10.89 33.76
C GLU D 28 0.43 -11.97 34.83
N HIS D 29 -0.27 -11.64 35.92
CA HIS D 29 -0.38 -12.53 37.07
C HIS D 29 -1.84 -12.85 37.35
N GLY D 30 -2.74 -12.01 36.86
CA GLY D 30 -4.14 -12.16 37.17
C GLY D 30 -4.54 -11.38 38.43
N PRO D 31 -5.82 -11.42 38.76
CA PRO D 31 -6.39 -10.56 39.78
C PRO D 31 -6.27 -11.07 41.22
N ALA D 32 -5.69 -12.24 41.46
CA ALA D 32 -5.57 -12.80 42.81
C ALA D 32 -4.85 -11.88 43.82
N ASP D 33 -3.78 -11.21 43.41
CA ASP D 33 -3.05 -10.29 44.28
C ASP D 33 -3.84 -9.02 44.67
N PHE D 34 -4.89 -8.72 43.89
CA PHE D 34 -5.77 -7.60 44.18
C PHE D 34 -6.60 -7.84 45.45
N MET D 35 -6.64 -9.08 45.91
CA MET D 35 -7.51 -9.44 47.05
C MET D 35 -7.05 -8.86 48.41
N ASP D 36 -5.73 -8.76 48.60
CA ASP D 36 -5.15 -8.19 49.81
C ASP D 36 -5.61 -6.75 50.11
N ASN D 37 -5.73 -5.96 49.05
CA ASN D 37 -6.23 -4.58 49.11
C ASN D 37 -7.22 -4.35 47.95
N PRO D 38 -8.49 -4.75 48.15
CA PRO D 38 -9.48 -4.86 47.06
C PRO D 38 -9.61 -3.68 46.10
N ASP D 39 -9.38 -2.46 46.58
CA ASP D 39 -9.43 -1.25 45.75
C ASP D 39 -8.42 -1.27 44.58
N SER D 40 -7.36 -2.06 44.73
CA SER D 40 -6.30 -2.15 43.74
C SER D 40 -6.80 -2.80 42.45
N ALA D 41 -7.92 -3.52 42.51
CA ALA D 41 -8.58 -4.05 41.32
C ALA D 41 -9.18 -2.94 40.45
N ASP D 42 -9.39 -1.77 41.07
CA ASP D 42 -9.94 -0.60 40.39
C ASP D 42 -8.84 0.32 39.83
N PRO D 43 -8.72 0.44 38.50
CA PRO D 43 -7.70 1.31 37.90
C PRO D 43 -7.84 2.78 38.30
N GLU D 44 -9.05 3.22 38.62
CA GLU D 44 -9.33 4.59 39.05
C GLU D 44 -8.62 4.89 40.37
N TYR D 45 -8.60 3.88 41.24
CA TYR D 45 -7.89 3.95 42.50
C TYR D 45 -6.38 4.12 42.28
N ILE D 46 -5.86 3.41 41.27
CA ILE D 46 -4.43 3.40 40.93
C ILE D 46 -4.01 4.78 40.42
N LEU D 47 -4.83 5.39 39.57
CA LEU D 47 -4.58 6.75 39.09
C LEU D 47 -4.57 7.78 40.24
N ARG D 48 -5.57 7.70 41.13
CA ARG D 48 -5.61 8.54 42.32
C ARG D 48 -4.37 8.33 43.19
N LEU D 49 -4.00 7.08 43.36
CA LEU D 49 -2.86 6.71 44.17
C LEU D 49 -1.58 7.29 43.59
N ALA D 50 -1.39 7.17 42.28
CA ALA D 50 -0.19 7.67 41.62
C ALA D 50 -0.08 9.18 41.80
N ARG D 51 -1.20 9.85 41.62
CA ARG D 51 -1.26 11.29 41.62
C ARG D 51 -1.04 11.81 43.03
N ASP D 52 -1.78 11.25 43.99
CA ASP D 52 -1.68 11.67 45.39
C ASP D 52 -0.30 11.41 45.99
N ALA D 53 0.41 10.41 45.48
CA ALA D 53 1.76 10.13 45.97
C ALA D 53 2.83 10.99 45.28
N GLY D 54 2.41 11.78 44.28
CA GLY D 54 3.35 12.55 43.48
C GLY D 54 4.23 11.74 42.51
N PHE D 55 3.88 10.48 42.21
CA PHE D 55 4.67 9.64 41.29
C PHE D 55 4.73 10.21 39.88
N ASP D 56 5.57 9.65 39.03
CA ASP D 56 5.81 10.18 37.68
C ASP D 56 4.95 9.59 36.59
N GLY D 57 4.46 8.36 36.81
CA GLY D 57 3.73 7.69 35.77
C GLY D 57 3.06 6.43 36.23
N VAL D 58 2.21 5.92 35.34
CA VAL D 58 1.57 4.60 35.49
C VAL D 58 1.82 3.78 34.23
N VAL D 59 1.79 2.46 34.40
CA VAL D 59 1.89 1.52 33.27
C VAL D 59 0.58 0.76 33.19
N PHE D 60 -0.11 0.93 32.07
CA PHE D 60 -1.38 0.28 31.77
C PHE D 60 -1.23 -0.52 30.47
N GLN D 61 -1.91 -1.66 30.42
CA GLN D 61 -2.24 -2.31 29.17
C GLN D 61 -3.29 -1.46 28.44
N ARG D 62 -3.35 -1.64 27.13
CA ARG D 62 -4.25 -0.84 26.32
C ARG D 62 -5.73 -0.85 26.78
N GLY D 63 -6.25 -2.01 27.16
CA GLY D 63 -7.62 -2.13 27.67
C GLY D 63 -7.90 -1.22 28.84
N ILE D 64 -7.02 -1.25 29.83
CA ILE D 64 -7.14 -0.40 30.99
C ILE D 64 -6.96 1.08 30.62
N ALA D 65 -6.01 1.37 29.72
CA ALA D 65 -5.77 2.73 29.28
C ALA D 65 -7.02 3.28 28.60
N GLU D 66 -7.60 2.48 27.72
CA GLU D 66 -8.75 2.89 26.93
C GLU D 66 -9.95 3.16 27.80
N LYS D 67 -10.22 2.27 28.74
CA LYS D 67 -11.40 2.45 29.59
C LYS D 67 -11.20 3.41 30.76
N TYR D 68 -9.97 3.58 31.25
CA TYR D 68 -9.76 4.36 32.47
C TYR D 68 -8.84 5.58 32.41
N TYR D 69 -7.92 5.63 31.46
CA TYR D 69 -6.90 6.69 31.51
C TYR D 69 -7.55 8.07 31.33
N ASP D 70 -7.19 8.99 32.23
CA ASP D 70 -7.83 10.31 32.26
C ASP D 70 -6.82 11.45 32.11
N GLY D 71 -5.58 11.14 31.73
CA GLY D 71 -4.57 12.15 31.49
C GLY D 71 -3.98 12.80 32.74
N SER D 72 -4.28 12.25 33.91
CA SER D 72 -3.93 12.91 35.15
C SER D 72 -2.51 12.60 35.65
N VAL D 73 -1.91 11.57 35.06
CA VAL D 73 -0.57 11.10 35.38
C VAL D 73 -0.01 10.56 34.06
N PRO D 74 1.22 10.94 33.69
CA PRO D 74 1.83 10.43 32.44
C PRO D 74 1.69 8.91 32.34
N LEU D 75 1.36 8.42 31.14
CA LEU D 75 1.12 6.99 30.89
C LEU D 75 2.20 6.35 30.04
N ILE D 76 2.67 5.18 30.49
CA ILE D 76 3.45 4.26 29.67
C ILE D 76 2.47 3.18 29.28
N LEU D 77 2.19 3.03 27.99
CA LEU D 77 1.29 1.98 27.49
C LEU D 77 2.16 0.75 27.27
N LYS D 78 1.93 -0.28 28.08
CA LYS D 78 2.63 -1.57 27.95
C LYS D 78 1.97 -2.32 26.80
N LEU D 79 2.72 -2.52 25.71
CA LEU D 79 2.19 -3.03 24.46
C LEU D 79 1.96 -4.53 24.43
N ASN D 80 2.84 -5.29 25.06
CA ASN D 80 2.66 -6.72 25.08
C ASN D 80 2.29 -7.23 26.45
N GLY D 81 1.76 -8.45 26.49
CA GLY D 81 1.37 -9.10 27.73
C GLY D 81 1.18 -10.59 27.53
N LYS D 82 1.48 -11.35 28.58
CA LYS D 82 1.20 -12.78 28.61
C LYS D 82 0.67 -13.15 29.99
N THR D 83 0.26 -14.40 30.17
CA THR D 83 -0.28 -14.87 31.43
C THR D 83 0.63 -15.88 32.08
N THR D 84 0.45 -16.07 33.39
CA THR D 84 1.15 -17.14 34.13
C THR D 84 0.53 -18.52 33.86
N LEU D 85 -0.65 -18.57 33.26
CA LEU D 85 -1.28 -19.83 32.95
C LEU D 85 -0.52 -20.51 31.81
N TYR D 86 0.16 -19.70 31.01
CA TYR D 86 0.96 -20.17 29.89
C TYR D 86 2.14 -21.05 30.34
N ASN D 87 2.42 -22.12 29.61
CA ASN D 87 3.49 -23.05 29.98
C ASN D 87 4.65 -23.21 29.02
N GLY D 88 4.56 -22.66 27.81
CA GLY D 88 5.62 -22.85 26.82
C GLY D 88 6.90 -22.05 27.08
N GLU D 89 7.77 -21.97 26.07
CA GLU D 89 8.92 -21.08 26.11
C GLU D 89 8.36 -19.67 26.25
N PRO D 90 8.94 -18.87 27.13
CA PRO D 90 8.42 -17.51 27.43
C PRO D 90 8.29 -16.66 26.16
N VAL D 91 7.10 -16.14 25.93
CA VAL D 91 6.84 -15.27 24.81
C VAL D 91 5.73 -14.29 25.22
N SER D 92 5.83 -13.06 24.73
CA SER D 92 4.81 -12.06 24.97
C SER D 92 4.68 -11.20 23.74
N VAL D 93 3.52 -11.22 23.12
CA VAL D 93 3.33 -10.50 21.87
C VAL D 93 2.50 -9.25 22.10
N ALA D 94 2.65 -8.27 21.22
CA ALA D 94 1.91 -7.03 21.28
C ALA D 94 0.41 -7.28 21.06
N ASN D 95 -0.41 -6.76 21.97
CA ASN D 95 -1.87 -6.75 21.78
C ASN D 95 -2.37 -5.37 21.36
N CYS D 96 -1.40 -4.48 21.09
CA CYS D 96 -1.70 -3.11 20.66
C CYS D 96 -0.53 -2.49 19.91
N SER D 97 -0.62 -1.19 19.63
CA SER D 97 0.35 -0.55 18.76
C SER D 97 0.75 0.81 19.30
N VAL D 98 1.92 1.30 18.84
CA VAL D 98 2.38 2.62 19.18
C VAL D 98 1.36 3.65 18.72
N GLU D 99 0.89 3.55 17.48
CA GLU D 99 -0.09 4.50 16.93
C GLU D 99 -1.34 4.64 17.80
N GLU D 100 -1.86 3.52 18.29
CA GLU D 100 -3.03 3.56 19.17
C GLU D 100 -2.69 4.14 20.56
N ALA D 101 -1.50 3.80 21.06
CA ALA D 101 -1.01 4.36 22.30
C ALA D 101 -0.97 5.88 22.24
N VAL D 102 -0.50 6.40 21.10
CA VAL D 102 -0.45 7.85 20.89
C VAL D 102 -1.82 8.46 21.06
N SER D 103 -2.81 7.86 20.41
CA SER D 103 -4.16 8.39 20.40
C SER D 103 -4.84 8.23 21.77
N LEU D 104 -4.32 7.34 22.62
CA LEU D 104 -4.83 7.19 23.98
C LEU D 104 -4.13 8.12 24.98
N GLY D 105 -3.20 8.93 24.49
CA GLY D 105 -2.52 9.89 25.33
C GLY D 105 -1.32 9.33 26.07
N ALA D 106 -0.71 8.26 25.56
CA ALA D 106 0.49 7.73 26.18
C ALA D 106 1.65 8.69 25.99
N SER D 107 2.56 8.75 26.95
CA SER D 107 3.80 9.51 26.77
C SER D 107 5.01 8.61 26.47
N ALA D 108 4.81 7.29 26.56
CA ALA D 108 5.87 6.31 26.29
C ALA D 108 5.22 4.98 26.03
N VAL D 109 5.98 4.05 25.46
CA VAL D 109 5.48 2.69 25.25
C VAL D 109 6.38 1.65 25.93
N GLY D 110 5.78 0.53 26.28
CA GLY D 110 6.51 -0.50 26.99
C GLY D 110 6.46 -1.83 26.28
N TYR D 111 7.54 -2.59 26.39
CA TYR D 111 7.62 -3.88 25.72
C TYR D 111 8.54 -4.81 26.47
N THR D 112 8.09 -6.03 26.73
CA THR D 112 8.88 -7.02 27.45
C THR D 112 9.59 -7.89 26.47
N ILE D 113 10.86 -8.16 26.73
CA ILE D 113 11.59 -9.21 26.02
C ILE D 113 12.06 -10.25 27.03
N TYR D 114 12.18 -11.49 26.60
CA TYR D 114 12.76 -12.57 27.42
C TYR D 114 14.02 -13.16 26.76
N PRO D 115 15.15 -12.45 26.87
CA PRO D 115 16.39 -12.95 26.28
C PRO D 115 16.65 -14.40 26.74
N GLY D 116 17.11 -15.26 25.82
CA GLY D 116 17.39 -16.65 26.15
C GLY D 116 16.25 -17.59 25.83
N SER D 117 15.03 -17.07 25.80
CA SER D 117 13.85 -17.89 25.51
C SER D 117 13.99 -18.53 24.14
N GLY D 118 13.40 -19.72 23.98
CA GLY D 118 13.38 -20.38 22.69
C GLY D 118 12.60 -19.54 21.70
N PHE D 119 11.87 -18.56 22.20
CA PHE D 119 11.10 -17.64 21.37
C PHE D 119 11.73 -16.23 21.35
N GLU D 120 13.01 -16.13 21.69
CA GLU D 120 13.65 -14.81 21.83
C GLU D 120 13.55 -14.06 20.50
N TRP D 121 13.77 -14.76 19.41
CA TRP D 121 13.65 -14.20 18.07
C TRP D 121 12.28 -13.58 17.77
N LYS D 122 11.21 -14.18 18.27
CA LYS D 122 9.88 -13.68 18.00
C LYS D 122 9.71 -12.26 18.58
N MET D 123 10.17 -12.08 19.82
CA MET D 123 10.15 -10.75 20.43
C MET D 123 11.10 -9.72 19.83
N PHE D 124 12.24 -10.16 19.31
CA PHE D 124 13.21 -9.20 18.75
C PHE D 124 12.67 -8.70 17.39
N GLU D 125 12.06 -9.62 16.66
CA GLU D 125 11.38 -9.37 15.38
C GLU D 125 10.31 -8.31 15.57
N GLU D 126 9.45 -8.55 16.55
CA GLU D 126 8.38 -7.61 16.84
C GLU D 126 8.94 -6.29 17.42
N LEU D 127 9.93 -6.37 18.31
CA LEU D 127 10.59 -5.17 18.81
C LEU D 127 11.10 -4.23 17.72
N ALA D 128 11.67 -4.77 16.66
CA ALA D 128 12.10 -3.99 15.51
C ALA D 128 11.00 -3.09 14.97
N ARG D 129 9.79 -3.64 14.79
CA ARG D 129 8.66 -2.86 14.32
C ARG D 129 8.26 -1.82 15.35
N ILE D 130 8.23 -2.19 16.61
CA ILE D 130 7.74 -1.31 17.66
C ILE D 130 8.71 -0.16 17.90
N LYS D 131 10.01 -0.47 17.89
CA LYS D 131 11.06 0.54 17.98
C LYS D 131 10.94 1.55 16.82
N ARG D 132 10.80 1.04 15.59
CA ARG D 132 10.59 1.90 14.44
C ARG D 132 9.38 2.81 14.65
N ASP D 133 8.25 2.23 15.07
CA ASP D 133 7.05 3.02 15.39
C ASP D 133 7.27 4.06 16.51
N ALA D 134 8.00 3.69 17.56
CA ALA D 134 8.26 4.59 18.68
C ALA D 134 8.99 5.84 18.19
N VAL D 135 10.01 5.63 17.36
CA VAL D 135 10.74 6.74 16.75
C VAL D 135 9.79 7.56 15.87
N LYS D 136 8.99 6.88 15.05
CA LYS D 136 8.10 7.58 14.14
C LYS D 136 7.08 8.47 14.87
N PHE D 137 6.54 7.97 15.99
CA PHE D 137 5.55 8.72 16.77
C PHE D 137 6.19 9.54 17.90
N ASP D 138 7.52 9.53 17.98
CA ASP D 138 8.23 10.30 19.00
C ASP D 138 7.80 9.90 20.42
N LEU D 139 7.70 8.59 20.65
CA LEU D 139 7.32 8.06 21.95
C LEU D 139 8.48 7.22 22.48
N PRO D 140 9.06 7.58 23.62
CA PRO D 140 10.14 6.77 24.17
C PRO D 140 9.74 5.31 24.33
N LEU D 141 10.66 4.39 24.05
CA LEU D 141 10.45 2.95 24.21
C LEU D 141 11.11 2.53 25.52
N VAL D 142 10.31 2.00 26.44
CA VAL D 142 10.78 1.44 27.71
C VAL D 142 10.79 -0.07 27.55
N VAL D 143 11.97 -0.67 27.69
CA VAL D 143 12.06 -2.14 27.56
C VAL D 143 12.15 -2.82 28.91
N TRP D 144 11.23 -3.74 29.16
CA TRP D 144 11.31 -4.59 30.34
C TRP D 144 12.20 -5.68 29.87
N SER D 145 13.35 -5.85 30.47
CA SER D 145 14.30 -6.85 29.96
C SER D 145 14.45 -7.98 30.99
N TYR D 146 13.86 -9.13 30.68
CA TYR D 146 13.73 -10.22 31.65
C TYR D 146 14.26 -11.56 31.06
N PRO D 147 15.56 -11.78 31.10
CA PRO D 147 16.11 -13.06 30.61
C PRO D 147 15.41 -14.24 31.28
N ARG D 148 15.01 -15.23 30.49
CA ARG D 148 14.15 -16.29 30.96
C ARG D 148 14.04 -17.33 29.90
N GLY D 149 14.13 -18.60 30.30
CA GLY D 149 14.16 -19.72 29.37
C GLY D 149 15.64 -19.99 29.03
N GLY D 150 15.87 -20.87 28.07
CA GLY D 150 17.20 -21.24 27.64
C GLY D 150 18.12 -21.62 28.78
N LYS D 151 19.23 -20.92 28.86
CA LYS D 151 20.25 -21.20 29.86
C LYS D 151 20.00 -20.48 31.21
N VAL D 152 19.07 -19.54 31.23
CA VAL D 152 18.79 -18.77 32.44
C VAL D 152 18.23 -19.67 33.53
N VAL D 153 18.95 -19.76 34.65
CA VAL D 153 18.46 -20.49 35.83
C VAL D 153 18.13 -19.51 36.96
N ASN D 154 19.07 -18.64 37.31
CA ASN D 154 18.82 -17.64 38.32
C ASN D 154 18.68 -16.26 37.66
N GLU D 155 17.46 -15.73 37.65
CA GLU D 155 17.15 -14.47 37.01
C GLU D 155 17.80 -13.24 37.66
N THR D 156 18.04 -13.28 38.97
CA THR D 156 18.64 -12.15 39.66
C THR D 156 20.16 -12.27 39.79
N ALA D 157 20.73 -13.31 39.19
CA ALA D 157 22.19 -13.43 39.13
C ALA D 157 22.79 -12.16 38.50
N PRO D 158 23.90 -11.67 39.07
CA PRO D 158 24.50 -10.41 38.58
C PRO D 158 24.87 -10.45 37.09
N GLU D 159 25.32 -11.59 36.59
CA GLU D 159 25.67 -11.66 35.17
C GLU D 159 24.42 -11.63 34.27
N ILE D 160 23.32 -12.18 34.78
CA ILE D 160 22.08 -12.20 34.03
C ILE D 160 21.41 -10.82 33.96
N VAL D 161 21.36 -10.13 35.10
CA VAL D 161 20.83 -8.77 35.16
C VAL D 161 21.68 -7.81 34.33
N ALA D 162 23.00 -7.98 34.38
CA ALA D 162 23.89 -7.20 33.52
C ALA D 162 23.60 -7.47 32.04
N TYR D 163 23.41 -8.73 31.68
CA TYR D 163 23.12 -9.09 30.28
C TYR D 163 21.82 -8.40 29.87
N ALA D 164 20.82 -8.50 30.76
CA ALA D 164 19.49 -7.94 30.54
C ALA D 164 19.59 -6.45 30.21
N ALA D 165 20.43 -5.74 30.96
CA ALA D 165 20.59 -4.32 30.79
C ALA D 165 21.27 -4.02 29.45
N ARG D 166 22.32 -4.76 29.15
CA ARG D 166 23.05 -4.51 27.91
C ARG D 166 22.19 -4.80 26.70
N ILE D 167 21.54 -5.96 26.70
CA ILE D 167 20.57 -6.25 25.62
C ILE D 167 19.59 -5.11 25.37
N ALA D 168 18.99 -4.55 26.43
CA ALA D 168 18.04 -3.46 26.25
C ALA D 168 18.65 -2.25 25.54
N LEU D 169 19.84 -1.86 25.96
CA LEU D 169 20.59 -0.82 25.28
C LEU D 169 20.87 -1.13 23.80
N GLU D 170 21.35 -2.34 23.54
CA GLU D 170 21.66 -2.78 22.17
C GLU D 170 20.44 -2.73 21.24
N LEU D 171 19.26 -3.07 21.77
CA LEU D 171 18.06 -3.19 20.95
C LEU D 171 17.29 -1.91 20.75
N GLY D 172 17.71 -0.83 21.42
CA GLY D 172 17.12 0.46 21.16
C GLY D 172 16.28 1.04 22.27
N ALA D 173 16.28 0.41 23.43
CA ALA D 173 15.57 0.96 24.60
C ALA D 173 15.97 2.41 24.92
N ASP D 174 14.99 3.27 25.18
CA ASP D 174 15.29 4.63 25.61
C ASP D 174 15.29 4.72 27.14
N ALA D 175 14.65 3.74 27.76
CA ALA D 175 14.72 3.56 29.22
C ALA D 175 14.49 2.06 29.40
N MET D 176 14.92 1.51 30.52
CA MET D 176 14.72 0.08 30.74
C MET D 176 14.31 -0.22 32.17
N LYS D 177 13.78 -1.42 32.34
CA LYS D 177 13.29 -1.91 33.61
C LYS D 177 13.86 -3.32 33.78
N ILE D 178 14.61 -3.53 34.86
CA ILE D 178 15.30 -4.79 35.10
C ILE D 178 15.18 -5.21 36.55
N LYS D 179 15.41 -6.49 36.82
CA LYS D 179 15.36 -7.01 38.17
C LYS D 179 16.59 -6.57 38.98
N TYR D 180 16.40 -6.35 40.27
CA TYR D 180 17.48 -6.07 41.21
C TYR D 180 18.31 -7.32 41.47
N THR D 181 19.63 -7.15 41.65
CA THR D 181 20.53 -8.27 41.96
C THR D 181 20.46 -8.68 43.43
N GLY D 182 19.95 -7.80 44.29
CA GLY D 182 20.02 -7.99 45.71
C GLY D 182 21.10 -7.16 46.41
N ASP D 183 22.11 -6.70 45.68
CA ASP D 183 23.12 -5.80 46.26
C ASP D 183 23.57 -4.70 45.28
N PRO D 184 23.80 -3.50 45.80
CA PRO D 184 24.14 -2.35 44.97
C PRO D 184 25.47 -2.45 44.19
N LYS D 185 26.40 -3.30 44.65
CA LYS D 185 27.67 -3.45 43.95
C LYS D 185 27.49 -4.06 42.55
N THR D 186 26.84 -5.22 42.50
CA THR D 186 26.59 -5.89 41.21
C THR D 186 25.53 -5.15 40.38
N PHE D 187 24.58 -4.50 41.04
CA PHE D 187 23.57 -3.75 40.31
C PHE D 187 24.15 -2.54 39.60
N SER D 188 25.21 -1.95 40.16
CA SER D 188 25.80 -0.81 39.50
C SER D 188 26.63 -1.20 38.25
N TRP D 189 27.07 -2.46 38.14
CA TRP D 189 27.64 -2.95 36.89
C TRP D 189 26.55 -3.03 35.80
N ALA D 190 25.37 -3.51 36.17
CA ALA D 190 24.23 -3.51 35.24
C ALA D 190 23.94 -2.09 34.78
N VAL D 191 23.90 -1.14 35.71
CA VAL D 191 23.64 0.27 35.40
C VAL D 191 24.73 0.83 34.48
N LYS D 192 25.99 0.50 34.76
CA LYS D 192 27.12 0.91 33.91
C LYS D 192 27.06 0.41 32.47
N VAL D 193 26.72 -0.86 32.28
CA VAL D 193 26.65 -1.41 30.93
C VAL D 193 25.45 -0.89 30.13
N ALA D 194 24.46 -0.33 30.84
CA ALA D 194 23.31 0.30 30.20
C ALA D 194 23.70 1.62 29.55
N GLY D 195 24.84 2.20 29.95
CA GLY D 195 25.33 3.43 29.36
C GLY D 195 24.40 4.61 29.54
N LYS D 196 24.17 5.34 28.46
CA LYS D 196 23.24 6.49 28.43
C LYS D 196 21.77 6.13 28.75
N VAL D 197 21.40 4.85 28.73
CA VAL D 197 19.99 4.49 28.93
C VAL D 197 19.62 4.31 30.40
N PRO D 198 18.71 5.13 30.92
CA PRO D 198 18.34 5.05 32.33
C PRO D 198 17.68 3.71 32.71
N VAL D 199 17.98 3.26 33.93
CA VAL D 199 17.55 1.98 34.45
C VAL D 199 16.57 2.19 35.59
N LEU D 200 15.40 1.55 35.50
CA LEU D 200 14.44 1.47 36.62
C LEU D 200 14.42 0.08 37.17
N MET D 201 14.41 -0.03 38.49
CA MET D 201 14.31 -1.32 39.18
C MET D 201 12.89 -1.85 39.07
N SER D 202 12.76 -3.10 38.68
CA SER D 202 11.48 -3.79 38.70
C SER D 202 11.16 -4.12 40.15
N GLY D 203 10.04 -3.57 40.65
CA GLY D 203 9.66 -3.69 42.05
C GLY D 203 9.57 -5.12 42.61
N GLY D 204 8.77 -5.97 41.94
CA GLY D 204 8.65 -7.38 42.27
C GLY D 204 7.60 -7.73 43.31
N PRO D 205 7.64 -8.97 43.83
CA PRO D 205 6.69 -9.44 44.84
C PRO D 205 6.77 -8.66 46.15
N LYS D 206 5.64 -8.48 46.84
CA LYS D 206 5.57 -7.66 48.05
C LYS D 206 6.53 -8.19 49.13
N THR D 207 7.52 -7.38 49.50
CA THR D 207 8.53 -7.80 50.48
C THR D 207 7.90 -7.95 51.87
N LYS D 208 8.32 -9.00 52.59
CA LYS D 208 8.07 -9.09 54.03
C LYS D 208 8.79 -7.89 54.67
N THR D 209 8.03 -7.05 55.37
CA THR D 209 8.47 -5.73 55.87
C THR D 209 8.73 -4.66 54.78
N GLU D 210 8.31 -3.43 55.10
CA GLU D 210 8.43 -2.28 54.23
C GLU D 210 9.89 -1.79 54.14
N GLU D 211 10.64 -1.95 55.23
CA GLU D 211 12.08 -1.61 55.30
C GLU D 211 12.92 -2.51 54.39
N ASP D 212 12.53 -3.77 54.29
CA ASP D 212 13.13 -4.70 53.36
C ASP D 212 13.10 -4.13 51.93
N PHE D 213 12.00 -3.46 51.55
CA PHE D 213 11.87 -2.84 50.22
C PHE D 213 12.62 -1.53 50.16
N LEU D 214 12.46 -0.69 51.17
CA LEU D 214 13.10 0.62 51.21
C LEU D 214 14.62 0.51 51.06
N LYS D 215 15.20 -0.58 51.56
CA LYS D 215 16.64 -0.79 51.45
C LYS D 215 17.02 -1.13 50.01
N GLN D 216 16.25 -2.02 49.39
CA GLN D 216 16.49 -2.34 48.00
C GLN D 216 16.51 -1.00 47.26
N VAL D 217 15.49 -0.18 47.51
CA VAL D 217 15.38 1.11 46.84
C VAL D 217 16.64 1.95 47.03
N GLU D 218 17.08 2.09 48.28
CA GLU D 218 18.29 2.88 48.57
C GLU D 218 19.54 2.35 47.82
N GLY D 219 19.73 1.02 47.79
CA GLY D 219 20.83 0.43 47.05
C GLY D 219 20.76 0.61 45.52
N VAL D 220 19.55 0.56 44.99
CA VAL D 220 19.31 0.79 43.58
C VAL D 220 19.69 2.23 43.21
N LEU D 221 19.34 3.17 44.08
CA LEU D 221 19.54 4.58 43.78
C LEU D 221 21.03 4.92 43.76
N GLU D 222 21.75 4.36 44.74
CA GLU D 222 23.16 4.63 44.88
C GLU D 222 24.00 3.85 43.86
N ALA D 223 23.44 2.72 43.35
CA ALA D 223 23.99 2.00 42.20
C ALA D 223 23.86 2.87 40.95
N GLY D 224 23.01 3.89 41.03
CA GLY D 224 22.91 4.90 39.98
C GLY D 224 21.73 4.71 39.06
N ALA D 225 20.78 3.89 39.48
CA ALA D 225 19.54 3.73 38.75
C ALA D 225 18.72 5.02 38.81
N LEU D 226 17.88 5.22 37.80
CA LEU D 226 17.00 6.40 37.75
C LEU D 226 15.85 6.31 38.78
N GLY D 227 15.52 5.10 39.22
CA GLY D 227 14.50 4.91 40.22
C GLY D 227 13.83 3.55 40.09
N ILE D 228 12.53 3.52 40.38
CA ILE D 228 11.80 2.27 40.50
C ILE D 228 10.49 2.25 39.68
N ALA D 229 10.15 1.07 39.19
CA ALA D 229 8.82 0.84 38.67
C ALA D 229 8.19 -0.16 39.62
N VAL D 230 7.34 0.36 40.49
CA VAL D 230 6.80 -0.40 41.59
C VAL D 230 5.30 -0.69 41.35
N GLY D 231 4.87 -1.91 41.66
CA GLY D 231 3.46 -2.29 41.54
C GLY D 231 2.94 -2.78 42.88
N ARG D 232 3.08 -4.08 43.10
CA ARG D 232 2.52 -4.77 44.27
C ARG D 232 3.00 -4.22 45.60
N ASN D 233 4.27 -3.86 45.65
CA ASN D 233 4.82 -3.31 46.86
C ASN D 233 4.22 -1.96 47.32
N VAL D 234 3.50 -1.31 46.43
CA VAL D 234 2.64 -0.20 46.83
C VAL D 234 1.19 -0.68 46.92
N TRP D 235 0.55 -0.99 45.79
CA TRP D 235 -0.90 -1.19 45.78
C TRP D 235 -1.46 -2.47 46.43
N GLN D 236 -0.60 -3.43 46.75
CA GLN D 236 -1.03 -4.62 47.49
C GLN D 236 -1.14 -4.33 49.00
N ARG D 237 -0.56 -3.21 49.43
CA ARG D 237 -0.56 -2.77 50.84
C ARG D 237 -1.79 -1.98 51.26
N ARG D 238 -2.26 -2.31 52.47
CA ARG D 238 -3.37 -1.63 53.15
C ARG D 238 -3.01 -0.17 53.45
N ASP D 239 -1.72 0.08 53.67
CA ASP D 239 -1.18 1.41 53.90
C ASP D 239 -0.53 1.94 52.62
N ALA D 240 -1.27 1.83 51.51
CA ALA D 240 -0.73 2.10 50.18
C ALA D 240 -0.17 3.51 50.01
N LEU D 241 -1.01 4.50 50.32
CA LEU D 241 -0.64 5.90 50.18
C LEU D 241 0.47 6.36 51.16
N LYS D 242 0.49 5.83 52.38
CA LYS D 242 1.59 6.12 53.32
C LYS D 242 2.95 5.72 52.73
N PHE D 243 3.05 4.45 52.32
CA PHE D 243 4.29 3.88 51.79
C PHE D 243 4.74 4.55 50.50
N ALA D 244 3.78 4.81 49.61
CA ALA D 244 4.05 5.56 48.37
C ALA D 244 4.64 6.95 48.66
N ARG D 245 4.09 7.65 49.67
CA ARG D 245 4.61 8.95 50.10
C ARG D 245 5.98 8.84 50.79
N ALA D 246 6.23 7.72 51.47
CA ALA D 246 7.58 7.45 51.99
C ALA D 246 8.54 6.97 50.89
N LEU D 247 7.98 6.36 49.86
CA LEU D 247 8.81 5.91 48.80
C LEU D 247 9.27 7.13 48.03
N ALA D 248 8.36 8.08 47.87
CA ALA D 248 8.65 9.32 47.15
C ALA D 248 9.76 10.13 47.83
N GLU D 249 9.58 10.47 49.11
CA GLU D 249 10.57 11.26 49.81
C GLU D 249 11.95 10.66 49.64
N LEU D 250 12.05 9.33 49.61
CA LEU D 250 13.33 8.63 49.44
C LEU D 250 13.91 8.77 48.01
N VAL D 251 13.06 8.58 47.01
CA VAL D 251 13.54 8.59 45.65
C VAL D 251 13.89 9.99 45.18
N TYR D 252 12.97 10.94 45.33
CA TYR D 252 13.22 12.31 44.92
C TYR D 252 14.15 13.17 45.84
N GLY D 253 14.49 12.69 47.04
CA GLY D 253 15.39 13.42 47.95
C GLY D 253 14.87 14.75 48.49
N ALA E 2 -17.45 6.73 19.66
CA ALA E 2 -16.25 6.78 20.56
C ALA E 2 -16.23 5.72 21.68
N ASN E 3 -17.21 5.75 22.59
CA ASN E 3 -17.28 4.75 23.67
C ASN E 3 -18.08 3.49 23.26
N LEU E 4 -17.35 2.39 23.08
CA LEU E 4 -17.93 1.19 22.46
C LEU E 4 -18.70 0.32 23.43
N THR E 5 -18.27 0.29 24.69
CA THR E 5 -19.08 -0.36 25.73
C THR E 5 -20.49 0.28 25.81
N GLU E 6 -20.54 1.61 25.74
CA GLU E 6 -21.82 2.34 25.73
C GLU E 6 -22.68 2.00 24.52
N LYS E 7 -22.06 1.96 23.34
CA LYS E 7 -22.73 1.53 22.11
C LYS E 7 -23.27 0.11 22.26
N PHE E 8 -22.47 -0.79 22.83
CA PHE E 8 -22.92 -2.16 23.09
C PHE E 8 -24.15 -2.20 23.99
N LEU E 9 -24.10 -1.47 25.11
CA LEU E 9 -25.21 -1.41 26.06
C LEU E 9 -26.48 -0.84 25.44
N ARG E 10 -26.35 0.25 24.71
CA ARG E 10 -27.47 0.84 24.02
C ARG E 10 -28.13 -0.14 23.03
N ILE E 11 -27.35 -0.98 22.35
CA ILE E 11 -27.90 -1.89 21.34
C ILE E 11 -28.34 -3.22 21.94
N PHE E 12 -27.53 -3.77 22.83
CA PHE E 12 -27.76 -5.12 23.35
C PHE E 12 -28.31 -5.16 24.78
N ALA E 13 -28.54 -4.00 25.38
CA ALA E 13 -29.09 -3.99 26.74
C ALA E 13 -29.95 -2.76 27.00
N ARG E 14 -30.86 -2.45 26.08
CA ARG E 14 -31.72 -1.28 26.24
C ARG E 14 -32.53 -1.33 27.55
N ARG E 15 -32.84 -2.52 28.02
CA ARG E 15 -33.59 -2.70 29.26
C ARG E 15 -32.69 -2.73 30.50
N GLY E 16 -31.39 -2.61 30.30
CA GLY E 16 -30.45 -2.59 31.42
C GLY E 16 -29.83 -3.94 31.75
N LYS E 17 -30.41 -5.00 31.20
CA LYS E 17 -29.83 -6.33 31.23
C LYS E 17 -29.94 -6.91 29.83
N SER E 18 -29.33 -8.06 29.62
CA SER E 18 -29.12 -8.55 28.26
C SER E 18 -29.22 -10.06 28.16
N ILE E 19 -29.89 -10.51 27.10
CA ILE E 19 -29.88 -11.93 26.71
C ILE E 19 -29.45 -12.00 25.26
N ILE E 20 -28.40 -12.78 25.01
CA ILE E 20 -27.90 -13.04 23.66
C ILE E 20 -28.16 -14.50 23.34
N LEU E 21 -28.75 -14.77 22.17
CA LEU E 21 -28.89 -16.13 21.69
C LEU E 21 -27.65 -16.55 20.88
N ALA E 22 -26.82 -17.40 21.49
CA ALA E 22 -25.56 -17.85 20.90
C ALA E 22 -25.83 -18.95 19.91
N TYR E 23 -25.17 -18.89 18.77
CA TYR E 23 -25.40 -19.88 17.70
C TYR E 23 -24.17 -20.14 16.84
N ASP E 24 -23.00 -20.15 17.47
CA ASP E 24 -21.76 -20.50 16.78
C ASP E 24 -21.48 -22.00 16.92
N HIS E 25 -22.43 -22.73 17.49
CA HIS E 25 -22.23 -24.14 17.87
C HIS E 25 -21.99 -25.08 16.70
N GLY E 26 -22.52 -24.71 15.53
CA GLY E 26 -22.34 -25.48 14.33
C GLY E 26 -20.88 -25.77 14.00
N ILE E 27 -20.02 -24.79 14.22
CA ILE E 27 -18.59 -24.99 14.02
C ILE E 27 -17.89 -25.52 15.27
N GLU E 28 -18.20 -24.93 16.43
CA GLU E 28 -17.52 -25.25 17.67
C GLU E 28 -17.72 -26.70 18.08
N HIS E 29 -18.95 -27.19 18.00
CA HIS E 29 -19.29 -28.52 18.50
C HIS E 29 -19.82 -29.41 17.41
N GLY E 30 -20.24 -28.81 16.30
CA GLY E 30 -20.85 -29.58 15.23
C GLY E 30 -22.35 -29.77 15.43
N PRO E 31 -23.01 -30.40 14.47
CA PRO E 31 -24.46 -30.40 14.39
C PRO E 31 -25.15 -31.48 15.23
N ALA E 32 -24.40 -32.32 15.94
CA ALA E 32 -25.01 -33.40 16.73
C ALA E 32 -26.04 -32.90 17.76
N ASP E 33 -25.68 -31.83 18.46
CA ASP E 33 -26.59 -31.16 19.40
C ASP E 33 -27.94 -30.76 18.78
N PHE E 34 -27.96 -30.44 17.49
CA PHE E 34 -29.18 -30.02 16.79
C PHE E 34 -30.26 -31.12 16.71
N MET E 35 -29.89 -32.37 16.98
CA MET E 35 -30.78 -33.50 16.79
C MET E 35 -31.94 -33.56 17.80
N ASP E 36 -31.67 -33.11 19.03
CA ASP E 36 -32.69 -33.08 20.08
C ASP E 36 -33.93 -32.26 19.70
N ASN E 37 -33.69 -31.13 19.03
CA ASN E 37 -34.73 -30.25 18.52
C ASN E 37 -34.36 -29.82 17.08
N PRO E 38 -34.69 -30.67 16.10
CA PRO E 38 -34.18 -30.56 14.72
C PRO E 38 -34.28 -29.18 14.05
N ASP E 39 -35.29 -28.38 14.40
CA ASP E 39 -35.42 -27.03 13.86
C ASP E 39 -34.21 -26.13 14.18
N SER E 40 -33.49 -26.46 15.25
CA SER E 40 -32.35 -25.66 15.68
C SER E 40 -31.20 -25.67 14.67
N ALA E 41 -31.15 -26.68 13.81
CA ALA E 41 -30.22 -26.71 12.69
C ALA E 41 -30.49 -25.60 11.66
N ASP E 42 -31.67 -25.01 11.71
CA ASP E 42 -32.09 -23.99 10.77
C ASP E 42 -31.91 -22.58 11.38
N PRO E 43 -30.98 -21.79 10.85
CA PRO E 43 -30.70 -20.45 11.39
C PRO E 43 -31.91 -19.52 11.34
N GLU E 44 -32.81 -19.76 10.39
CA GLU E 44 -34.07 -19.00 10.26
C GLU E 44 -34.96 -19.18 11.49
N TYR E 45 -34.98 -20.41 12.00
CA TYR E 45 -35.68 -20.74 13.22
C TYR E 45 -35.08 -19.98 14.40
N ILE E 46 -33.74 -19.86 14.41
CA ILE E 46 -33.01 -19.18 15.49
C ILE E 46 -33.35 -17.70 15.54
N LEU E 47 -33.34 -17.05 14.38
CA LEU E 47 -33.76 -15.66 14.27
C LEU E 47 -35.18 -15.39 14.75
N ARG E 48 -36.11 -16.25 14.33
CA ARG E 48 -37.50 -16.17 14.78
C ARG E 48 -37.58 -16.34 16.29
N LEU E 49 -36.85 -17.33 16.80
CA LEU E 49 -36.81 -17.64 18.21
C LEU E 49 -36.30 -16.44 19.03
N ALA E 50 -35.20 -15.85 18.59
CA ALA E 50 -34.62 -14.70 19.27
C ALA E 50 -35.58 -13.52 19.31
N ARG E 51 -36.24 -13.28 18.19
CA ARG E 51 -37.17 -12.16 18.04
C ARG E 51 -38.43 -12.35 18.87
N ASP E 52 -39.06 -13.52 18.74
CA ASP E 52 -40.29 -13.86 19.46
C ASP E 52 -40.09 -13.90 20.97
N ALA E 53 -38.87 -14.22 21.41
CA ALA E 53 -38.56 -14.22 22.84
C ALA E 53 -38.22 -12.85 23.39
N GLY E 54 -38.05 -11.86 22.51
CA GLY E 54 -37.68 -10.52 22.93
C GLY E 54 -36.19 -10.37 23.28
N PHE E 55 -35.34 -11.31 22.86
CA PHE E 55 -33.91 -11.29 23.19
C PHE E 55 -33.19 -10.11 22.54
N ASP E 56 -31.94 -9.86 22.95
CA ASP E 56 -31.22 -8.68 22.49
C ASP E 56 -30.35 -8.87 21.28
N GLY E 57 -29.90 -10.10 21.04
CA GLY E 57 -29.06 -10.37 19.89
C GLY E 57 -28.88 -11.84 19.61
N VAL E 58 -28.20 -12.10 18.50
CA VAL E 58 -27.76 -13.43 18.11
C VAL E 58 -26.30 -13.39 17.80
N VAL E 59 -25.63 -14.55 17.95
CA VAL E 59 -24.22 -14.67 17.58
C VAL E 59 -24.16 -15.66 16.43
N PHE E 60 -23.65 -15.19 15.29
CA PHE E 60 -23.47 -16.02 14.10
C PHE E 60 -22.01 -15.98 13.64
N GLN E 61 -21.53 -17.09 13.10
CA GLN E 61 -20.33 -17.12 12.27
C GLN E 61 -20.67 -16.44 10.95
N ARG E 62 -19.67 -15.93 10.28
CA ARG E 62 -19.89 -15.22 9.03
C ARG E 62 -20.69 -15.97 7.96
N GLY E 63 -20.46 -17.28 7.81
CA GLY E 63 -21.21 -18.06 6.84
C GLY E 63 -22.71 -18.04 7.07
N ILE E 64 -23.10 -18.22 8.33
CA ILE E 64 -24.50 -18.18 8.72
C ILE E 64 -25.04 -16.75 8.59
N ALA E 65 -24.26 -15.75 9.00
CA ALA E 65 -24.67 -14.37 8.86
C ALA E 65 -24.94 -14.02 7.40
N GLU E 66 -23.99 -14.38 6.54
CA GLU E 66 -24.08 -14.10 5.11
C GLU E 66 -25.29 -14.75 4.44
N LYS E 67 -25.53 -16.01 4.74
CA LYS E 67 -26.66 -16.71 4.14
C LYS E 67 -28.02 -16.46 4.78
N TYR E 68 -28.05 -16.11 6.08
CA TYR E 68 -29.34 -16.04 6.78
C TYR E 68 -29.71 -14.71 7.45
N TYR E 69 -28.72 -13.89 7.82
CA TYR E 69 -29.04 -12.72 8.64
C TYR E 69 -29.95 -11.74 7.88
N ASP E 70 -31.02 -11.31 8.53
CA ASP E 70 -32.05 -10.50 7.89
C ASP E 70 -32.29 -9.19 8.64
N GLY E 71 -31.40 -8.83 9.56
CA GLY E 71 -31.51 -7.57 10.24
C GLY E 71 -32.60 -7.48 11.31
N SER E 72 -33.22 -8.60 11.64
CA SER E 72 -34.40 -8.58 12.49
C SER E 72 -34.09 -8.57 13.99
N VAL E 73 -32.85 -8.91 14.32
CA VAL E 73 -32.33 -8.96 15.68
C VAL E 73 -30.87 -8.52 15.57
N PRO E 74 -30.40 -7.63 16.46
CA PRO E 74 -28.99 -7.21 16.43
C PRO E 74 -28.03 -8.40 16.39
N LEU E 75 -26.96 -8.28 15.58
CA LEU E 75 -26.03 -9.37 15.34
C LEU E 75 -24.64 -9.10 15.93
N ILE E 76 -24.11 -10.10 16.63
CA ILE E 76 -22.70 -10.17 16.99
C ILE E 76 -22.09 -11.20 16.03
N LEU E 77 -21.16 -10.76 15.19
CA LEU E 77 -20.52 -11.66 14.24
C LEU E 77 -19.32 -12.25 14.94
N LYS E 78 -19.37 -13.55 15.21
CA LYS E 78 -18.28 -14.26 15.85
C LYS E 78 -17.20 -14.51 14.79
N LEU E 79 -16.06 -13.84 14.96
CA LEU E 79 -14.98 -13.79 13.94
C LEU E 79 -14.15 -15.04 13.83
N ASN E 80 -13.88 -15.69 14.96
CA ASN E 80 -13.08 -16.89 14.93
C ASN E 80 -13.88 -18.11 15.31
N GLY E 81 -13.40 -19.29 14.92
CA GLY E 81 -14.03 -20.55 15.28
C GLY E 81 -13.04 -21.69 15.12
N LYS E 82 -13.23 -22.72 15.95
CA LYS E 82 -12.45 -23.96 15.85
C LYS E 82 -13.41 -25.14 16.09
N THR E 83 -12.94 -26.37 15.87
CA THR E 83 -13.79 -27.56 16.02
C THR E 83 -13.38 -28.37 17.23
N THR E 84 -14.27 -29.24 17.72
CA THR E 84 -13.89 -30.20 18.76
C THR E 84 -13.09 -31.39 18.22
N LEU E 85 -13.02 -31.54 16.91
CA LEU E 85 -12.22 -32.60 16.32
C LEU E 85 -10.72 -32.33 16.47
N TYR E 86 -10.38 -31.06 16.61
CA TYR E 86 -9.02 -30.60 16.81
C TYR E 86 -8.43 -31.09 18.14
N ASN E 87 -7.16 -31.47 18.12
CA ASN E 87 -6.49 -32.04 19.29
C ASN E 87 -5.30 -31.27 19.85
N GLY E 88 -4.80 -30.25 19.15
CA GLY E 88 -3.60 -29.56 19.62
C GLY E 88 -3.83 -28.63 20.81
N GLU E 89 -2.84 -27.77 21.09
CA GLU E 89 -3.04 -26.67 22.04
C GLU E 89 -4.20 -25.81 21.51
N PRO E 90 -5.12 -25.40 22.37
CA PRO E 90 -6.32 -24.66 21.95
C PRO E 90 -5.95 -23.40 21.17
N VAL E 91 -6.54 -23.27 20.01
CA VAL E 91 -6.33 -22.11 19.16
C VAL E 91 -7.57 -21.93 18.30
N SER E 92 -7.90 -20.68 18.03
CA SER E 92 -9.04 -20.37 17.19
C SER E 92 -8.70 -19.11 16.42
N VAL E 93 -8.62 -19.24 15.10
CA VAL E 93 -8.25 -18.09 14.30
C VAL E 93 -9.47 -17.49 13.58
N ALA E 94 -9.38 -16.20 13.26
CA ALA E 94 -10.41 -15.50 12.50
C ALA E 94 -10.62 -16.12 11.12
N ASN E 95 -11.86 -16.37 10.76
CA ASN E 95 -12.20 -16.82 9.42
C ASN E 95 -12.90 -15.68 8.70
N CYS E 96 -12.92 -14.51 9.33
CA CYS E 96 -13.53 -13.32 8.73
C CYS E 96 -12.95 -12.05 9.35
N SER E 97 -13.58 -10.91 9.08
CA SER E 97 -12.98 -9.62 9.44
C SER E 97 -14.06 -8.66 9.91
N VAL E 98 -13.62 -7.64 10.64
CA VAL E 98 -14.50 -6.61 11.13
C VAL E 98 -15.16 -5.89 9.97
N GLU E 99 -14.37 -5.58 8.93
CA GLU E 99 -14.87 -4.85 7.77
C GLU E 99 -16.01 -5.59 7.08
N GLU E 100 -15.87 -6.91 6.95
CA GLU E 100 -16.92 -7.72 6.36
C GLU E 100 -18.13 -7.83 7.27
N ALA E 101 -17.90 -7.93 8.58
CA ALA E 101 -19.01 -7.96 9.55
C ALA E 101 -19.85 -6.71 9.43
N VAL E 102 -19.19 -5.56 9.26
CA VAL E 102 -19.85 -4.29 9.09
C VAL E 102 -20.81 -4.37 7.92
N SER E 103 -20.30 -4.83 6.78
CA SER E 103 -21.09 -4.89 5.56
C SER E 103 -22.24 -5.91 5.65
N LEU E 104 -22.13 -6.88 6.57
CA LEU E 104 -23.21 -7.85 6.81
C LEU E 104 -24.25 -7.35 7.85
N GLY E 105 -24.06 -6.12 8.33
CA GLY E 105 -25.01 -5.52 9.27
C GLY E 105 -24.79 -5.93 10.70
N ALA E 106 -23.58 -6.37 11.06
CA ALA E 106 -23.30 -6.70 12.46
C ALA E 106 -23.35 -5.43 13.30
N SER E 107 -23.77 -5.57 14.56
CA SER E 107 -23.67 -4.46 15.52
C SER E 107 -22.49 -4.59 16.46
N ALA E 108 -21.83 -5.74 16.43
CA ALA E 108 -20.68 -5.99 17.31
C ALA E 108 -19.90 -7.15 16.73
N VAL E 109 -18.65 -7.32 17.17
CA VAL E 109 -17.87 -8.49 16.76
C VAL E 109 -17.43 -9.33 17.96
N GLY E 110 -17.23 -10.62 17.73
CA GLY E 110 -16.84 -11.53 18.79
C GLY E 110 -15.56 -12.28 18.49
N TYR E 111 -14.81 -12.58 19.54
CA TYR E 111 -13.53 -13.24 19.36
C TYR E 111 -13.22 -14.03 20.61
N THR E 112 -12.83 -15.29 20.45
CA THR E 112 -12.48 -16.16 21.56
C THR E 112 -10.98 -16.10 21.82
N ILE E 113 -10.60 -16.03 23.08
CA ILE E 113 -9.18 -16.24 23.41
C ILE E 113 -9.14 -17.42 24.40
N TYR E 114 -8.04 -18.16 24.38
CA TYR E 114 -7.79 -19.21 25.36
C TYR E 114 -6.53 -18.90 26.19
N PRO E 115 -6.64 -18.04 27.19
CA PRO E 115 -5.49 -17.70 28.02
C PRO E 115 -4.87 -18.99 28.56
N GLY E 116 -3.54 -19.04 28.63
CA GLY E 116 -2.84 -20.22 29.12
C GLY E 116 -2.47 -21.22 28.04
N SER E 117 -3.21 -21.24 26.93
CA SER E 117 -2.86 -22.14 25.81
C SER E 117 -1.41 -21.95 25.35
N GLY E 118 -0.82 -23.02 24.82
CA GLY E 118 0.49 -22.97 24.17
C GLY E 118 0.47 -22.00 23.01
N PHE E 119 -0.74 -21.72 22.54
CA PHE E 119 -0.96 -20.82 21.42
C PHE E 119 -1.56 -19.48 21.86
N GLU E 120 -1.41 -19.11 23.12
CA GLU E 120 -2.09 -17.90 23.63
C GLU E 120 -1.63 -16.69 22.84
N TRP E 121 -0.34 -16.64 22.56
CA TRP E 121 0.25 -15.57 21.78
C TRP E 121 -0.39 -15.38 20.41
N LYS E 122 -0.73 -16.50 19.76
CA LYS E 122 -1.34 -16.45 18.43
C LYS E 122 -2.67 -15.68 18.45
N MET E 123 -3.51 -15.97 19.44
CA MET E 123 -4.74 -15.21 19.56
C MET E 123 -4.61 -13.75 20.02
N PHE E 124 -3.62 -13.46 20.88
CA PHE E 124 -3.37 -12.08 21.34
C PHE E 124 -2.92 -11.20 20.19
N GLU E 125 -2.05 -11.76 19.35
CA GLU E 125 -1.50 -11.16 18.14
C GLU E 125 -2.65 -10.78 17.22
N GLU E 126 -3.51 -11.76 16.97
CA GLU E 126 -4.65 -11.52 16.10
C GLU E 126 -5.69 -10.58 16.74
N LEU E 127 -5.94 -10.75 18.04
CA LEU E 127 -6.79 -9.80 18.75
C LEU E 127 -6.36 -8.33 18.59
N ALA E 128 -5.06 -8.10 18.55
CA ALA E 128 -4.55 -6.73 18.37
C ALA E 128 -5.12 -6.12 17.07
N ARG E 129 -5.08 -6.88 15.99
CA ARG E 129 -5.61 -6.43 14.70
C ARG E 129 -7.12 -6.23 14.77
N ILE E 130 -7.81 -7.19 15.35
CA ILE E 130 -9.26 -7.14 15.45
C ILE E 130 -9.77 -5.97 16.32
N LYS E 131 -9.12 -5.76 17.48
CA LYS E 131 -9.43 -4.63 18.34
C LYS E 131 -9.25 -3.31 17.59
N ARG E 132 -8.13 -3.18 16.88
CA ARG E 132 -7.88 -1.99 16.10
C ARG E 132 -8.99 -1.78 15.06
N ASP E 133 -9.33 -2.84 14.32
CA ASP E 133 -10.44 -2.80 13.37
C ASP E 133 -11.79 -2.46 14.01
N ALA E 134 -12.06 -3.02 15.19
CA ALA E 134 -13.32 -2.76 15.89
C ALA E 134 -13.47 -1.29 16.19
N VAL E 135 -12.42 -0.67 16.71
CA VAL E 135 -12.40 0.76 16.98
C VAL E 135 -12.61 1.52 15.66
N LYS E 136 -11.85 1.13 14.64
CA LYS E 136 -11.91 1.81 13.34
C LYS E 136 -13.33 1.79 12.76
N PHE E 137 -14.01 0.65 12.83
CA PHE E 137 -15.36 0.53 12.30
C PHE E 137 -16.46 0.85 13.32
N ASP E 138 -16.07 1.29 14.53
CA ASP E 138 -17.03 1.61 15.59
C ASP E 138 -17.95 0.41 15.93
N LEU E 139 -17.35 -0.77 16.04
CA LEU E 139 -18.10 -1.97 16.39
C LEU E 139 -17.57 -2.52 17.71
N PRO E 140 -18.40 -2.59 18.76
CA PRO E 140 -17.96 -3.15 20.03
C PRO E 140 -17.35 -4.55 19.85
N LEU E 141 -16.30 -4.83 20.61
CA LEU E 141 -15.61 -6.12 20.58
C LEU E 141 -16.08 -6.86 21.78
N VAL E 142 -16.67 -8.03 21.54
CA VAL E 142 -17.10 -8.92 22.63
C VAL E 142 -16.11 -10.07 22.71
N VAL E 143 -15.46 -10.24 23.86
CA VAL E 143 -14.42 -11.28 23.99
C VAL E 143 -14.94 -12.47 24.79
N TRP E 144 -14.87 -13.64 24.16
CA TRP E 144 -15.20 -14.89 24.87
C TRP E 144 -13.88 -15.22 25.54
N SER E 145 -13.82 -15.20 26.86
CA SER E 145 -12.55 -15.41 27.54
C SER E 145 -12.54 -16.77 28.24
N TYR E 146 -11.83 -17.73 27.64
CA TYR E 146 -11.90 -19.12 28.07
C TYR E 146 -10.52 -19.72 28.33
N PRO E 147 -9.95 -19.48 29.51
CA PRO E 147 -8.65 -20.06 29.85
C PRO E 147 -8.69 -21.57 29.65
N ARG E 148 -7.68 -22.08 28.94
CA ARG E 148 -7.65 -23.47 28.54
C ARG E 148 -6.26 -23.80 28.06
N GLY E 149 -5.80 -25.01 28.38
CA GLY E 149 -4.42 -25.40 28.11
C GLY E 149 -3.49 -24.91 29.21
N GLY E 150 -2.18 -25.09 29.02
CA GLY E 150 -1.20 -24.70 30.01
C GLY E 150 -1.49 -25.24 31.39
N LYS E 151 -1.60 -24.34 32.37
CA LYS E 151 -1.82 -24.70 33.78
C LYS E 151 -3.29 -24.83 34.15
N VAL E 152 -4.20 -24.48 33.24
CA VAL E 152 -5.62 -24.58 33.53
C VAL E 152 -6.04 -26.05 33.68
N VAL E 153 -6.53 -26.42 34.85
CA VAL E 153 -7.14 -27.74 35.02
C VAL E 153 -8.67 -27.65 35.19
N ASN E 154 -9.12 -26.80 36.10
CA ASN E 154 -10.54 -26.59 36.30
C ASN E 154 -10.95 -25.22 35.75
N GLU E 155 -11.73 -25.24 34.67
CA GLU E 155 -12.12 -24.02 33.96
C GLU E 155 -13.07 -23.14 34.75
N THR E 156 -13.90 -23.75 35.60
CA THR E 156 -14.87 -22.98 36.38
C THR E 156 -14.37 -22.61 37.78
N ALA E 157 -13.10 -22.93 38.07
CA ALA E 157 -12.48 -22.46 39.30
C ALA E 157 -12.59 -20.94 39.43
N PRO E 158 -12.95 -20.45 40.62
CA PRO E 158 -13.15 -19.01 40.82
C PRO E 158 -11.91 -18.19 40.42
N GLU E 159 -10.70 -18.71 40.62
CA GLU E 159 -9.52 -17.91 40.31
C GLU E 159 -9.31 -17.88 38.80
N ILE E 160 -9.75 -18.93 38.11
CA ILE E 160 -9.63 -19.01 36.67
C ILE E 160 -10.65 -18.12 35.94
N VAL E 161 -11.89 -18.13 36.41
CA VAL E 161 -12.93 -17.29 35.84
C VAL E 161 -12.57 -15.81 36.09
N ALA E 162 -12.10 -15.50 37.30
CA ALA E 162 -11.62 -14.15 37.59
C ALA E 162 -10.48 -13.72 36.66
N TYR E 163 -9.50 -14.60 36.44
CA TYR E 163 -8.40 -14.27 35.56
C TYR E 163 -8.98 -13.99 34.17
N ALA E 164 -9.87 -14.88 33.71
CA ALA E 164 -10.48 -14.74 32.40
C ALA E 164 -11.09 -13.36 32.23
N ALA E 165 -11.83 -12.91 33.24
CA ALA E 165 -12.52 -11.64 33.20
C ALA E 165 -11.53 -10.48 33.12
N ARG E 166 -10.46 -10.57 33.91
CA ARG E 166 -9.48 -9.51 33.97
C ARG E 166 -8.70 -9.43 32.65
N ILE E 167 -8.31 -10.57 32.11
CA ILE E 167 -7.59 -10.60 30.84
C ILE E 167 -8.40 -9.92 29.74
N ALA E 168 -9.71 -10.24 29.65
CA ALA E 168 -10.57 -9.59 28.65
C ALA E 168 -10.55 -8.07 28.79
N LEU E 169 -10.65 -7.57 30.02
CA LEU E 169 -10.58 -6.12 30.25
C LEU E 169 -9.24 -5.54 29.76
N GLU E 170 -8.15 -6.21 30.16
CA GLU E 170 -6.80 -5.75 29.85
C GLU E 170 -6.59 -5.69 28.34
N LEU E 171 -7.18 -6.63 27.62
CA LEU E 171 -6.92 -6.72 26.17
C LEU E 171 -7.84 -5.85 25.30
N GLY E 172 -8.85 -5.22 25.91
CA GLY E 172 -9.66 -4.25 25.19
C GLY E 172 -11.11 -4.63 24.94
N ALA E 173 -11.57 -5.70 25.57
CA ALA E 173 -12.95 -6.11 25.42
C ALA E 173 -13.90 -4.99 25.79
N ASP E 174 -14.95 -4.78 24.99
CA ASP E 174 -15.98 -3.80 25.34
C ASP E 174 -17.13 -4.47 26.08
N ALA E 175 -17.15 -5.79 25.96
CA ALA E 175 -18.08 -6.65 26.68
C ALA E 175 -17.41 -8.01 26.67
N MET E 176 -17.75 -8.85 27.65
CA MET E 176 -17.13 -10.15 27.70
C MET E 176 -18.11 -11.26 28.05
N LYS E 177 -17.70 -12.47 27.72
CA LYS E 177 -18.47 -13.65 27.94
C LYS E 177 -17.53 -14.63 28.66
N ILE E 178 -17.92 -15.12 29.83
CA ILE E 178 -17.08 -16.02 30.63
C ILE E 178 -17.96 -17.12 31.25
N LYS E 179 -17.34 -18.21 31.67
CA LYS E 179 -18.03 -19.30 32.36
C LYS E 179 -18.42 -18.93 33.79
N TYR E 180 -19.54 -19.48 34.24
CA TYR E 180 -20.03 -19.31 35.59
C TYR E 180 -19.20 -20.15 36.58
N THR E 181 -18.99 -19.62 37.78
CA THR E 181 -18.25 -20.35 38.82
C THR E 181 -19.09 -21.42 39.51
N GLY E 182 -20.41 -21.30 39.41
CA GLY E 182 -21.30 -22.18 40.14
C GLY E 182 -21.96 -21.49 41.34
N ASP E 183 -21.35 -20.41 41.85
CA ASP E 183 -21.96 -19.67 42.93
C ASP E 183 -21.75 -18.16 42.76
N PRO E 184 -22.76 -17.38 43.13
CA PRO E 184 -22.74 -15.92 42.95
C PRO E 184 -21.68 -15.16 43.75
N LYS E 185 -21.19 -15.69 44.86
CA LYS E 185 -20.16 -14.99 45.60
C LYS E 185 -18.86 -14.89 44.78
N THR E 186 -18.33 -16.02 44.33
CA THR E 186 -17.07 -16.01 43.57
C THR E 186 -17.24 -15.36 42.20
N PHE E 187 -18.41 -15.53 41.58
CA PHE E 187 -18.65 -14.93 40.29
C PHE E 187 -18.67 -13.41 40.37
N SER E 188 -19.10 -12.85 41.50
CA SER E 188 -19.11 -11.42 41.63
C SER E 188 -17.71 -10.81 41.79
N TRP E 189 -16.72 -11.60 42.23
CA TRP E 189 -15.32 -11.17 42.15
C TRP E 189 -14.84 -11.07 40.68
N ALA E 190 -15.27 -12.02 39.85
CA ALA E 190 -14.97 -11.96 38.42
C ALA E 190 -15.59 -10.69 37.82
N VAL E 191 -16.86 -10.44 38.14
CA VAL E 191 -17.57 -9.23 37.70
C VAL E 191 -16.84 -7.96 38.20
N LYS E 192 -16.36 -8.00 39.43
CA LYS E 192 -15.68 -6.85 40.00
C LYS E 192 -14.35 -6.52 39.30
N VAL E 193 -13.59 -7.54 38.94
CA VAL E 193 -12.29 -7.30 38.30
C VAL E 193 -12.44 -6.91 36.82
N ALA E 194 -13.61 -7.17 36.26
CA ALA E 194 -13.96 -6.72 34.91
C ALA E 194 -14.17 -5.21 34.83
N GLY E 195 -14.41 -4.58 35.98
CA GLY E 195 -14.56 -3.13 36.06
C GLY E 195 -15.71 -2.61 35.22
N LYS E 196 -15.42 -1.62 34.39
CA LYS E 196 -16.41 -0.98 33.52
C LYS E 196 -16.91 -1.89 32.41
N VAL E 197 -16.25 -3.03 32.18
CA VAL E 197 -16.66 -3.92 31.08
C VAL E 197 -17.74 -4.93 31.49
N PRO E 198 -18.92 -4.88 30.86
CA PRO E 198 -20.05 -5.76 31.22
C PRO E 198 -19.74 -7.25 30.95
N VAL E 199 -20.25 -8.11 31.84
CA VAL E 199 -19.98 -9.54 31.80
C VAL E 199 -21.25 -10.29 31.48
N LEU E 200 -21.21 -11.12 30.43
CA LEU E 200 -22.28 -12.07 30.13
C LEU E 200 -21.83 -13.47 30.52
N MET E 201 -22.73 -14.23 31.13
CA MET E 201 -22.51 -15.62 31.46
C MET E 201 -22.61 -16.48 30.20
N SER E 202 -21.61 -17.34 30.01
CA SER E 202 -21.65 -18.32 28.95
C SER E 202 -22.59 -19.43 29.39
N GLY E 203 -23.68 -19.63 28.62
CA GLY E 203 -24.76 -20.54 28.99
C GLY E 203 -24.33 -21.97 29.29
N GLY E 204 -23.58 -22.59 28.35
CA GLY E 204 -23.04 -23.92 28.52
C GLY E 204 -23.93 -25.09 28.10
N PRO E 205 -23.54 -26.31 28.48
CA PRO E 205 -24.31 -27.53 28.15
C PRO E 205 -25.69 -27.55 28.79
N LYS E 206 -26.64 -28.24 28.13
CA LYS E 206 -28.03 -28.32 28.59
C LYS E 206 -28.16 -28.99 29.97
N THR E 207 -28.71 -28.23 30.92
CA THR E 207 -28.86 -28.65 32.30
C THR E 207 -29.97 -29.68 32.46
N LYS E 208 -29.83 -30.57 33.45
CA LYS E 208 -30.81 -31.63 33.70
C LYS E 208 -32.25 -31.13 33.64
N THR E 209 -32.56 -30.08 34.43
CA THR E 209 -33.88 -29.43 34.41
C THR E 209 -33.79 -27.94 34.06
N GLU E 210 -34.91 -27.41 33.57
CA GLU E 210 -35.03 -25.98 33.26
C GLU E 210 -34.80 -25.10 34.48
N GLU E 211 -35.21 -25.60 35.66
CA GLU E 211 -35.05 -24.88 36.92
C GLU E 211 -33.58 -24.79 37.35
N ASP E 212 -32.78 -25.81 37.03
CA ASP E 212 -31.33 -25.78 37.34
C ASP E 212 -30.65 -24.59 36.67
N PHE E 213 -31.05 -24.35 35.42
CA PHE E 213 -30.53 -23.25 34.62
C PHE E 213 -31.02 -21.91 35.13
N LEU E 214 -32.33 -21.80 35.35
CA LEU E 214 -32.90 -20.56 35.85
C LEU E 214 -32.22 -20.11 37.13
N LYS E 215 -31.80 -21.07 37.95
CA LYS E 215 -31.19 -20.77 39.24
C LYS E 215 -29.76 -20.26 39.08
N GLN E 216 -29.06 -20.78 38.06
CA GLN E 216 -27.74 -20.26 37.69
C GLN E 216 -27.86 -18.81 37.22
N VAL E 217 -28.88 -18.56 36.41
CA VAL E 217 -29.12 -17.22 35.87
C VAL E 217 -29.38 -16.22 37.01
N GLU E 218 -30.16 -16.62 38.01
CA GLU E 218 -30.40 -15.75 39.15
C GLU E 218 -29.08 -15.46 39.88
N GLY E 219 -28.25 -16.50 40.02
CA GLY E 219 -26.92 -16.33 40.61
C GLY E 219 -26.10 -15.30 39.86
N VAL E 220 -26.06 -15.47 38.53
CA VAL E 220 -25.38 -14.58 37.60
C VAL E 220 -25.84 -13.12 37.82
N LEU E 221 -27.15 -12.91 37.86
CA LEU E 221 -27.68 -11.55 38.01
C LEU E 221 -27.35 -10.96 39.39
N GLU E 222 -27.38 -11.81 40.41
CA GLU E 222 -27.10 -11.45 41.81
C GLU E 222 -25.67 -10.93 41.91
N ALA E 223 -24.79 -11.54 41.13
CA ALA E 223 -23.38 -11.22 41.11
C ALA E 223 -23.11 -9.90 40.40
N GLY E 224 -24.10 -9.38 39.67
CA GLY E 224 -23.98 -8.11 38.97
C GLY E 224 -23.58 -8.20 37.51
N ALA E 225 -23.69 -9.39 36.93
CA ALA E 225 -23.48 -9.56 35.50
C ALA E 225 -24.57 -8.86 34.69
N LEU E 226 -24.25 -8.47 33.45
CA LEU E 226 -25.21 -7.83 32.58
C LEU E 226 -26.29 -8.81 32.10
N GLY E 227 -25.97 -10.11 32.13
CA GLY E 227 -26.92 -11.11 31.69
C GLY E 227 -26.24 -12.37 31.15
N ILE E 228 -26.86 -12.97 30.13
CA ILE E 228 -26.46 -14.28 29.65
C ILE E 228 -26.33 -14.34 28.13
N ALA E 229 -25.40 -15.16 27.68
CA ALA E 229 -25.33 -15.53 26.27
C ALA E 229 -25.63 -17.01 26.23
N VAL E 230 -26.85 -17.33 25.84
CA VAL E 230 -27.36 -18.68 25.97
C VAL E 230 -27.55 -19.32 24.60
N GLY E 231 -27.16 -20.58 24.49
CA GLY E 231 -27.30 -21.33 23.26
C GLY E 231 -28.18 -22.55 23.42
N ARG E 232 -27.52 -23.70 23.67
CA ARG E 232 -28.15 -25.01 23.82
C ARG E 232 -29.34 -25.01 24.80
N ASN E 233 -29.16 -24.36 25.94
CA ASN E 233 -30.15 -24.35 27.00
C ASN E 233 -31.48 -23.70 26.60
N VAL E 234 -31.47 -22.98 25.49
CA VAL E 234 -32.71 -22.56 24.83
C VAL E 234 -32.99 -23.50 23.63
N TRP E 235 -32.19 -23.41 22.57
CA TRP E 235 -32.56 -24.04 21.31
C TRP E 235 -32.47 -25.58 21.24
N GLN E 236 -31.85 -26.20 22.24
CA GLN E 236 -31.80 -27.66 22.31
C GLN E 236 -33.10 -28.24 22.90
N ARG E 237 -33.92 -27.39 23.49
CA ARG E 237 -35.20 -27.77 24.11
C ARG E 237 -36.37 -27.69 23.11
N ARG E 238 -37.31 -28.62 23.15
CA ARG E 238 -38.47 -28.57 22.24
C ARG E 238 -39.35 -27.34 22.50
N ASP E 239 -39.49 -27.00 23.78
CA ASP E 239 -40.23 -25.82 24.20
C ASP E 239 -39.33 -24.57 24.22
N ALA E 240 -38.51 -24.40 23.19
CA ALA E 240 -37.52 -23.34 23.14
C ALA E 240 -38.12 -21.99 23.47
N LEU E 241 -39.23 -21.65 22.82
CA LEU E 241 -39.79 -20.32 22.95
C LEU E 241 -40.37 -20.10 24.34
N LYS E 242 -41.13 -21.07 24.83
CA LYS E 242 -41.63 -21.01 26.19
C LYS E 242 -40.50 -20.79 27.18
N PHE E 243 -39.51 -21.67 27.17
CA PHE E 243 -38.40 -21.50 28.11
C PHE E 243 -37.60 -20.19 27.89
N ALA E 244 -37.43 -19.79 26.63
CA ALA E 244 -36.83 -18.49 26.32
C ALA E 244 -37.60 -17.33 26.96
N ARG E 245 -38.94 -17.40 26.90
CA ARG E 245 -39.81 -16.37 27.47
C ARG E 245 -39.74 -16.33 29.02
N ALA E 246 -39.53 -17.50 29.63
CA ALA E 246 -39.24 -17.55 31.07
C ALA E 246 -37.89 -16.89 31.40
N LEU E 247 -36.88 -17.15 30.56
CA LEU E 247 -35.59 -16.50 30.76
C LEU E 247 -35.71 -14.97 30.65
N ALA E 248 -36.51 -14.51 29.68
CA ALA E 248 -36.79 -13.07 29.50
C ALA E 248 -37.46 -12.41 30.71
N GLU E 249 -38.42 -13.09 31.33
CA GLU E 249 -39.09 -12.53 32.53
C GLU E 249 -38.11 -12.41 33.69
N LEU E 250 -37.27 -13.44 33.87
CA LEU E 250 -36.26 -13.43 34.92
C LEU E 250 -35.23 -12.32 34.73
N VAL E 251 -34.65 -12.22 33.53
CA VAL E 251 -33.55 -11.29 33.27
C VAL E 251 -34.00 -9.83 33.15
N TYR E 252 -35.06 -9.58 32.38
CA TYR E 252 -35.55 -8.21 32.18
C TYR E 252 -36.42 -7.67 33.33
N GLY E 253 -37.00 -8.58 34.12
CA GLY E 253 -37.84 -8.21 35.25
C GLY E 253 -39.24 -7.77 34.83
N ALA F 2 -10.59 -14.44 -20.14
CA ALA F 2 -9.50 -13.88 -21.00
C ALA F 2 -10.00 -12.97 -22.14
N ASN F 3 -10.78 -13.51 -23.10
CA ASN F 3 -11.29 -12.67 -24.19
C ASN F 3 -12.65 -12.01 -23.85
N LEU F 4 -12.61 -10.69 -23.62
CA LEU F 4 -13.73 -9.95 -23.07
C LEU F 4 -14.79 -9.58 -24.09
N THR F 5 -14.38 -9.32 -25.32
CA THR F 5 -15.34 -9.18 -26.41
C THR F 5 -16.22 -10.44 -26.51
N GLU F 6 -15.59 -11.60 -26.43
CA GLU F 6 -16.28 -12.89 -26.48
C GLU F 6 -17.25 -13.03 -25.30
N LYS F 7 -16.78 -12.70 -24.10
CA LYS F 7 -17.64 -12.69 -22.94
C LYS F 7 -18.86 -11.77 -23.12
N PHE F 8 -18.63 -10.56 -23.61
CA PHE F 8 -19.70 -9.63 -23.93
C PHE F 8 -20.73 -10.25 -24.91
N LEU F 9 -20.24 -10.84 -26.01
CA LEU F 9 -21.12 -11.48 -27.00
C LEU F 9 -21.97 -12.64 -26.41
N ARG F 10 -21.36 -13.51 -25.59
CA ARG F 10 -22.09 -14.56 -24.88
C ARG F 10 -23.24 -14.00 -24.09
N ILE F 11 -22.95 -12.94 -23.34
CA ILE F 11 -23.91 -12.42 -22.37
C ILE F 11 -24.95 -11.52 -23.00
N PHE F 12 -24.49 -10.62 -23.88
CA PHE F 12 -25.35 -9.60 -24.46
C PHE F 12 -25.82 -9.86 -25.92
N ALA F 13 -25.35 -10.95 -26.54
CA ALA F 13 -25.71 -11.25 -27.94
C ALA F 13 -25.80 -12.74 -28.20
N ARG F 14 -26.47 -13.48 -27.32
CA ARG F 14 -26.65 -14.92 -27.51
C ARG F 14 -27.34 -15.32 -28.83
N ARG F 15 -28.18 -14.45 -29.35
CA ARG F 15 -28.83 -14.68 -30.65
C ARG F 15 -28.04 -14.15 -31.84
N GLY F 16 -26.84 -13.60 -31.57
CA GLY F 16 -25.95 -13.10 -32.61
C GLY F 16 -26.10 -11.62 -32.92
N LYS F 17 -27.20 -11.03 -32.44
CA LYS F 17 -27.38 -9.58 -32.47
C LYS F 17 -27.81 -9.13 -31.08
N SER F 18 -27.92 -7.83 -30.87
CA SER F 18 -28.03 -7.32 -29.51
C SER F 18 -28.86 -6.05 -29.42
N ILE F 19 -29.72 -5.99 -28.41
CA ILE F 19 -30.47 -4.79 -28.08
C ILE F 19 -30.30 -4.51 -26.59
N ILE F 20 -29.71 -3.36 -26.30
CA ILE F 20 -29.50 -2.87 -24.96
C ILE F 20 -30.50 -1.73 -24.67
N LEU F 21 -31.16 -1.81 -23.51
CA LEU F 21 -32.06 -0.74 -23.09
C LEU F 21 -31.28 0.25 -22.24
N ALA F 22 -31.01 1.41 -22.82
CA ALA F 22 -30.16 2.42 -22.21
C ALA F 22 -31.01 3.17 -21.21
N TYR F 23 -30.45 3.48 -20.04
CA TYR F 23 -31.18 4.18 -19.00
C TYR F 23 -30.26 5.01 -18.10
N ASP F 24 -29.24 5.62 -18.69
CA ASP F 24 -28.44 6.59 -17.94
C ASP F 24 -28.96 8.02 -18.10
N HIS F 25 -30.11 8.17 -18.77
CA HIS F 25 -30.63 9.52 -19.10
C HIS F 25 -30.90 10.41 -17.91
N GLY F 26 -31.33 9.81 -16.78
CA GLY F 26 -31.63 10.53 -15.57
C GLY F 26 -30.55 11.55 -15.19
N ILE F 27 -29.28 11.17 -15.35
CA ILE F 27 -28.18 12.09 -15.09
C ILE F 27 -27.79 12.88 -16.33
N GLU F 28 -27.72 12.21 -17.49
CA GLU F 28 -27.23 12.85 -18.71
C GLU F 28 -28.13 13.99 -19.18
N HIS F 29 -29.44 13.78 -19.14
CA HIS F 29 -30.36 14.76 -19.66
C HIS F 29 -31.34 15.26 -18.60
N GLY F 30 -31.45 14.50 -17.51
CA GLY F 30 -32.43 14.80 -16.47
C GLY F 30 -33.78 14.20 -16.76
N PRO F 31 -34.72 14.40 -15.84
CA PRO F 31 -35.96 13.64 -15.82
C PRO F 31 -37.07 14.21 -16.71
N ALA F 32 -36.84 15.33 -17.41
CA ALA F 32 -37.87 15.98 -18.21
C ALA F 32 -38.47 15.05 -19.28
N ASP F 33 -37.62 14.26 -19.94
CA ASP F 33 -38.14 13.33 -20.95
C ASP F 33 -39.00 12.17 -20.37
N PHE F 34 -38.90 11.93 -19.07
CA PHE F 34 -39.73 10.92 -18.41
C PHE F 34 -41.21 11.31 -18.40
N MET F 35 -41.51 12.58 -18.68
CA MET F 35 -42.88 13.10 -18.55
C MET F 35 -43.85 12.55 -19.61
N ASP F 36 -43.34 12.32 -20.84
CA ASP F 36 -44.14 11.77 -21.93
C ASP F 36 -44.79 10.42 -21.58
N ASN F 37 -44.04 9.57 -20.88
CA ASN F 37 -44.50 8.27 -20.40
C ASN F 37 -44.04 8.10 -18.94
N PRO F 38 -44.82 8.63 -18.00
CA PRO F 38 -44.37 8.79 -16.61
C PRO F 38 -43.75 7.55 -15.93
N ASP F 39 -44.18 6.34 -16.30
CA ASP F 39 -43.63 5.11 -15.73
C ASP F 39 -42.13 4.95 -16.00
N SER F 40 -41.64 5.63 -17.03
CA SER F 40 -40.25 5.57 -17.41
C SER F 40 -39.30 6.17 -16.35
N ALA F 41 -39.85 7.02 -15.48
CA ALA F 41 -39.11 7.52 -14.33
C ALA F 41 -38.81 6.42 -13.30
N ASP F 42 -39.51 5.31 -13.43
CA ASP F 42 -39.38 4.18 -12.50
C ASP F 42 -38.45 3.11 -13.07
N PRO F 43 -37.28 2.93 -12.46
CA PRO F 43 -36.33 1.92 -12.94
C PRO F 43 -36.89 0.50 -12.93
N GLU F 44 -37.85 0.22 -12.04
CA GLU F 44 -38.52 -1.08 -11.96
C GLU F 44 -39.29 -1.39 -13.23
N TYR F 45 -39.92 -0.35 -13.78
CA TYR F 45 -40.64 -0.42 -15.04
C TYR F 45 -39.68 -0.73 -16.17
N ILE F 46 -38.47 -0.14 -16.14
CA ILE F 46 -37.46 -0.33 -17.15
C ILE F 46 -36.96 -1.77 -17.18
N LEU F 47 -36.72 -2.35 -16.00
CA LEU F 47 -36.35 -3.76 -15.89
C LEU F 47 -37.42 -4.73 -16.45
N ARG F 48 -38.69 -4.49 -16.08
CA ARG F 48 -39.82 -5.24 -16.59
C ARG F 48 -39.92 -5.12 -18.11
N LEU F 49 -39.77 -3.90 -18.59
CA LEU F 49 -39.83 -3.61 -20.00
C LEU F 49 -38.71 -4.35 -20.77
N ALA F 50 -37.49 -4.36 -20.25
CA ALA F 50 -36.39 -4.99 -20.93
C ALA F 50 -36.63 -6.48 -20.99
N ARG F 51 -37.14 -7.03 -19.90
CA ARG F 51 -37.32 -8.47 -19.77
C ARG F 51 -38.48 -8.95 -20.66
N ASP F 52 -39.62 -8.26 -20.56
CA ASP F 52 -40.79 -8.60 -21.35
C ASP F 52 -40.56 -8.46 -22.85
N ALA F 53 -39.65 -7.57 -23.25
CA ALA F 53 -39.35 -7.42 -24.67
C ALA F 53 -38.30 -8.43 -25.16
N GLY F 54 -37.71 -9.20 -24.26
CA GLY F 54 -36.63 -10.12 -24.61
C GLY F 54 -35.27 -9.45 -24.92
N PHE F 55 -35.08 -8.19 -24.52
CA PHE F 55 -33.80 -7.50 -24.72
C PHE F 55 -32.64 -8.15 -24.01
N ASP F 56 -31.43 -7.73 -24.36
CA ASP F 56 -30.21 -8.35 -23.84
C ASP F 56 -29.62 -7.75 -22.60
N GLY F 57 -29.87 -6.47 -22.36
CA GLY F 57 -29.32 -5.83 -21.18
C GLY F 57 -29.92 -4.49 -20.93
N VAL F 58 -29.54 -3.93 -19.79
CA VAL F 58 -29.87 -2.56 -19.39
C VAL F 58 -28.60 -1.81 -19.00
N VAL F 59 -28.63 -0.48 -19.14
CA VAL F 59 -27.54 0.38 -18.71
C VAL F 59 -28.05 1.25 -17.57
N PHE F 60 -27.42 1.08 -16.40
CA PHE F 60 -27.76 1.85 -15.22
C PHE F 60 -26.51 2.55 -14.75
N GLN F 61 -26.68 3.76 -14.22
CA GLN F 61 -25.69 4.37 -13.33
C GLN F 61 -25.68 3.59 -12.01
N ARG F 62 -24.58 3.66 -11.30
CA ARG F 62 -24.44 2.97 -10.03
C ARG F 62 -25.59 3.19 -8.99
N GLY F 63 -26.07 4.42 -8.84
CA GLY F 63 -27.17 4.67 -7.92
C GLY F 63 -28.44 3.86 -8.24
N ILE F 64 -28.80 3.84 -9.51
CA ILE F 64 -29.98 3.11 -9.96
C ILE F 64 -29.74 1.60 -9.82
N ALA F 65 -28.54 1.14 -10.17
CA ALA F 65 -28.16 -0.27 -10.04
C ALA F 65 -28.25 -0.68 -8.61
N GLU F 66 -27.69 0.12 -7.72
CA GLU F 66 -27.67 -0.20 -6.30
C GLU F 66 -29.08 -0.30 -5.70
N LYS F 67 -29.95 0.64 -6.02
CA LYS F 67 -31.29 0.67 -5.44
C LYS F 67 -32.30 -0.23 -6.16
N TYR F 68 -32.08 -0.51 -7.45
CA TYR F 68 -33.11 -1.23 -8.22
C TYR F 68 -32.70 -2.55 -8.90
N TYR F 69 -31.42 -2.75 -9.18
CA TYR F 69 -31.06 -3.90 -10.00
C TYR F 69 -31.37 -5.21 -9.27
N ASP F 70 -32.04 -6.11 -9.99
CA ASP F 70 -32.54 -7.34 -9.37
C ASP F 70 -32.02 -8.59 -10.07
N GLY F 71 -31.04 -8.43 -10.95
CA GLY F 71 -30.43 -9.57 -11.65
C GLY F 71 -31.28 -10.21 -12.73
N SER F 72 -32.38 -9.57 -13.13
CA SER F 72 -33.33 -10.20 -14.03
C SER F 72 -32.97 -10.04 -15.51
N VAL F 73 -32.05 -9.11 -15.78
CA VAL F 73 -31.59 -8.77 -17.12
C VAL F 73 -30.11 -8.36 -16.94
N PRO F 74 -29.20 -8.87 -17.77
CA PRO F 74 -27.79 -8.52 -17.67
C PRO F 74 -27.60 -7.02 -17.62
N LEU F 75 -26.69 -6.57 -16.76
CA LEU F 75 -26.43 -5.15 -16.50
C LEU F 75 -25.08 -4.68 -17.01
N ILE F 76 -25.09 -3.58 -17.75
CA ILE F 76 -23.92 -2.74 -17.99
C ILE F 76 -24.03 -1.58 -17.00
N LEU F 77 -23.02 -1.45 -16.14
CA LEU F 77 -22.95 -0.37 -15.19
C LEU F 77 -22.20 0.74 -15.88
N LYS F 78 -22.91 1.83 -16.18
CA LYS F 78 -22.29 3.02 -16.77
C LYS F 78 -21.56 3.77 -15.66
N LEU F 79 -20.23 3.82 -15.75
CA LEU F 79 -19.35 4.31 -14.67
C LEU F 79 -19.25 5.83 -14.55
N ASN F 80 -19.24 6.52 -15.69
CA ASN F 80 -19.21 7.99 -15.63
C ASN F 80 -20.52 8.62 -16.08
N GLY F 81 -20.75 9.86 -15.67
CA GLY F 81 -21.88 10.62 -16.12
C GLY F 81 -21.65 12.11 -15.92
N LYS F 82 -22.31 12.92 -16.75
CA LYS F 82 -22.30 14.37 -16.63
C LYS F 82 -23.70 14.88 -16.94
N THR F 83 -23.93 16.19 -16.75
CA THR F 83 -25.27 16.74 -16.95
C THR F 83 -25.29 17.67 -18.15
N THR F 84 -26.48 17.94 -18.67
CA THR F 84 -26.60 18.96 -19.71
C THR F 84 -26.53 20.39 -19.16
N LEU F 85 -26.62 20.55 -17.84
CA LEU F 85 -26.52 21.89 -17.23
C LEU F 85 -25.09 22.43 -17.31
N TYR F 86 -24.13 21.51 -17.37
CA TYR F 86 -22.73 21.81 -17.53
C TYR F 86 -22.43 22.55 -18.84
N ASN F 87 -21.54 23.55 -18.77
CA ASN F 87 -21.20 24.39 -19.92
C ASN F 87 -19.76 24.35 -20.41
N GLY F 88 -18.85 23.74 -19.66
CA GLY F 88 -17.45 23.72 -20.08
C GLY F 88 -17.12 22.82 -21.27
N GLU F 89 -15.82 22.61 -21.49
CA GLU F 89 -15.35 21.58 -22.44
C GLU F 89 -15.90 20.24 -21.94
N PRO F 90 -16.44 19.42 -22.84
CA PRO F 90 -17.12 18.16 -22.45
C PRO F 90 -16.19 17.28 -21.62
N VAL F 91 -16.66 16.87 -20.47
CA VAL F 91 -15.94 15.96 -19.61
C VAL F 91 -16.95 15.13 -18.79
N SER F 92 -16.61 13.88 -18.56
CA SER F 92 -17.46 13.02 -17.74
C SER F 92 -16.59 12.09 -16.95
N VAL F 93 -16.61 12.22 -15.65
CA VAL F 93 -15.71 11.45 -14.80
C VAL F 93 -16.46 10.33 -14.09
N ALA F 94 -15.74 9.29 -13.71
CA ALA F 94 -16.35 8.15 -13.06
C ALA F 94 -16.92 8.55 -11.69
N ASN F 95 -18.16 8.14 -11.40
CA ASN F 95 -18.72 8.29 -10.06
C ASN F 95 -18.75 6.94 -9.33
N CYS F 96 -18.19 5.94 -9.98
CA CYS F 96 -18.10 4.60 -9.39
C CYS F 96 -16.91 3.84 -9.94
N SER F 97 -16.87 2.52 -9.70
CA SER F 97 -15.70 1.71 -10.00
C SER F 97 -16.10 0.35 -10.51
N VAL F 98 -15.16 -0.27 -11.24
CA VAL F 98 -15.35 -1.62 -11.73
C VAL F 98 -15.61 -2.57 -10.58
N GLU F 99 -14.81 -2.45 -9.52
CA GLU F 99 -14.92 -3.33 -8.35
C GLU F 99 -16.32 -3.30 -7.73
N GLU F 100 -16.87 -2.10 -7.58
CA GLU F 100 -18.23 -1.94 -7.07
C GLU F 100 -19.29 -2.48 -8.05
N ALA F 101 -19.08 -2.24 -9.34
CA ALA F 101 -19.96 -2.81 -10.38
C ALA F 101 -20.05 -4.32 -10.26
N VAL F 102 -18.90 -4.95 -10.07
CA VAL F 102 -18.83 -6.40 -9.91
C VAL F 102 -19.73 -6.84 -8.79
N SER F 103 -19.61 -6.19 -7.64
CA SER F 103 -20.36 -6.56 -6.45
C SER F 103 -21.86 -6.26 -6.58
N LEU F 104 -22.23 -5.36 -7.50
CA LEU F 104 -23.65 -5.09 -7.78
C LEU F 104 -24.22 -6.02 -8.87
N GLY F 105 -23.42 -6.96 -9.36
CA GLY F 105 -23.89 -7.94 -10.33
C GLY F 105 -23.83 -7.51 -11.79
N ALA F 106 -23.00 -6.52 -12.10
CA ALA F 106 -22.85 -6.06 -13.49
C ALA F 106 -22.16 -7.13 -14.31
N SER F 107 -22.57 -7.27 -15.57
CA SER F 107 -21.87 -8.16 -16.49
C SER F 107 -20.92 -7.40 -17.43
N ALA F 108 -20.96 -6.08 -17.39
CA ALA F 108 -20.05 -5.26 -18.18
C ALA F 108 -20.00 -3.86 -17.57
N VAL F 109 -19.04 -3.07 -17.98
CA VAL F 109 -19.00 -1.69 -17.53
C VAL F 109 -18.98 -0.75 -18.72
N GLY F 110 -19.50 0.46 -18.51
CA GLY F 110 -19.54 1.49 -19.53
C GLY F 110 -18.82 2.77 -19.18
N TYR F 111 -18.33 3.44 -20.20
CA TYR F 111 -17.57 4.66 -20.01
C TYR F 111 -17.63 5.50 -21.27
N THR F 112 -17.94 6.78 -21.09
CA THR F 112 -18.03 7.73 -22.19
C THR F 112 -16.73 8.50 -22.37
N ILE F 113 -16.29 8.65 -23.61
CA ILE F 113 -15.16 9.52 -23.92
C ILE F 113 -15.67 10.53 -24.92
N TYR F 114 -15.13 11.74 -24.84
CA TYR F 114 -15.41 12.78 -25.84
C TYR F 114 -14.11 13.17 -26.58
N PRO F 115 -13.71 12.38 -27.56
CA PRO F 115 -12.53 12.72 -28.35
C PRO F 115 -12.67 14.13 -28.90
N GLY F 116 -11.58 14.91 -28.87
CA GLY F 116 -11.59 16.25 -29.39
C GLY F 116 -11.80 17.30 -28.31
N SER F 117 -12.50 16.94 -27.24
CA SER F 117 -12.71 17.85 -26.11
C SER F 117 -11.38 18.40 -25.58
N GLY F 118 -11.41 19.63 -25.06
CA GLY F 118 -10.27 20.21 -24.39
C GLY F 118 -9.88 19.41 -23.16
N PHE F 119 -10.77 18.52 -22.75
CA PHE F 119 -10.55 17.64 -21.60
C PHE F 119 -10.36 16.17 -22.03
N GLU F 120 -10.04 15.95 -23.31
CA GLU F 120 -9.96 14.60 -23.84
C GLU F 120 -8.98 13.79 -23.01
N TRP F 121 -7.86 14.38 -22.67
CA TRP F 121 -6.84 13.74 -21.86
C TRP F 121 -7.34 13.26 -20.49
N LYS F 122 -8.27 14.02 -19.90
CA LYS F 122 -8.80 13.66 -18.57
C LYS F 122 -9.51 12.33 -18.63
N MET F 123 -10.36 12.14 -19.64
CA MET F 123 -11.04 10.85 -19.84
C MET F 123 -10.15 9.66 -20.30
N PHE F 124 -9.10 9.94 -21.09
CA PHE F 124 -8.17 8.90 -21.52
C PHE F 124 -7.35 8.39 -20.29
N GLU F 125 -6.96 9.33 -19.46
CA GLU F 125 -6.22 9.07 -18.22
C GLU F 125 -7.04 8.13 -17.35
N GLU F 126 -8.29 8.49 -17.15
CA GLU F 126 -9.20 7.71 -16.32
C GLU F 126 -9.56 6.36 -17.00
N LEU F 127 -9.82 6.38 -18.30
CA LEU F 127 -10.06 5.15 -19.04
C LEU F 127 -8.94 4.11 -18.86
N ALA F 128 -7.69 4.57 -18.82
CA ALA F 128 -6.56 3.70 -18.51
C ALA F 128 -6.77 2.88 -17.23
N ARG F 129 -7.17 3.55 -16.15
CA ARG F 129 -7.44 2.85 -14.89
C ARG F 129 -8.63 1.90 -15.03
N ILE F 130 -9.69 2.37 -15.68
CA ILE F 130 -10.92 1.59 -15.78
C ILE F 130 -10.75 0.34 -16.65
N LYS F 131 -10.03 0.50 -17.75
CA LYS F 131 -9.69 -0.61 -18.65
C LYS F 131 -8.86 -1.67 -17.89
N ARG F 132 -7.84 -1.21 -17.16
CA ARG F 132 -7.06 -2.10 -16.32
C ARG F 132 -7.95 -2.86 -15.34
N ASP F 133 -8.83 -2.13 -14.64
CA ASP F 133 -9.79 -2.77 -13.73
C ASP F 133 -10.74 -3.76 -14.44
N ALA F 134 -11.23 -3.38 -15.63
CA ALA F 134 -12.14 -4.23 -16.38
C ALA F 134 -11.49 -5.57 -16.68
N VAL F 135 -10.24 -5.54 -17.19
CA VAL F 135 -9.46 -6.77 -17.38
C VAL F 135 -9.30 -7.53 -16.05
N LYS F 136 -8.92 -6.83 -14.99
CA LYS F 136 -8.67 -7.47 -13.71
C LYS F 136 -9.92 -8.19 -13.15
N PHE F 137 -11.11 -7.58 -13.31
CA PHE F 137 -12.34 -8.17 -12.81
C PHE F 137 -13.08 -8.99 -13.88
N ASP F 138 -12.46 -9.14 -15.06
CA ASP F 138 -13.05 -9.90 -16.16
C ASP F 138 -14.43 -9.35 -16.57
N LEU F 139 -14.53 -8.04 -16.67
CA LEU F 139 -15.77 -7.39 -17.07
C LEU F 139 -15.54 -6.63 -18.38
N PRO F 140 -16.28 -6.96 -19.43
CA PRO F 140 -16.13 -6.27 -20.71
C PRO F 140 -16.29 -4.77 -20.54
N LEU F 141 -15.43 -3.98 -21.18
CA LEU F 141 -15.54 -2.52 -21.20
C LEU F 141 -16.26 -2.09 -22.48
N VAL F 142 -17.41 -1.44 -22.29
CA VAL F 142 -18.20 -0.87 -23.39
C VAL F 142 -17.92 0.64 -23.45
N VAL F 143 -17.46 1.11 -24.59
CA VAL F 143 -17.10 2.52 -24.66
C VAL F 143 -18.13 3.30 -25.50
N TRP F 144 -18.72 4.31 -24.86
CA TRP F 144 -19.54 5.29 -25.57
C TRP F 144 -18.54 6.27 -26.19
N SER F 145 -18.40 6.26 -27.50
CA SER F 145 -17.39 7.12 -28.11
C SER F 145 -18.06 8.28 -28.84
N TYR F 146 -18.01 9.46 -28.23
CA TYR F 146 -18.77 10.60 -28.72
C TYR F 146 -17.88 11.82 -28.93
N PRO F 147 -17.20 11.93 -30.08
CA PRO F 147 -16.37 13.10 -30.36
C PRO F 147 -17.20 14.36 -30.18
N ARG F 148 -16.63 15.32 -29.46
CA ARG F 148 -17.35 16.52 -29.08
C ARG F 148 -16.39 17.53 -28.51
N GLY F 149 -16.55 18.79 -28.92
CA GLY F 149 -15.60 19.84 -28.56
C GLY F 149 -14.50 19.93 -29.59
N GLY F 150 -13.47 20.73 -29.31
CA GLY F 150 -12.37 20.94 -30.25
C GLY F 150 -12.84 21.28 -31.65
N LYS F 151 -12.42 20.46 -32.62
CA LYS F 151 -12.75 20.67 -34.04
C LYS F 151 -14.08 20.07 -34.48
N VAL F 152 -14.71 19.27 -33.61
CA VAL F 152 -15.96 18.59 -33.97
C VAL F 152 -17.10 19.60 -34.15
N VAL F 153 -17.66 19.67 -35.35
CA VAL F 153 -18.82 20.52 -35.58
C VAL F 153 -20.06 19.65 -35.82
N ASN F 154 -19.96 18.70 -36.74
CA ASN F 154 -21.06 17.80 -37.00
C ASN F 154 -20.73 16.39 -36.45
N GLU F 155 -21.41 16.03 -35.37
CA GLU F 155 -21.17 14.76 -34.67
C GLU F 155 -21.52 13.51 -35.49
N THR F 156 -22.50 13.62 -36.38
CA THR F 156 -22.90 12.46 -37.19
C THR F 156 -22.21 12.43 -38.57
N ALA F 157 -21.30 13.37 -38.82
CA ALA F 157 -20.48 13.31 -40.03
C ALA F 157 -19.78 11.95 -40.13
N PRO F 158 -19.74 11.37 -41.33
CA PRO F 158 -19.16 10.04 -41.52
C PRO F 158 -17.71 9.96 -41.05
N GLU F 159 -16.91 11.00 -41.27
CA GLU F 159 -15.53 10.94 -40.84
C GLU F 159 -15.42 10.99 -39.31
N ILE F 160 -16.38 11.65 -38.66
CA ILE F 160 -16.36 11.78 -37.22
C ILE F 160 -16.80 10.49 -36.52
N VAL F 161 -17.85 9.87 -37.05
CA VAL F 161 -18.33 8.59 -36.55
C VAL F 161 -17.27 7.52 -36.77
N ALA F 162 -16.61 7.56 -37.91
CA ALA F 162 -15.53 6.61 -38.18
C ALA F 162 -14.36 6.83 -37.19
N TYR F 163 -14.01 8.08 -36.93
CA TYR F 163 -12.95 8.38 -35.98
C TYR F 163 -13.35 7.83 -34.59
N ALA F 164 -14.58 8.13 -34.19
CA ALA F 164 -15.15 7.67 -32.92
C ALA F 164 -14.98 6.15 -32.74
N ALA F 165 -15.31 5.40 -33.78
CA ALA F 165 -15.23 3.94 -33.79
C ALA F 165 -13.78 3.45 -33.64
N ARG F 166 -12.89 4.09 -34.40
CA ARG F 166 -11.48 3.72 -34.37
C ARG F 166 -10.87 4.01 -33.02
N ILE F 167 -11.12 5.21 -32.49
CA ILE F 167 -10.62 5.56 -31.16
C ILE F 167 -11.00 4.50 -30.13
N ALA F 168 -12.27 4.06 -30.12
CA ALA F 168 -12.73 3.09 -29.15
C ALA F 168 -11.94 1.80 -29.23
N LEU F 169 -11.68 1.34 -30.44
CA LEU F 169 -10.84 0.17 -30.65
C LEU F 169 -9.41 0.35 -30.11
N GLU F 170 -8.81 1.50 -30.44
CA GLU F 170 -7.42 1.80 -30.07
C GLU F 170 -7.25 1.83 -28.56
N LEU F 171 -8.24 2.33 -27.84
CA LEU F 171 -8.15 2.53 -26.41
C LEU F 171 -8.53 1.29 -25.58
N GLY F 172 -8.99 0.21 -26.24
CA GLY F 172 -9.27 -1.01 -25.51
C GLY F 172 -10.72 -1.42 -25.33
N ALA F 173 -11.66 -0.73 -25.97
CA ALA F 173 -13.06 -1.12 -25.91
C ALA F 173 -13.26 -2.57 -26.33
N ASP F 174 -14.09 -3.30 -25.58
CA ASP F 174 -14.47 -4.66 -25.98
C ASP F 174 -15.78 -4.66 -26.77
N ALA F 175 -16.52 -3.57 -26.66
CA ALA F 175 -17.69 -3.31 -27.48
C ALA F 175 -17.81 -1.80 -27.44
N MET F 176 -18.45 -1.21 -28.42
CA MET F 176 -18.59 0.23 -28.42
C MET F 176 -20.00 0.64 -28.85
N LYS F 177 -20.29 1.90 -28.55
CA LYS F 177 -21.57 2.53 -28.84
C LYS F 177 -21.24 3.87 -29.51
N ILE F 178 -21.78 4.08 -30.71
CA ILE F 178 -21.51 5.28 -31.50
C ILE F 178 -22.77 5.77 -32.18
N LYS F 179 -22.76 7.02 -32.63
CA LYS F 179 -23.91 7.63 -33.30
C LYS F 179 -23.98 7.13 -34.73
N TYR F 180 -25.21 7.02 -35.24
CA TYR F 180 -25.48 6.65 -36.61
C TYR F 180 -25.14 7.83 -37.55
N THR F 181 -24.63 7.52 -38.73
CA THR F 181 -24.32 8.53 -39.74
C THR F 181 -25.55 9.05 -40.50
N GLY F 182 -26.64 8.29 -40.45
CA GLY F 182 -27.80 8.58 -41.27
C GLY F 182 -27.94 7.66 -42.49
N ASP F 183 -26.84 7.05 -42.94
CA ASP F 183 -26.92 6.07 -44.04
C ASP F 183 -25.98 4.89 -43.84
N PRO F 184 -26.42 3.69 -44.25
CA PRO F 184 -25.66 2.46 -44.02
C PRO F 184 -24.31 2.38 -44.76
N LYS F 185 -24.10 3.18 -45.82
CA LYS F 185 -22.86 3.15 -46.60
C LYS F 185 -21.70 3.64 -45.73
N THR F 186 -21.85 4.85 -45.21
CA THR F 186 -20.83 5.47 -44.37
C THR F 186 -20.72 4.80 -43.01
N PHE F 187 -21.83 4.28 -42.49
CA PHE F 187 -21.81 3.62 -41.19
C PHE F 187 -21.05 2.29 -41.26
N SER F 188 -21.01 1.68 -42.43
CA SER F 188 -20.31 0.42 -42.51
C SER F 188 -18.79 0.64 -42.60
N TRP F 189 -18.35 1.82 -43.02
CA TRP F 189 -16.94 2.19 -42.85
C TRP F 189 -16.55 2.31 -41.36
N ALA F 190 -17.44 2.90 -40.55
CA ALA F 190 -17.23 2.99 -39.09
C ALA F 190 -17.10 1.60 -38.50
N VAL F 191 -18.01 0.72 -38.91
CA VAL F 191 -18.05 -0.67 -38.43
C VAL F 191 -16.80 -1.39 -38.87
N LYS F 192 -16.39 -1.16 -40.11
CA LYS F 192 -15.16 -1.78 -40.62
C LYS F 192 -13.89 -1.41 -39.80
N VAL F 193 -13.70 -0.11 -39.54
CA VAL F 193 -12.51 0.36 -38.82
C VAL F 193 -12.51 -0.06 -37.32
N ALA F 194 -13.68 -0.48 -36.83
CA ALA F 194 -13.80 -0.98 -35.47
C ALA F 194 -13.25 -2.38 -35.39
N GLY F 195 -13.03 -3.03 -36.55
CA GLY F 195 -12.41 -4.34 -36.58
C GLY F 195 -13.16 -5.44 -35.82
N LYS F 196 -12.46 -6.20 -34.97
CA LYS F 196 -13.04 -7.23 -34.08
C LYS F 196 -14.03 -6.70 -33.01
N VAL F 197 -14.05 -5.39 -32.76
CA VAL F 197 -14.89 -4.85 -31.69
C VAL F 197 -16.33 -4.56 -32.18
N PRO F 198 -17.32 -5.20 -31.57
CA PRO F 198 -18.71 -5.01 -32.00
C PRO F 198 -19.24 -3.60 -31.75
N VAL F 199 -20.07 -3.11 -32.66
CA VAL F 199 -20.58 -1.75 -32.65
C VAL F 199 -22.08 -1.80 -32.40
N LEU F 200 -22.52 -1.04 -31.39
CA LEU F 200 -23.95 -0.77 -31.14
C LEU F 200 -24.27 0.66 -31.51
N MET F 201 -25.42 0.84 -32.16
CA MET F 201 -25.89 2.16 -32.55
C MET F 201 -26.48 2.86 -31.33
N SER F 202 -26.05 4.08 -31.08
CA SER F 202 -26.65 4.91 -30.07
C SER F 202 -28.02 5.35 -30.58
N GLY F 203 -29.08 4.98 -29.86
CA GLY F 203 -30.46 5.21 -30.28
C GLY F 203 -30.82 6.67 -30.57
N GLY F 204 -30.59 7.55 -29.59
CA GLY F 204 -30.77 8.98 -29.77
C GLY F 204 -32.14 9.52 -29.37
N PRO F 205 -32.42 10.78 -29.74
CA PRO F 205 -33.72 11.42 -29.48
C PRO F 205 -34.89 10.75 -30.21
N LYS F 206 -36.10 10.83 -29.65
CA LYS F 206 -37.28 10.20 -30.23
C LYS F 206 -37.54 10.77 -31.64
N THR F 207 -37.63 9.86 -32.61
CA THR F 207 -37.90 10.17 -34.02
C THR F 207 -39.37 10.55 -34.21
N LYS F 208 -39.65 11.26 -35.30
CA LYS F 208 -41.01 11.71 -35.63
C LYS F 208 -42.01 10.54 -35.70
N THR F 209 -41.57 9.42 -36.32
CA THR F 209 -42.36 8.19 -36.41
C THR F 209 -41.53 6.98 -36.03
N GLU F 210 -42.21 5.85 -35.82
CA GLU F 210 -41.58 4.57 -35.52
C GLU F 210 -40.83 3.99 -36.74
N GLU F 211 -41.37 4.20 -37.93
CA GLU F 211 -40.78 3.67 -39.16
C GLU F 211 -39.39 4.29 -39.46
N ASP F 212 -39.19 5.54 -39.03
CA ASP F 212 -37.91 6.20 -39.23
C ASP F 212 -36.81 5.52 -38.38
N PHE F 213 -37.18 5.12 -37.15
CA PHE F 213 -36.23 4.47 -36.27
C PHE F 213 -35.91 3.12 -36.84
N LEU F 214 -36.96 2.39 -37.22
CA LEU F 214 -36.77 1.06 -37.76
C LEU F 214 -35.89 1.04 -39.02
N LYS F 215 -35.94 2.12 -39.82
CA LYS F 215 -35.03 2.23 -40.99
C LYS F 215 -33.58 2.40 -40.56
N GLN F 216 -33.34 3.29 -39.60
CA GLN F 216 -32.00 3.43 -39.04
C GLN F 216 -31.48 2.07 -38.57
N VAL F 217 -32.31 1.36 -37.78
CA VAL F 217 -31.93 0.05 -37.23
C VAL F 217 -31.62 -0.90 -38.37
N GLU F 218 -32.51 -1.00 -39.33
CA GLU F 218 -32.29 -1.87 -40.50
C GLU F 218 -30.97 -1.53 -41.17
N GLY F 219 -30.72 -0.23 -41.35
CA GLY F 219 -29.49 0.26 -41.94
C GLY F 219 -28.26 -0.02 -41.11
N VAL F 220 -28.41 0.06 -39.79
CA VAL F 220 -27.32 -0.21 -38.87
C VAL F 220 -26.86 -1.70 -38.98
N LEU F 221 -27.82 -2.61 -39.03
CA LEU F 221 -27.54 -4.06 -39.08
C LEU F 221 -26.95 -4.48 -40.45
N GLU F 222 -27.41 -3.79 -41.48
CA GLU F 222 -26.95 -3.95 -42.83
C GLU F 222 -25.49 -3.58 -42.86
N ALA F 223 -25.19 -2.43 -42.23
CA ALA F 223 -23.83 -1.95 -42.12
C ALA F 223 -22.93 -2.90 -41.30
N GLY F 224 -23.55 -3.85 -40.59
CA GLY F 224 -22.79 -4.89 -39.90
C GLY F 224 -22.61 -4.62 -38.41
N ALA F 225 -23.36 -3.67 -37.90
CA ALA F 225 -23.42 -3.46 -36.47
C ALA F 225 -24.07 -4.63 -35.71
N LEU F 226 -23.65 -4.83 -34.47
CA LEU F 226 -24.18 -5.90 -33.63
C LEU F 226 -25.62 -5.63 -33.17
N GLY F 227 -26.05 -4.38 -33.28
CA GLY F 227 -27.39 -3.99 -32.92
C GLY F 227 -27.43 -2.58 -32.31
N ILE F 228 -28.33 -2.38 -31.35
CA ILE F 228 -28.67 -1.04 -30.92
C ILE F 228 -28.64 -0.91 -29.38
N ALA F 229 -28.28 0.27 -28.89
CA ALA F 229 -28.48 0.59 -27.50
C ALA F 229 -29.50 1.69 -27.51
N VAL F 230 -30.76 1.33 -27.26
CA VAL F 230 -31.86 2.27 -27.38
C VAL F 230 -32.39 2.68 -25.99
N GLY F 231 -32.77 3.96 -25.87
CA GLY F 231 -33.33 4.51 -24.65
C GLY F 231 -34.69 5.12 -24.90
N ARG F 232 -34.71 6.45 -25.06
CA ARG F 232 -35.92 7.23 -25.31
C ARG F 232 -36.88 6.61 -26.36
N ASN F 233 -36.31 6.18 -27.48
CA ASN F 233 -37.10 5.67 -28.58
C ASN F 233 -37.91 4.44 -28.26
N VAL F 234 -37.60 3.79 -27.13
CA VAL F 234 -38.50 2.82 -26.51
C VAL F 234 -39.29 3.46 -25.34
N TRP F 235 -38.62 3.77 -24.23
CA TRP F 235 -39.33 4.11 -23.00
C TRP F 235 -40.00 5.48 -22.94
N GLN F 236 -39.76 6.32 -23.93
CA GLN F 236 -40.47 7.61 -24.00
C GLN F 236 -41.83 7.44 -24.67
N ARG F 237 -42.04 6.29 -25.30
CA ARG F 237 -43.29 5.98 -26.01
C ARG F 237 -44.35 5.37 -25.12
N ARG F 238 -45.60 5.83 -25.31
CA ARG F 238 -46.74 5.24 -24.64
C ARG F 238 -46.95 3.79 -25.10
N ASP F 239 -46.50 3.48 -26.31
CA ASP F 239 -46.59 2.10 -26.82
C ASP F 239 -45.26 1.34 -26.65
N ALA F 240 -44.60 1.61 -25.52
CA ALA F 240 -43.26 1.12 -25.18
C ALA F 240 -43.05 -0.37 -25.41
N LEU F 241 -43.88 -1.21 -24.80
CA LEU F 241 -43.76 -2.65 -24.98
C LEU F 241 -43.95 -3.13 -26.44
N LYS F 242 -45.03 -2.72 -27.11
CA LYS F 242 -45.25 -3.12 -28.50
C LYS F 242 -44.08 -2.75 -29.39
N PHE F 243 -43.60 -1.51 -29.30
CA PHE F 243 -42.48 -1.11 -30.13
C PHE F 243 -41.18 -1.90 -29.88
N ALA F 244 -40.91 -2.18 -28.60
CA ALA F 244 -39.74 -2.95 -28.19
C ALA F 244 -39.74 -4.36 -28.78
N ARG F 245 -40.93 -4.95 -28.89
CA ARG F 245 -41.10 -6.31 -29.35
C ARG F 245 -40.98 -6.34 -30.86
N ALA F 246 -41.54 -5.32 -31.50
CA ALA F 246 -41.19 -5.00 -32.90
C ALA F 246 -39.69 -4.77 -33.08
N LEU F 247 -39.07 -4.08 -32.13
CA LEU F 247 -37.63 -3.87 -32.22
C LEU F 247 -36.95 -5.24 -32.16
N ALA F 248 -37.40 -6.10 -31.24
CA ALA F 248 -36.85 -7.46 -31.10
C ALA F 248 -37.00 -8.25 -32.39
N GLU F 249 -38.20 -8.21 -32.99
CA GLU F 249 -38.44 -9.00 -34.18
C GLU F 249 -37.47 -8.60 -35.27
N LEU F 250 -37.23 -7.29 -35.40
CA LEU F 250 -36.31 -6.82 -36.42
C LEU F 250 -34.83 -7.21 -36.14
N VAL F 251 -34.35 -6.96 -34.92
CA VAL F 251 -32.96 -7.22 -34.59
C VAL F 251 -32.59 -8.71 -34.61
N TYR F 252 -33.31 -9.54 -33.86
CA TYR F 252 -32.89 -10.94 -33.77
C TYR F 252 -33.13 -11.86 -35.02
N GLY F 253 -33.89 -11.39 -36.01
CA GLY F 253 -34.19 -12.16 -37.23
C GLY F 253 -34.99 -13.44 -37.00
N ALA G 2 19.78 -5.07 -17.97
CA ALA G 2 20.41 -3.82 -17.44
C ALA G 2 20.49 -2.67 -18.47
N ASN G 3 21.24 -2.88 -19.58
CA ASN G 3 21.34 -1.86 -20.64
C ASN G 3 20.22 -1.99 -21.68
N LEU G 4 19.28 -1.04 -21.64
CA LEU G 4 18.04 -1.13 -22.41
C LEU G 4 18.19 -0.71 -23.87
N THR G 5 19.03 0.27 -24.13
CA THR G 5 19.41 0.59 -25.51
C THR G 5 19.95 -0.65 -26.24
N GLU G 6 20.83 -1.39 -25.57
CA GLU G 6 21.38 -2.62 -26.12
C GLU G 6 20.31 -3.68 -26.36
N LYS G 7 19.38 -3.84 -25.42
CA LYS G 7 18.24 -4.74 -25.59
C LYS G 7 17.40 -4.31 -26.78
N PHE G 8 17.15 -3.01 -26.91
CA PHE G 8 16.44 -2.48 -28.07
C PHE G 8 17.13 -2.85 -29.41
N LEU G 9 18.44 -2.58 -29.49
CA LEU G 9 19.21 -2.88 -30.69
C LEU G 9 19.21 -4.37 -31.04
N ARG G 10 19.36 -5.21 -30.02
CA ARG G 10 19.30 -6.67 -30.15
C ARG G 10 17.96 -7.12 -30.72
N ILE G 11 16.87 -6.48 -30.33
CA ILE G 11 15.55 -6.92 -30.77
C ILE G 11 15.09 -6.25 -32.07
N PHE G 12 15.31 -4.94 -32.18
CA PHE G 12 14.80 -4.15 -33.29
C PHE G 12 15.84 -3.76 -34.37
N ALA G 13 17.08 -4.19 -34.19
CA ALA G 13 18.15 -3.85 -35.14
C ALA G 13 19.24 -4.93 -35.23
N ARG G 14 18.82 -6.19 -35.32
CA ARG G 14 19.76 -7.31 -35.45
C ARG G 14 20.70 -7.17 -36.63
N ARG G 15 20.24 -6.50 -37.70
CA ARG G 15 21.06 -6.26 -38.88
C ARG G 15 21.89 -4.98 -38.80
N GLY G 16 21.81 -4.27 -37.67
CA GLY G 16 22.58 -3.05 -37.46
C GLY G 16 21.86 -1.77 -37.87
N LYS G 17 20.72 -1.93 -38.56
CA LYS G 17 19.82 -0.84 -38.91
C LYS G 17 18.42 -1.33 -38.66
N SER G 18 17.44 -0.44 -38.74
CA SER G 18 16.12 -0.75 -38.23
C SER G 18 15.01 -0.10 -39.04
N ILE G 19 13.97 -0.88 -39.31
CA ILE G 19 12.72 -0.37 -39.85
C ILE G 19 11.54 -0.80 -38.96
N ILE G 20 10.82 0.19 -38.45
CA ILE G 20 9.65 -0.04 -37.63
C ILE G 20 8.44 0.35 -38.44
N LEU G 21 7.40 -0.50 -38.44
CA LEU G 21 6.12 -0.16 -39.07
C LEU G 21 5.18 0.48 -38.05
N ALA G 22 5.00 1.78 -38.19
CA ALA G 22 4.22 2.57 -37.24
C ALA G 22 2.73 2.41 -37.56
N TYR G 23 1.92 2.24 -36.52
CA TYR G 23 0.49 2.02 -36.74
C TYR G 23 -0.36 2.55 -35.58
N ASP G 24 0.05 3.69 -35.03
CA ASP G 24 -0.76 4.37 -34.03
C ASP G 24 -1.70 5.40 -34.64
N HIS G 25 -1.72 5.46 -35.97
CA HIS G 25 -2.46 6.49 -36.72
C HIS G 25 -3.96 6.53 -36.49
N GLY G 26 -4.54 5.34 -36.24
CA GLY G 26 -5.94 5.20 -35.98
C GLY G 26 -6.45 6.15 -34.90
N ILE G 27 -5.67 6.37 -33.85
CA ILE G 27 -6.02 7.35 -32.82
C ILE G 27 -5.49 8.74 -33.16
N GLU G 28 -4.23 8.83 -33.59
CA GLU G 28 -3.56 10.11 -33.79
C GLU G 28 -4.23 10.93 -34.89
N HIS G 29 -4.59 10.28 -35.99
CA HIS G 29 -5.10 11.01 -37.16
C HIS G 29 -6.49 10.57 -37.52
N GLY G 30 -6.88 9.40 -37.00
CA GLY G 30 -8.13 8.79 -37.40
C GLY G 30 -8.04 7.97 -38.67
N PRO G 31 -9.15 7.32 -39.04
CA PRO G 31 -9.15 6.30 -40.07
C PRO G 31 -9.23 6.79 -41.53
N ALA G 32 -9.33 8.10 -41.77
CA ALA G 32 -9.50 8.65 -43.13
C ALA G 32 -8.40 8.25 -44.13
N ASP G 33 -7.14 8.34 -43.70
CA ASP G 33 -6.01 7.86 -44.49
C ASP G 33 -6.08 6.36 -44.87
N PHE G 34 -6.78 5.54 -44.09
CA PHE G 34 -6.90 4.12 -44.41
C PHE G 34 -7.68 3.92 -45.71
N MET G 35 -8.32 4.98 -46.20
CA MET G 35 -9.20 4.85 -47.37
C MET G 35 -8.46 4.60 -48.70
N ASP G 36 -7.28 5.19 -48.84
CA ASP G 36 -6.44 5.03 -50.02
C ASP G 36 -6.10 3.56 -50.33
N ASN G 37 -5.85 2.79 -49.27
CA ASN G 37 -5.54 1.35 -49.34
C ASN G 37 -6.32 0.63 -48.22
N PRO G 38 -7.59 0.31 -48.47
CA PRO G 38 -8.55 -0.13 -47.44
C PRO G 38 -8.11 -1.24 -46.47
N ASP G 39 -7.26 -2.15 -46.93
CA ASP G 39 -6.70 -3.20 -46.08
C ASP G 39 -5.87 -2.65 -44.89
N SER G 40 -5.39 -1.43 -45.02
CA SER G 40 -4.59 -0.82 -43.96
C SER G 40 -5.37 -0.57 -42.67
N ALA G 41 -6.69 -0.44 -42.77
CA ALA G 41 -7.56 -0.35 -41.61
C ALA G 41 -7.54 -1.64 -40.79
N ASP G 42 -7.04 -2.73 -41.38
CA ASP G 42 -6.99 -4.05 -40.74
C ASP G 42 -5.60 -4.30 -40.12
N PRO G 43 -5.52 -4.38 -38.80
CA PRO G 43 -4.22 -4.59 -38.13
C PRO G 43 -3.55 -5.92 -38.51
N GLU G 44 -4.35 -6.92 -38.88
CA GLU G 44 -3.86 -8.23 -39.33
C GLU G 44 -3.05 -8.11 -40.61
N TYR G 45 -3.52 -7.26 -41.51
CA TYR G 45 -2.81 -6.89 -42.72
C TYR G 45 -1.47 -6.23 -42.39
N ILE G 46 -1.45 -5.36 -41.39
CA ILE G 46 -0.24 -4.65 -40.96
C ILE G 46 0.81 -5.62 -40.42
N LEU G 47 0.39 -6.55 -39.59
CA LEU G 47 1.30 -7.61 -39.13
C LEU G 47 1.91 -8.46 -40.27
N ARG G 48 1.06 -8.93 -41.20
CA ARG G 48 1.52 -9.67 -42.39
C ARG G 48 2.49 -8.83 -43.21
N LEU G 49 2.16 -7.56 -43.38
CA LEU G 49 2.97 -6.61 -44.13
C LEU G 49 4.35 -6.47 -43.50
N ALA G 50 4.40 -6.26 -42.19
CA ALA G 50 5.65 -6.10 -41.49
C ALA G 50 6.53 -7.34 -41.62
N ARG G 51 5.91 -8.51 -41.51
CA ARG G 51 6.63 -9.77 -41.50
C ARG G 51 7.14 -10.12 -42.90
N ASP G 52 6.28 -9.96 -43.91
CA ASP G 52 6.62 -10.26 -45.29
C ASP G 52 7.70 -9.30 -45.84
N ALA G 53 7.73 -8.08 -45.31
CA ALA G 53 8.74 -7.14 -45.73
C ALA G 53 10.04 -7.34 -44.96
N GLY G 54 10.02 -8.17 -43.91
CA GLY G 54 11.21 -8.41 -43.10
C GLY G 54 11.54 -7.27 -42.11
N PHE G 55 10.56 -6.42 -41.82
CA PHE G 55 10.74 -5.30 -40.91
C PHE G 55 11.03 -5.79 -39.50
N ASP G 56 11.49 -4.87 -38.64
CA ASP G 56 11.90 -5.18 -37.26
C ASP G 56 10.83 -5.09 -36.21
N GLY G 57 9.80 -4.29 -36.46
CA GLY G 57 8.75 -4.16 -35.48
C GLY G 57 7.53 -3.44 -35.98
N VAL G 58 6.52 -3.44 -35.12
CA VAL G 58 5.33 -2.65 -35.31
C VAL G 58 5.07 -1.84 -34.05
N VAL G 59 4.38 -0.71 -34.22
CA VAL G 59 3.94 0.12 -33.10
C VAL G 59 2.42 0.07 -33.08
N PHE G 60 1.85 -0.45 -31.99
CA PHE G 60 0.42 -0.52 -31.78
C PHE G 60 0.08 0.23 -30.49
N GLN G 61 -1.10 0.85 -30.48
CA GLN G 61 -1.75 1.23 -29.24
C GLN G 61 -2.25 -0.04 -28.54
N ARG G 62 -2.52 0.07 -27.26
CA ARG G 62 -2.85 -1.10 -26.48
C ARG G 62 -4.09 -1.85 -26.99
N GLY G 63 -5.13 -1.13 -27.39
CA GLY G 63 -6.33 -1.77 -27.93
C GLY G 63 -6.05 -2.68 -29.11
N ILE G 64 -5.25 -2.19 -30.05
CA ILE G 64 -4.91 -2.94 -31.23
C ILE G 64 -4.02 -4.10 -30.84
N ALA G 65 -3.06 -3.84 -29.93
CA ALA G 65 -2.17 -4.89 -29.47
C ALA G 65 -2.98 -6.01 -28.83
N GLU G 66 -3.90 -5.65 -27.96
CA GLU G 66 -4.70 -6.62 -27.22
C GLU G 66 -5.58 -7.46 -28.15
N LYS G 67 -6.22 -6.85 -29.13
CA LYS G 67 -7.13 -7.59 -30.00
C LYS G 67 -6.43 -8.30 -31.14
N TYR G 68 -5.27 -7.82 -31.56
CA TYR G 68 -4.63 -8.35 -32.77
C TYR G 68 -3.20 -8.89 -32.65
N TYR G 69 -2.43 -8.50 -31.64
CA TYR G 69 -1.01 -8.87 -31.65
C TYR G 69 -0.85 -10.39 -31.48
N ASP G 70 -0.01 -10.98 -32.34
CA ASP G 70 0.11 -12.43 -32.40
C ASP G 70 1.57 -12.90 -32.20
N GLY G 71 2.43 -12.00 -31.74
CA GLY G 71 3.82 -12.33 -31.47
C GLY G 71 4.70 -12.58 -32.70
N SER G 72 4.23 -12.25 -33.90
CA SER G 72 4.94 -12.63 -35.12
C SER G 72 5.98 -11.63 -35.56
N VAL G 73 5.93 -10.43 -34.95
CA VAL G 73 6.84 -9.31 -35.21
C VAL G 73 7.00 -8.57 -33.88
N PRO G 74 8.23 -8.26 -33.46
CA PRO G 74 8.43 -7.53 -32.20
C PRO G 74 7.53 -6.28 -32.11
N LEU G 75 6.93 -6.06 -30.94
CA LEU G 75 5.98 -4.98 -30.72
C LEU G 75 6.55 -3.88 -29.81
N ILE G 76 6.37 -2.63 -30.24
CA ILE G 76 6.52 -1.45 -29.39
C ILE G 76 5.10 -1.02 -29.07
N LEU G 77 4.74 -1.03 -27.80
CA LEU G 77 3.41 -0.63 -27.36
C LEU G 77 3.48 0.86 -27.10
N LYS G 78 2.78 1.63 -27.94
CA LYS G 78 2.69 3.07 -27.80
C LYS G 78 1.68 3.37 -26.68
N LEU G 79 2.18 3.89 -25.57
CA LEU G 79 1.42 4.05 -24.32
C LEU G 79 0.45 5.21 -24.32
N ASN G 80 0.85 6.33 -24.92
CA ASN G 80 -0.05 7.48 -24.97
C ASN G 80 -0.57 7.75 -26.38
N GLY G 81 -1.69 8.45 -26.45
CA GLY G 81 -2.22 8.88 -27.74
C GLY G 81 -3.15 10.06 -27.53
N LYS G 82 -3.26 10.88 -28.57
CA LYS G 82 -4.24 11.98 -28.62
C LYS G 82 -4.84 12.03 -30.02
N THR G 83 -5.86 12.88 -30.21
CA THR G 83 -6.52 13.02 -31.53
C THR G 83 -6.21 14.36 -32.18
N THR G 84 -6.42 14.43 -33.50
CA THR G 84 -6.33 15.72 -34.21
C THR G 84 -7.56 16.60 -33.97
N LEU G 85 -8.61 16.02 -33.40
CA LEU G 85 -9.83 16.78 -33.13
C LEU G 85 -9.60 17.77 -31.99
N TYR G 86 -8.65 17.41 -31.12
CA TYR G 86 -8.24 18.21 -29.98
C TYR G 86 -7.63 19.54 -30.41
N ASN G 87 -7.96 20.59 -29.68
CA ASN G 87 -7.53 21.95 -30.01
C ASN G 87 -6.66 22.67 -29.01
N GLY G 88 -6.50 22.12 -27.80
CA GLY G 88 -5.74 22.82 -26.78
C GLY G 88 -4.24 22.85 -26.97
N GLU G 89 -3.51 23.22 -25.92
CA GLU G 89 -2.04 23.04 -25.90
C GLU G 89 -1.78 21.53 -26.06
N PRO G 90 -0.83 21.15 -26.92
CA PRO G 90 -0.58 19.71 -27.21
C PRO G 90 -0.31 18.89 -25.94
N VAL G 91 -1.05 17.81 -25.78
CA VAL G 91 -0.88 16.94 -24.66
C VAL G 91 -1.31 15.53 -25.07
N SER G 92 -0.56 14.54 -24.59
CA SER G 92 -0.94 13.16 -24.85
C SER G 92 -0.65 12.33 -23.61
N VAL G 93 -1.70 11.74 -23.03
CA VAL G 93 -1.53 11.02 -21.78
C VAL G 93 -1.60 9.53 -22.02
N ALA G 94 -0.95 8.76 -21.14
CA ALA G 94 -0.97 7.31 -21.22
C ALA G 94 -2.41 6.75 -21.08
N ASN G 95 -2.77 5.83 -21.97
CA ASN G 95 -4.04 5.10 -21.85
C ASN G 95 -3.77 3.67 -21.44
N CYS G 96 -2.49 3.39 -21.18
CA CYS G 96 -2.09 2.07 -20.72
C CYS G 96 -0.81 2.15 -19.90
N SER G 97 -0.20 1.01 -19.60
CA SER G 97 0.91 0.93 -18.67
C SER G 97 1.99 -0.02 -19.16
N VAL G 98 3.20 0.16 -18.63
CA VAL G 98 4.30 -0.73 -18.96
C VAL G 98 3.96 -2.15 -18.55
N GLU G 99 3.43 -2.32 -17.35
CA GLU G 99 3.07 -3.65 -16.83
C GLU G 99 2.13 -4.41 -17.75
N GLU G 100 1.13 -3.70 -18.28
CA GLU G 100 0.18 -4.30 -19.19
C GLU G 100 0.82 -4.61 -20.55
N ALA G 101 1.71 -3.72 -21.00
CA ALA G 101 2.45 -3.95 -22.25
C ALA G 101 3.25 -5.23 -22.16
N VAL G 102 3.85 -5.45 -21.00
CA VAL G 102 4.65 -6.65 -20.75
C VAL G 102 3.81 -7.88 -20.98
N SER G 103 2.64 -7.90 -20.34
CA SER G 103 1.74 -9.05 -20.42
C SER G 103 1.14 -9.23 -21.81
N LEU G 104 1.17 -8.19 -22.64
CA LEU G 104 0.71 -8.29 -24.03
C LEU G 104 1.82 -8.73 -25.00
N GLY G 105 3.03 -8.96 -24.47
CA GLY G 105 4.14 -9.43 -25.29
C GLY G 105 4.94 -8.33 -25.96
N ALA G 106 4.85 -7.10 -25.46
CA ALA G 106 5.65 -6.01 -26.02
C ALA G 106 7.12 -6.24 -25.75
N SER G 107 7.97 -5.80 -26.67
CA SER G 107 9.43 -5.79 -26.45
C SER G 107 9.97 -4.40 -26.14
N ALA G 108 9.12 -3.39 -26.25
CA ALA G 108 9.49 -2.02 -25.93
C ALA G 108 8.23 -1.22 -25.69
N VAL G 109 8.38 -0.04 -25.08
CA VAL G 109 7.24 0.86 -24.91
C VAL G 109 7.53 2.21 -25.53
N GLY G 110 6.48 2.89 -25.97
CA GLY G 110 6.61 4.18 -26.63
C GLY G 110 5.81 5.27 -25.95
N TYR G 111 6.34 6.48 -26.02
CA TYR G 111 5.69 7.61 -25.38
C TYR G 111 6.06 8.89 -26.12
N THR G 112 5.03 9.70 -26.44
CA THR G 112 5.23 10.98 -27.11
C THR G 112 5.34 12.12 -26.09
N ILE G 113 6.31 13.00 -26.32
CA ILE G 113 6.39 14.26 -25.56
C ILE G 113 6.32 15.35 -26.59
N TYR G 114 5.75 16.48 -26.19
CA TYR G 114 5.72 17.70 -26.99
C TYR G 114 6.45 18.83 -26.24
N PRO G 115 7.78 18.84 -26.27
CA PRO G 115 8.54 19.90 -25.60
C PRO G 115 8.06 21.28 -26.09
N GLY G 116 7.91 22.24 -25.16
CA GLY G 116 7.48 23.57 -25.54
C GLY G 116 6.03 23.84 -25.27
N SER G 117 5.21 22.78 -25.30
CA SER G 117 3.78 22.86 -25.06
C SER G 117 3.50 23.48 -23.69
N GLY G 118 2.37 24.17 -23.60
CA GLY G 118 1.90 24.68 -22.33
C GLY G 118 1.66 23.56 -21.31
N PHE G 119 1.62 22.33 -21.81
CA PHE G 119 1.40 21.16 -20.99
C PHE G 119 2.67 20.29 -20.97
N GLU G 120 3.83 20.88 -21.27
CA GLU G 120 5.04 20.07 -21.35
C GLU G 120 5.27 19.33 -20.01
N TRP G 121 5.10 20.05 -18.91
CA TRP G 121 5.21 19.47 -17.58
C TRP G 121 4.34 18.22 -17.35
N LYS G 122 3.14 18.20 -17.90
CA LYS G 122 2.25 17.08 -17.72
C LYS G 122 2.87 15.79 -18.29
N MET G 123 3.43 15.88 -19.49
CA MET G 123 4.11 14.73 -20.07
C MET G 123 5.43 14.33 -19.42
N PHE G 124 6.17 15.30 -18.89
CA PHE G 124 7.44 15.00 -18.22
C PHE G 124 7.15 14.26 -16.92
N GLU G 125 6.15 14.73 -16.21
CA GLU G 125 5.64 14.13 -14.98
C GLU G 125 5.29 12.66 -15.19
N GLU G 126 4.50 12.43 -16.22
CA GLU G 126 4.09 11.08 -16.54
C GLU G 126 5.26 10.22 -17.09
N LEU G 127 6.09 10.81 -17.95
CA LEU G 127 7.30 10.13 -18.39
C LEU G 127 8.14 9.62 -17.23
N ALA G 128 8.26 10.39 -16.17
CA ALA G 128 8.99 9.92 -14.98
C ALA G 128 8.52 8.54 -14.50
N ARG G 129 7.21 8.37 -14.37
CA ARG G 129 6.62 7.10 -13.93
C ARG G 129 6.87 6.02 -14.99
N ILE G 130 6.67 6.35 -16.25
CA ILE G 130 6.82 5.38 -17.32
C ILE G 130 8.24 4.88 -17.46
N LYS G 131 9.20 5.83 -17.44
CA LYS G 131 10.63 5.51 -17.45
C LYS G 131 11.01 4.56 -16.29
N ARG G 132 10.55 4.88 -15.09
CA ARG G 132 10.77 4.03 -13.93
C ARG G 132 10.20 2.63 -14.19
N ASP G 133 8.97 2.57 -14.70
CA ASP G 133 8.35 1.28 -15.02
C ASP G 133 9.11 0.52 -16.11
N ALA G 134 9.56 1.23 -17.14
CA ALA G 134 10.33 0.63 -18.24
C ALA G 134 11.58 -0.08 -17.71
N VAL G 135 12.32 0.60 -16.83
CA VAL G 135 13.50 0.03 -16.17
C VAL G 135 13.08 -1.19 -15.34
N LYS G 136 12.03 -1.03 -14.54
CA LYS G 136 11.55 -2.10 -13.66
C LYS G 136 11.17 -3.38 -14.45
N PHE G 137 10.49 -3.21 -15.59
CA PHE G 137 10.07 -4.36 -16.39
C PHE G 137 11.09 -4.75 -17.47
N ASP G 138 12.22 -4.03 -17.53
CA ASP G 138 13.26 -4.31 -18.51
C ASP G 138 12.76 -4.16 -19.95
N LEU G 139 12.02 -3.08 -20.19
CA LEU G 139 11.47 -2.80 -21.51
C LEU G 139 12.04 -1.48 -21.99
N PRO G 140 12.76 -1.47 -23.11
CA PRO G 140 13.29 -0.21 -23.63
C PRO G 140 12.18 0.83 -23.80
N LEU G 141 12.48 2.08 -23.47
CA LEU G 141 11.56 3.20 -23.68
C LEU G 141 11.96 3.92 -24.96
N VAL G 142 11.02 4.03 -25.88
CA VAL G 142 11.20 4.73 -27.15
C VAL G 142 10.43 6.03 -27.03
N VAL G 143 11.14 7.16 -27.15
CA VAL G 143 10.49 8.47 -27.03
C VAL G 143 10.26 9.13 -28.39
N TRP G 144 9.00 9.37 -28.71
CA TRP G 144 8.65 10.20 -29.87
C TRP G 144 8.84 11.62 -29.34
N SER G 145 9.81 12.33 -29.87
CA SER G 145 10.10 13.65 -29.33
C SER G 145 9.69 14.74 -30.33
N TYR G 146 8.56 15.40 -30.07
CA TYR G 146 7.94 16.28 -31.07
C TYR G 146 7.65 17.67 -30.52
N PRO G 147 8.65 18.56 -30.49
CA PRO G 147 8.45 19.92 -30.01
C PRO G 147 7.26 20.57 -30.71
N ARG G 148 6.35 21.14 -29.95
CA ARG G 148 5.11 21.66 -30.51
C ARG G 148 4.44 22.52 -29.44
N GLY G 149 3.86 23.64 -29.85
CA GLY G 149 3.32 24.61 -28.91
C GLY G 149 4.42 25.57 -28.46
N GLY G 150 4.08 26.47 -27.55
CA GLY G 150 5.03 27.44 -27.04
C GLY G 150 5.65 28.23 -28.17
N LYS G 151 6.98 28.25 -28.19
CA LYS G 151 7.76 29.02 -29.16
C LYS G 151 7.99 28.29 -30.50
N VAL G 152 7.61 27.02 -30.57
CA VAL G 152 7.84 26.23 -31.78
C VAL G 152 6.96 26.72 -32.91
N VAL G 153 7.58 27.19 -33.99
CA VAL G 153 6.84 27.56 -35.20
C VAL G 153 7.12 26.56 -36.33
N ASN G 154 8.39 26.30 -36.61
CA ASN G 154 8.74 25.33 -37.63
C ASN G 154 9.31 24.07 -36.97
N GLU G 155 8.53 22.99 -37.04
CA GLU G 155 8.87 21.73 -36.38
C GLU G 155 10.09 21.03 -36.99
N THR G 156 10.32 21.21 -38.29
CA THR G 156 11.47 20.57 -38.93
C THR G 156 12.71 21.46 -38.99
N ALA G 157 12.64 22.65 -38.38
CA ALA G 157 13.82 23.49 -38.27
C ALA G 157 14.96 22.70 -37.61
N PRO G 158 16.17 22.82 -38.13
CA PRO G 158 17.31 22.07 -37.60
C PRO G 158 17.57 22.30 -36.10
N GLU G 159 17.33 23.50 -35.58
CA GLU G 159 17.55 23.73 -34.16
C GLU G 159 16.47 23.04 -33.34
N ILE G 160 15.26 22.95 -33.90
CA ILE G 160 14.15 22.32 -33.20
C ILE G 160 14.27 20.79 -33.15
N VAL G 161 14.67 20.19 -34.27
CA VAL G 161 14.90 18.75 -34.32
C VAL G 161 16.08 18.39 -33.43
N ALA G 162 17.13 19.20 -33.45
CA ALA G 162 18.24 18.96 -32.54
C ALA G 162 17.81 19.02 -31.06
N TYR G 163 16.98 20.00 -30.70
CA TYR G 163 16.52 20.13 -29.32
C TYR G 163 15.67 18.87 -28.98
N ALA G 164 14.81 18.47 -29.90
CA ALA G 164 13.99 17.29 -29.71
C ALA G 164 14.83 16.05 -29.36
N ALA G 165 15.93 15.86 -30.10
CA ALA G 165 16.81 14.72 -29.91
C ALA G 165 17.52 14.82 -28.56
N ARG G 166 17.99 16.01 -28.21
CA ARG G 166 18.68 16.16 -26.94
C ARG G 166 17.73 15.94 -25.75
N ILE G 167 16.53 16.53 -25.82
CA ILE G 167 15.55 16.32 -24.78
C ILE G 167 15.29 14.85 -24.55
N ALA G 168 15.14 14.08 -25.64
CA ALA G 168 14.87 12.65 -25.50
C ALA G 168 15.98 11.94 -24.74
N LEU G 169 17.22 12.28 -25.07
CA LEU G 169 18.37 11.71 -24.37
C LEU G 169 18.36 12.07 -22.85
N GLU G 170 18.17 13.36 -22.58
CA GLU G 170 18.17 13.87 -21.21
C GLU G 170 17.10 13.18 -20.35
N LEU G 171 15.96 12.83 -20.95
CA LEU G 171 14.82 12.35 -20.16
C LEU G 171 14.83 10.84 -19.98
N GLY G 172 15.78 10.17 -20.61
CA GLY G 172 15.94 8.74 -20.40
C GLY G 172 15.55 7.82 -21.54
N ALA G 173 15.22 8.38 -22.70
CA ALA G 173 14.93 7.55 -23.87
C ALA G 173 16.05 6.53 -24.16
N ASP G 174 15.68 5.29 -24.47
CA ASP G 174 16.66 4.28 -24.86
C ASP G 174 16.77 4.22 -26.39
N ALA G 175 15.75 4.74 -27.04
CA ALA G 175 15.77 4.96 -28.48
C ALA G 175 14.80 6.13 -28.71
N MET G 176 14.91 6.81 -29.82
CA MET G 176 14.03 7.97 -30.04
C MET G 176 13.60 8.03 -31.49
N LYS G 177 12.55 8.80 -31.70
CA LYS G 177 11.92 8.98 -33.00
C LYS G 177 11.68 10.48 -33.16
N ILE G 178 12.23 11.07 -34.22
CA ILE G 178 12.19 12.52 -34.42
C ILE G 178 11.95 12.80 -35.89
N LYS G 179 11.53 14.04 -36.18
CA LYS G 179 11.24 14.44 -37.55
C LYS G 179 12.54 14.73 -38.29
N TYR G 180 12.53 14.50 -39.59
CA TYR G 180 13.66 14.80 -40.46
C TYR G 180 13.77 16.31 -40.70
N THR G 181 14.98 16.80 -40.85
CA THR G 181 15.18 18.23 -41.12
C THR G 181 14.98 18.59 -42.59
N GLY G 182 15.02 17.58 -43.47
CA GLY G 182 15.03 17.82 -44.90
C GLY G 182 16.42 17.64 -45.54
N ASP G 183 17.49 17.77 -44.76
CA ASP G 183 18.83 17.52 -45.27
C ASP G 183 19.73 16.79 -44.26
N PRO G 184 20.58 15.90 -44.76
CA PRO G 184 21.43 15.07 -43.90
C PRO G 184 22.47 15.82 -43.05
N LYS G 185 22.84 17.04 -43.43
CA LYS G 185 23.86 17.78 -42.69
C LYS G 185 23.36 18.25 -41.32
N THR G 186 22.19 18.87 -41.33
CA THR G 186 21.56 19.32 -40.09
C THR G 186 21.03 18.14 -39.28
N PHE G 187 20.56 17.10 -39.96
CA PHE G 187 20.03 15.93 -39.26
C PHE G 187 21.11 15.18 -38.52
N SER G 188 22.32 15.20 -39.05
CA SER G 188 23.41 14.53 -38.34
C SER G 188 23.86 15.27 -37.06
N TRP G 189 23.60 16.58 -36.96
CA TRP G 189 23.78 17.29 -35.69
C TRP G 189 22.77 16.79 -34.65
N ALA G 190 21.52 16.58 -35.05
CA ALA G 190 20.51 15.98 -34.17
C ALA G 190 20.97 14.60 -33.71
N VAL G 191 21.46 13.77 -34.65
CA VAL G 191 21.98 12.44 -34.34
C VAL G 191 23.16 12.50 -33.36
N LYS G 192 24.07 13.46 -33.58
CA LYS G 192 25.20 13.66 -32.68
C LYS G 192 24.78 13.99 -31.24
N VAL G 193 23.92 14.99 -31.07
CA VAL G 193 23.52 15.39 -29.72
C VAL G 193 22.70 14.31 -28.99
N ALA G 194 22.17 13.34 -29.75
CA ALA G 194 21.48 12.19 -29.17
C ALA G 194 22.47 11.22 -28.52
N GLY G 195 23.76 11.33 -28.86
CA GLY G 195 24.79 10.53 -28.22
C GLY G 195 24.63 9.04 -28.40
N LYS G 196 24.72 8.30 -27.31
CA LYS G 196 24.54 6.83 -27.32
C LYS G 196 23.12 6.37 -27.68
N VAL G 197 22.14 7.27 -27.72
CA VAL G 197 20.75 6.86 -27.98
C VAL G 197 20.42 6.87 -29.49
N PRO G 198 20.09 5.69 -30.04
CA PRO G 198 19.78 5.57 -31.47
C PRO G 198 18.55 6.39 -31.88
N VAL G 199 18.61 6.93 -33.09
CA VAL G 199 17.59 7.82 -33.63
C VAL G 199 16.92 7.16 -34.83
N LEU G 200 15.58 7.10 -34.76
CA LEU G 200 14.75 6.70 -35.90
C LEU G 200 14.06 7.92 -36.47
N MET G 201 14.06 8.02 -37.79
CA MET G 201 13.32 9.06 -38.51
C MET G 201 11.83 8.77 -38.47
N SER G 202 11.04 9.76 -38.07
CA SER G 202 9.60 9.70 -38.18
C SER G 202 9.22 9.84 -39.65
N GLY G 203 8.54 8.82 -40.19
CA GLY G 203 8.25 8.72 -41.62
C GLY G 203 7.46 9.91 -42.19
N GLY G 204 6.33 10.24 -41.54
CA GLY G 204 5.50 11.37 -41.92
C GLY G 204 4.43 11.13 -42.99
N PRO G 205 3.86 12.22 -43.51
CA PRO G 205 2.83 12.13 -44.57
C PRO G 205 3.36 11.53 -45.87
N LYS G 206 2.50 10.86 -46.63
CA LYS G 206 2.89 10.27 -47.92
C LYS G 206 3.52 11.35 -48.81
N THR G 207 4.66 11.02 -49.40
CA THR G 207 5.39 11.95 -50.28
C THR G 207 4.80 11.94 -51.69
N LYS G 208 5.15 12.97 -52.47
CA LYS G 208 4.68 13.08 -53.86
C LYS G 208 4.98 11.79 -54.65
N THR G 209 6.21 11.31 -54.56
CA THR G 209 6.65 10.07 -55.22
C THR G 209 7.44 9.20 -54.24
N GLU G 210 7.64 7.93 -54.59
CA GLU G 210 8.34 6.98 -53.74
C GLU G 210 9.83 7.30 -53.62
N GLU G 211 10.36 7.89 -54.68
CA GLU G 211 11.77 8.25 -54.73
C GLU G 211 12.06 9.48 -53.86
N ASP G 212 11.07 10.36 -53.72
CA ASP G 212 11.17 11.48 -52.80
C ASP G 212 11.43 10.96 -51.40
N PHE G 213 10.79 9.83 -51.07
CA PHE G 213 10.91 9.20 -49.75
C PHE G 213 12.22 8.44 -49.61
N LEU G 214 12.60 7.68 -50.63
CA LEU G 214 13.86 6.92 -50.55
C LEU G 214 15.06 7.84 -50.35
N LYS G 215 14.95 9.08 -50.82
CA LYS G 215 16.07 10.04 -50.70
C LYS G 215 16.16 10.63 -49.29
N GLN G 216 15.01 10.79 -48.66
CA GLN G 216 14.97 11.16 -47.26
C GLN G 216 15.61 10.03 -46.46
N VAL G 217 15.26 8.79 -46.82
CA VAL G 217 15.75 7.62 -46.10
C VAL G 217 17.28 7.53 -46.20
N GLU G 218 17.81 7.78 -47.38
CA GLU G 218 19.26 7.73 -47.61
C GLU G 218 19.96 8.86 -46.85
N GLY G 219 19.39 10.06 -46.90
CA GLY G 219 19.90 11.19 -46.14
C GLY G 219 20.05 10.87 -44.66
N VAL G 220 18.98 10.32 -44.11
CA VAL G 220 18.85 9.96 -42.70
C VAL G 220 19.89 8.92 -42.28
N LEU G 221 20.12 7.93 -43.15
CA LEU G 221 21.07 6.86 -42.88
C LEU G 221 22.51 7.39 -42.95
N GLU G 222 22.76 8.24 -43.95
CA GLU G 222 24.00 9.02 -44.13
C GLU G 222 24.29 9.76 -42.83
N ALA G 223 23.25 10.40 -42.28
CA ALA G 223 23.37 11.24 -41.09
C ALA G 223 23.68 10.41 -39.87
N GLY G 224 23.54 9.09 -39.98
CA GLY G 224 23.93 8.18 -38.91
C GLY G 224 22.78 7.73 -38.02
N ALA G 225 21.56 7.96 -38.48
CA ALA G 225 20.39 7.40 -37.82
C ALA G 225 20.36 5.89 -37.91
N LEU G 226 19.71 5.26 -36.95
CA LEU G 226 19.55 3.80 -36.93
C LEU G 226 18.58 3.32 -38.00
N GLY G 227 17.70 4.21 -38.46
CA GLY G 227 16.74 3.84 -39.47
C GLY G 227 15.47 4.66 -39.41
N ILE G 228 14.36 4.01 -39.73
CA ILE G 228 13.10 4.71 -39.90
C ILE G 228 11.94 4.05 -39.14
N ALA G 229 10.99 4.86 -38.72
CA ALA G 229 9.71 4.38 -38.23
C ALA G 229 8.69 4.90 -39.23
N VAL G 230 8.28 4.03 -40.13
CA VAL G 230 7.47 4.44 -41.25
C VAL G 230 6.03 3.91 -41.07
N GLY G 231 5.06 4.76 -41.40
CA GLY G 231 3.66 4.39 -41.34
C GLY G 231 2.97 4.51 -42.69
N ARG G 232 2.38 5.68 -42.92
CA ARG G 232 1.57 5.98 -44.11
C ARG G 232 2.31 5.67 -45.39
N ASN G 233 3.58 6.07 -45.46
CA ASN G 233 4.42 5.92 -46.64
C ASN G 233 4.67 4.50 -47.08
N VAL G 234 4.34 3.55 -46.22
CA VAL G 234 4.22 2.15 -46.65
C VAL G 234 2.73 1.81 -46.81
N TRP G 235 1.98 1.76 -45.71
CA TRP G 235 0.63 1.18 -45.74
C TRP G 235 -0.47 2.00 -46.41
N GLN G 236 -0.21 3.26 -46.72
CA GLN G 236 -1.16 4.06 -47.50
C GLN G 236 -1.08 3.78 -49.01
N ARG G 237 0.00 3.09 -49.42
CA ARG G 237 0.26 2.75 -50.83
C ARG G 237 -0.36 1.42 -51.25
N ARG G 238 -0.96 1.40 -52.44
CA ARG G 238 -1.57 0.17 -52.98
C ARG G 238 -0.49 -0.87 -53.23
N ASP G 239 0.71 -0.40 -53.56
CA ASP G 239 1.85 -1.25 -53.78
C ASP G 239 2.71 -1.38 -52.50
N ALA G 240 2.04 -1.46 -51.33
CA ALA G 240 2.72 -1.45 -50.03
C ALA G 240 3.89 -2.45 -49.88
N LEU G 241 3.64 -3.73 -50.18
CA LEU G 241 4.65 -4.75 -49.98
C LEU G 241 5.91 -4.43 -50.82
N LYS G 242 5.70 -4.22 -52.11
CA LYS G 242 6.76 -3.86 -53.04
C LYS G 242 7.62 -2.71 -52.53
N PHE G 243 7.00 -1.59 -52.16
CA PHE G 243 7.77 -0.45 -51.73
C PHE G 243 8.49 -0.69 -50.39
N ALA G 244 7.82 -1.45 -49.51
CA ALA G 244 8.42 -1.89 -48.25
C ALA G 244 9.69 -2.73 -48.47
N ARG G 245 9.60 -3.70 -49.38
CA ARG G 245 10.75 -4.56 -49.65
C ARG G 245 11.89 -3.75 -50.27
N ALA G 246 11.55 -2.63 -50.90
CA ALA G 246 12.59 -1.70 -51.38
C ALA G 246 13.21 -0.92 -50.22
N LEU G 247 12.37 -0.44 -49.32
CA LEU G 247 12.87 0.17 -48.11
C LEU G 247 13.83 -0.79 -47.41
N ALA G 248 13.44 -2.07 -47.29
CA ALA G 248 14.29 -3.07 -46.64
C ALA G 248 15.65 -3.13 -47.31
N GLU G 249 15.66 -3.31 -48.63
CA GLU G 249 16.89 -3.42 -49.38
C GLU G 249 17.77 -2.21 -49.10
N LEU G 250 17.17 -1.02 -49.08
CA LEU G 250 17.97 0.20 -48.88
C LEU G 250 18.55 0.30 -47.45
N VAL G 251 17.68 0.19 -46.45
CA VAL G 251 18.08 0.34 -45.05
C VAL G 251 19.06 -0.73 -44.57
N TYR G 252 18.78 -2.00 -44.87
CA TYR G 252 19.65 -3.11 -44.45
C TYR G 252 20.93 -3.32 -45.32
N GLY G 253 20.87 -2.94 -46.59
CA GLY G 253 21.98 -3.16 -47.52
C GLY G 253 22.22 -4.64 -47.79
N ALA H 2 22.84 11.76 8.94
CA ALA H 2 21.96 12.73 9.67
C ALA H 2 22.06 14.19 9.15
N ASN H 3 23.23 14.82 9.29
CA ASN H 3 23.41 16.19 8.78
C ASN H 3 23.85 16.24 7.31
N LEU H 4 22.92 16.66 6.46
CA LEU H 4 23.09 16.54 5.00
C LEU H 4 23.93 17.66 4.40
N THR H 5 23.82 18.86 4.96
CA THR H 5 24.75 19.93 4.59
C THR H 5 26.22 19.50 4.80
N GLU H 6 26.49 18.85 5.94
CA GLU H 6 27.84 18.37 6.25
C GLU H 6 28.31 17.29 5.28
N LYS H 7 27.40 16.38 4.92
CA LYS H 7 27.66 15.35 3.93
C LYS H 7 27.97 15.99 2.57
N PHE H 8 27.18 16.99 2.19
CA PHE H 8 27.45 17.76 0.98
C PHE H 8 28.85 18.39 0.98
N LEU H 9 29.21 19.06 2.07
CA LEU H 9 30.53 19.71 2.20
C LEU H 9 31.72 18.72 2.13
N ARG H 10 31.60 17.61 2.84
CA ARG H 10 32.54 16.50 2.77
C ARG H 10 32.79 16.09 1.33
N ILE H 11 31.71 15.88 0.58
CA ILE H 11 31.81 15.29 -0.76
C ILE H 11 32.16 16.32 -1.83
N PHE H 12 31.54 17.51 -1.77
CA PHE H 12 31.66 18.51 -2.84
C PHE H 12 32.54 19.71 -2.46
N ALA H 13 33.10 19.71 -1.24
CA ALA H 13 33.94 20.83 -0.83
C ALA H 13 35.04 20.43 0.15
N ARG H 14 35.72 19.33 -0.16
CA ARG H 14 36.79 18.82 0.71
C ARG H 14 37.86 19.87 0.98
N ARG H 15 38.10 20.76 0.03
CA ARG H 15 39.12 21.80 0.21
C ARG H 15 38.55 23.07 0.82
N GLY H 16 37.27 23.04 1.19
CA GLY H 16 36.67 24.18 1.87
C GLY H 16 35.96 25.17 0.97
N LYS H 17 36.16 25.02 -0.34
CA LYS H 17 35.42 25.72 -1.37
C LYS H 17 35.04 24.70 -2.44
N SER H 18 34.23 25.11 -3.41
CA SER H 18 33.59 24.16 -4.28
C SER H 18 33.44 24.70 -5.71
N ILE H 19 33.71 23.84 -6.71
CA ILE H 19 33.37 24.10 -8.10
C ILE H 19 32.61 22.91 -8.67
N ILE H 20 31.40 23.18 -9.14
CA ILE H 20 30.54 22.17 -9.72
C ILE H 20 30.46 22.47 -11.22
N LEU H 21 30.67 21.45 -12.05
CA LEU H 21 30.46 21.60 -13.48
C LEU H 21 29.01 21.25 -13.85
N ALA H 22 28.26 22.30 -14.16
CA ALA H 22 26.83 22.17 -14.45
C ALA H 22 26.64 21.69 -15.89
N TYR H 23 25.73 20.75 -16.09
CA TYR H 23 25.52 20.21 -17.46
C TYR H 23 24.08 19.76 -17.68
N ASP H 24 23.13 20.51 -17.15
CA ASP H 24 21.72 20.23 -17.41
C ASP H 24 21.25 21.03 -18.63
N HIS H 25 22.20 21.72 -19.27
CA HIS H 25 21.96 22.64 -20.37
C HIS H 25 21.15 22.04 -21.54
N GLY H 26 21.42 20.76 -21.81
CA GLY H 26 20.83 20.07 -22.93
C GLY H 26 19.32 20.13 -22.96
N ILE H 27 18.70 20.08 -21.78
CA ILE H 27 17.24 20.21 -21.65
C ILE H 27 16.81 21.67 -21.46
N GLU H 28 17.51 22.39 -20.59
CA GLU H 28 17.12 23.74 -20.21
C GLU H 28 17.17 24.72 -21.39
N HIS H 29 18.24 24.64 -22.17
CA HIS H 29 18.47 25.61 -23.24
C HIS H 29 18.52 24.93 -24.60
N GLY H 30 18.74 23.63 -24.58
CA GLY H 30 18.96 22.89 -25.82
C GLY H 30 20.40 22.93 -26.31
N PRO H 31 20.67 22.25 -27.41
CA PRO H 31 22.04 21.94 -27.82
C PRO H 31 22.74 23.03 -28.64
N ALA H 32 22.07 24.14 -28.92
CA ALA H 32 22.67 25.22 -29.73
C ALA H 32 24.01 25.75 -29.19
N ASP H 33 24.10 25.94 -27.87
CA ASP H 33 25.34 26.43 -27.26
C ASP H 33 26.49 25.43 -27.33
N PHE H 34 26.17 24.15 -27.58
CA PHE H 34 27.21 23.14 -27.77
C PHE H 34 28.01 23.35 -29.07
N MET H 35 27.51 24.22 -29.96
CA MET H 35 28.14 24.42 -31.27
C MET H 35 29.49 25.16 -31.23
N ASP H 36 29.63 26.10 -30.29
CA ASP H 36 30.88 26.87 -30.12
C ASP H 36 32.09 25.97 -29.85
N ASN H 37 31.89 24.92 -29.05
CA ASN H 37 32.90 23.92 -28.73
C ASN H 37 32.26 22.51 -28.81
N PRO H 38 32.21 21.95 -30.02
CA PRO H 38 31.39 20.76 -30.33
C PRO H 38 31.52 19.55 -29.38
N ASP H 39 32.69 19.35 -28.79
CA ASP H 39 32.91 18.26 -27.84
C ASP H 39 31.99 18.36 -26.60
N SER H 40 31.51 19.57 -26.31
CA SER H 40 30.68 19.80 -25.15
C SER H 40 29.32 19.06 -25.23
N ALA H 41 28.89 18.75 -26.45
CA ALA H 41 27.70 17.93 -26.66
C ALA H 41 27.88 16.49 -26.15
N ASP H 42 29.13 16.11 -25.92
CA ASP H 42 29.48 14.77 -25.46
C ASP H 42 29.68 14.75 -23.94
N PRO H 43 28.80 14.06 -23.22
CA PRO H 43 28.90 14.02 -21.76
C PRO H 43 30.20 13.40 -21.25
N GLU H 44 30.78 12.49 -22.03
CA GLU H 44 32.06 11.87 -21.72
C GLU H 44 33.17 12.91 -21.63
N TYR H 45 33.12 13.89 -22.51
CA TYR H 45 34.05 15.01 -22.51
C TYR H 45 33.89 15.83 -21.24
N ILE H 46 32.65 15.99 -20.79
CA ILE H 46 32.35 16.76 -19.60
C ILE H 46 32.93 16.10 -18.37
N LEU H 47 32.76 14.79 -18.27
CA LEU H 47 33.33 14.03 -17.16
C LEU H 47 34.86 14.15 -17.11
N ARG H 48 35.51 13.96 -18.26
CA ARG H 48 36.96 14.11 -18.40
C ARG H 48 37.39 15.52 -17.99
N LEU H 49 36.64 16.51 -18.46
CA LEU H 49 36.91 17.90 -18.18
C LEU H 49 36.82 18.18 -16.70
N ALA H 50 35.76 17.69 -16.05
CA ALA H 50 35.59 17.91 -14.62
C ALA H 50 36.73 17.29 -13.80
N ARG H 51 37.14 16.09 -14.21
CA ARG H 51 38.14 15.32 -13.50
C ARG H 51 39.51 15.96 -13.70
N ASP H 52 39.85 16.26 -14.95
CA ASP H 52 41.15 16.84 -15.28
C ASP H 52 41.36 18.24 -14.66
N ALA H 53 40.27 18.97 -14.45
CA ALA H 53 40.36 20.29 -13.83
C ALA H 53 40.37 20.24 -12.30
N GLY H 54 40.16 19.05 -11.74
CA GLY H 54 40.09 18.87 -10.28
C GLY H 54 38.78 19.36 -9.64
N PHE H 55 37.72 19.53 -10.43
CA PHE H 55 36.45 20.04 -9.89
C PHE H 55 35.82 19.05 -8.91
N ASP H 56 34.78 19.49 -8.21
CA ASP H 56 34.16 18.69 -7.16
C ASP H 56 32.98 17.86 -7.60
N GLY H 57 32.34 18.26 -8.69
CA GLY H 57 31.18 17.51 -9.16
C GLY H 57 30.68 17.91 -10.52
N VAL H 58 29.72 17.12 -10.99
CA VAL H 58 28.97 17.44 -12.19
C VAL H 58 27.47 17.37 -11.87
N VAL H 59 26.70 18.12 -12.66
CA VAL H 59 25.24 18.06 -12.59
C VAL H 59 24.72 17.47 -13.91
N PHE H 60 24.07 16.33 -13.81
CA PHE H 60 23.46 15.65 -14.95
C PHE H 60 21.95 15.48 -14.70
N GLN H 61 21.15 15.59 -15.76
CA GLN H 61 19.80 15.00 -15.78
C GLN H 61 19.90 13.48 -15.79
N ARG H 62 18.85 12.84 -15.33
CA ARG H 62 18.86 11.40 -15.20
C ARG H 62 19.28 10.64 -16.48
N GLY H 63 18.77 11.07 -17.63
CA GLY H 63 19.11 10.44 -18.90
C GLY H 63 20.60 10.40 -19.17
N ILE H 64 21.26 11.54 -18.99
CA ILE H 64 22.69 11.63 -19.17
C ILE H 64 23.41 10.80 -18.10
N ALA H 65 22.93 10.89 -16.86
CA ALA H 65 23.53 10.13 -15.77
C ALA H 65 23.48 8.64 -16.09
N GLU H 66 22.31 8.16 -16.50
CA GLU H 66 22.08 6.75 -16.79
C GLU H 66 22.94 6.23 -17.93
N LYS H 67 23.08 7.01 -19.01
CA LYS H 67 23.86 6.55 -20.15
C LYS H 67 25.36 6.84 -20.03
N TYR H 68 25.75 7.83 -19.24
CA TYR H 68 27.17 8.24 -19.23
C TYR H 68 27.91 8.21 -17.91
N TYR H 69 27.22 8.31 -16.78
CA TYR H 69 27.92 8.48 -15.51
C TYR H 69 28.75 7.25 -15.14
N ASP H 70 30.01 7.49 -14.81
CA ASP H 70 30.96 6.42 -14.60
C ASP H 70 31.61 6.45 -13.21
N GLY H 71 31.05 7.25 -12.31
CA GLY H 71 31.54 7.33 -10.94
C GLY H 71 32.87 8.05 -10.72
N SER H 72 33.37 8.72 -11.74
CA SER H 72 34.72 9.29 -11.70
C SER H 72 34.78 10.68 -11.07
N VAL H 73 33.61 11.31 -10.93
CA VAL H 73 33.43 12.62 -10.33
C VAL H 73 32.07 12.57 -9.59
N PRO H 74 32.00 13.05 -8.34
CA PRO H 74 30.73 13.08 -7.61
C PRO H 74 29.61 13.73 -8.44
N LEU H 75 28.43 13.10 -8.43
CA LEU H 75 27.29 13.51 -9.23
C LEU H 75 26.18 14.15 -8.38
N ILE H 76 25.71 15.30 -8.84
CA ILE H 76 24.42 15.87 -8.44
C ILE H 76 23.42 15.52 -9.56
N LEU H 77 22.40 14.74 -9.24
CA LEU H 77 21.36 14.36 -10.20
C LEU H 77 20.27 15.41 -10.15
N LYS H 78 20.16 16.19 -11.21
CA LYS H 78 19.18 17.27 -11.33
C LYS H 78 17.85 16.60 -11.68
N LEU H 79 16.89 16.68 -10.77
CA LEU H 79 15.65 15.89 -10.84
C LEU H 79 14.60 16.49 -11.74
N ASN H 80 14.53 17.81 -11.79
CA ASN H 80 13.57 18.44 -12.70
C ASN H 80 14.23 19.16 -13.85
N GLY H 81 13.43 19.39 -14.89
CA GLY H 81 13.90 20.13 -16.06
C GLY H 81 12.73 20.65 -16.86
N LYS H 82 12.96 21.78 -17.52
CA LYS H 82 12.00 22.36 -18.46
C LYS H 82 12.77 22.90 -19.66
N THR H 83 12.06 23.32 -20.70
CA THR H 83 12.72 23.85 -21.91
C THR H 83 12.50 25.34 -22.07
N THR H 84 13.29 25.99 -22.93
CA THR H 84 13.07 27.41 -23.26
C THR H 84 11.97 27.57 -24.28
N LEU H 85 11.53 26.46 -24.86
CA LEU H 85 10.47 26.51 -25.87
C LEU H 85 9.13 26.79 -25.20
N TYR H 86 9.04 26.40 -23.94
CA TYR H 86 7.89 26.61 -23.08
C TYR H 86 7.57 28.09 -22.87
N ASN H 87 6.29 28.42 -22.85
CA ASN H 87 5.84 29.81 -22.77
C ASN H 87 4.97 30.19 -21.59
N GLY H 88 4.47 29.22 -20.81
CA GLY H 88 3.58 29.55 -19.70
C GLY H 88 4.28 30.19 -18.50
N GLU H 89 3.57 30.20 -17.37
CA GLU H 89 4.17 30.55 -16.08
C GLU H 89 5.26 29.52 -15.80
N PRO H 90 6.43 29.97 -15.33
CA PRO H 90 7.58 29.07 -15.12
C PRO H 90 7.26 27.89 -14.20
N VAL H 91 7.59 26.70 -14.68
CA VAL H 91 7.32 25.47 -13.95
C VAL H 91 8.28 24.40 -14.45
N SER H 92 8.78 23.59 -13.52
CA SER H 92 9.70 22.52 -13.87
C SER H 92 9.42 21.36 -12.96
N VAL H 93 9.06 20.23 -13.54
CA VAL H 93 8.63 19.12 -12.72
C VAL H 93 9.68 18.04 -12.79
N ALA H 94 9.72 17.20 -11.76
CA ALA H 94 10.63 16.06 -11.70
C ALA H 94 10.36 15.09 -12.84
N ASN H 95 11.42 14.70 -13.55
CA ASN H 95 11.36 13.62 -14.52
C ASN H 95 12.02 12.36 -13.96
N CYS H 96 12.41 12.42 -12.69
CA CYS H 96 13.03 11.30 -12.02
C CYS H 96 12.85 11.40 -10.50
N SER H 97 13.56 10.55 -9.76
CA SER H 97 13.31 10.40 -8.33
C SER H 97 14.62 10.25 -7.56
N VAL H 98 14.56 10.53 -6.26
CA VAL H 98 15.70 10.38 -5.40
C VAL H 98 16.14 8.93 -5.38
N GLU H 99 15.19 8.01 -5.26
CA GLU H 99 15.53 6.59 -5.21
C GLU H 99 16.30 6.12 -6.45
N GLU H 100 15.89 6.61 -7.61
CA GLU H 100 16.59 6.26 -8.84
C GLU H 100 17.96 6.91 -8.90
N ALA H 101 18.06 8.16 -8.42
CA ALA H 101 19.35 8.86 -8.34
C ALA H 101 20.34 8.07 -7.49
N VAL H 102 19.86 7.52 -6.38
CA VAL H 102 20.69 6.72 -5.50
C VAL H 102 21.29 5.56 -6.28
N SER H 103 20.46 4.83 -7.01
CA SER H 103 20.90 3.64 -7.73
C SER H 103 21.79 3.99 -8.92
N LEU H 104 21.73 5.23 -9.39
CA LEU H 104 22.68 5.69 -10.41
C LEU H 104 24.00 6.22 -9.85
N GLY H 105 24.17 6.16 -8.52
CA GLY H 105 25.42 6.59 -7.89
C GLY H 105 25.52 8.08 -7.61
N ALA H 106 24.39 8.77 -7.54
CA ALA H 106 24.41 10.20 -7.21
C ALA H 106 24.87 10.42 -5.77
N SER H 107 25.57 11.52 -5.52
CA SER H 107 25.93 11.91 -4.16
C SER H 107 25.03 13.01 -3.60
N ALA H 108 24.19 13.60 -4.46
CA ALA H 108 23.26 14.65 -4.05
C ALA H 108 22.19 14.75 -5.11
N VAL H 109 21.10 15.44 -4.81
CA VAL H 109 20.04 15.65 -5.80
C VAL H 109 19.75 17.14 -5.97
N GLY H 110 19.27 17.51 -7.14
CA GLY H 110 19.00 18.91 -7.43
C GLY H 110 17.59 19.17 -7.86
N TYR H 111 17.08 20.33 -7.49
CA TYR H 111 15.72 20.69 -7.86
C TYR H 111 15.60 22.21 -8.00
N THR H 112 15.03 22.67 -9.12
CA THR H 112 14.77 24.10 -9.35
C THR H 112 13.38 24.53 -8.88
N ILE H 113 13.33 25.66 -8.18
CA ILE H 113 12.07 26.30 -7.88
C ILE H 113 12.12 27.68 -8.49
N TYR H 114 10.95 28.19 -8.88
CA TYR H 114 10.79 29.55 -9.37
C TYR H 114 9.83 30.30 -8.47
N PRO H 115 10.32 30.81 -7.33
CA PRO H 115 9.48 31.61 -6.43
C PRO H 115 8.83 32.76 -7.20
N GLY H 116 7.53 32.99 -7.00
CA GLY H 116 6.83 34.08 -7.63
C GLY H 116 5.99 33.62 -8.81
N SER H 117 6.39 32.51 -9.42
CA SER H 117 5.66 31.97 -10.55
C SER H 117 4.21 31.72 -10.19
N GLY H 118 3.33 31.82 -11.18
CA GLY H 118 1.94 31.41 -11.01
C GLY H 118 1.81 29.93 -10.62
N PHE H 119 2.86 29.19 -10.89
CA PHE H 119 2.94 27.77 -10.58
C PHE H 119 3.89 27.53 -9.38
N GLU H 120 4.12 28.53 -8.55
CA GLU H 120 5.10 28.35 -7.46
C GLU H 120 4.67 27.17 -6.58
N TRP H 121 3.38 27.10 -6.28
CA TRP H 121 2.83 26.05 -5.46
C TRP H 121 3.09 24.66 -5.98
N LYS H 122 3.13 24.51 -7.29
CA LYS H 122 3.34 23.18 -7.92
C LYS H 122 4.74 22.67 -7.56
N MET H 123 5.72 23.54 -7.67
CA MET H 123 7.06 23.16 -7.29
C MET H 123 7.30 22.94 -5.77
N PHE H 124 6.60 23.72 -4.93
CA PHE H 124 6.73 23.57 -3.48
C PHE H 124 6.15 22.23 -3.03
N GLU H 125 5.01 21.89 -3.60
CA GLU H 125 4.29 20.65 -3.42
C GLU H 125 5.20 19.47 -3.74
N GLU H 126 5.84 19.57 -4.88
CA GLU H 126 6.72 18.49 -5.31
C GLU H 126 8.01 18.45 -4.48
N LEU H 127 8.58 19.63 -4.22
CA LEU H 127 9.74 19.72 -3.34
C LEU H 127 9.51 19.02 -1.99
N ALA H 128 8.32 19.13 -1.41
CA ALA H 128 8.02 18.45 -0.17
C ALA H 128 8.29 16.94 -0.24
N ARG H 129 7.86 16.29 -1.33
CA ARG H 129 8.14 14.87 -1.56
C ARG H 129 9.64 14.61 -1.73
N ILE H 130 10.27 15.44 -2.56
CA ILE H 130 11.68 15.25 -2.87
C ILE H 130 12.55 15.47 -1.63
N LYS H 131 12.28 16.52 -0.87
CA LYS H 131 12.98 16.76 0.39
C LYS H 131 12.83 15.55 1.33
N ARG H 132 11.60 15.06 1.52
CA ARG H 132 11.37 13.86 2.31
C ARG H 132 12.21 12.67 1.79
N ASP H 133 12.19 12.44 0.47
CA ASP H 133 13.02 11.40 -0.12
C ASP H 133 14.52 11.59 0.08
N ALA H 134 14.99 12.84 -0.06
CA ALA H 134 16.39 13.16 0.12
C ALA H 134 16.87 12.77 1.51
N VAL H 135 16.09 13.13 2.54
CA VAL H 135 16.38 12.76 3.92
C VAL H 135 16.37 11.24 4.06
N LYS H 136 15.35 10.59 3.50
CA LYS H 136 15.19 9.15 3.59
C LYS H 136 16.41 8.42 3.01
N PHE H 137 16.88 8.86 1.85
CA PHE H 137 17.99 8.19 1.17
C PHE H 137 19.34 8.80 1.55
N ASP H 138 19.33 9.76 2.47
CA ASP H 138 20.56 10.41 2.96
C ASP H 138 21.34 11.07 1.81
N LEU H 139 20.61 11.78 0.94
CA LEU H 139 21.22 12.49 -0.19
C LEU H 139 20.96 13.99 -0.02
N PRO H 140 21.99 14.81 0.08
CA PRO H 140 21.80 16.26 0.20
C PRO H 140 20.92 16.79 -0.95
N LEU H 141 20.01 17.71 -0.62
CA LEU H 141 19.17 18.40 -1.60
C LEU H 141 19.78 19.75 -1.92
N VAL H 142 20.12 19.94 -3.20
CA VAL H 142 20.65 21.20 -3.69
C VAL H 142 19.52 21.94 -4.41
N VAL H 143 19.19 23.15 -3.94
CA VAL H 143 18.08 23.87 -4.56
C VAL H 143 18.58 25.01 -5.42
N TRP H 144 18.23 24.95 -6.70
CA TRP H 144 18.44 26.06 -7.63
C TRP H 144 17.25 26.97 -7.32
N SER H 145 17.51 28.15 -6.80
CA SER H 145 16.43 29.02 -6.41
C SER H 145 16.36 30.23 -7.33
N TYR H 146 15.40 30.23 -8.25
CA TYR H 146 15.38 31.24 -9.32
C TYR H 146 14.02 31.95 -9.41
N PRO H 147 13.81 32.98 -8.58
CA PRO H 147 12.59 33.78 -8.64
C PRO H 147 12.28 34.24 -10.06
N ARG H 148 11.07 34.02 -10.53
CA ARG H 148 10.73 34.24 -11.93
C ARG H 148 9.23 34.12 -12.06
N GLY H 149 8.64 35.00 -12.85
CA GLY H 149 7.20 35.15 -12.93
C GLY H 149 6.66 36.09 -11.84
N GLY H 150 5.34 36.14 -11.71
CA GLY H 150 4.73 37.02 -10.74
C GLY H 150 5.26 38.42 -10.82
N LYS H 151 5.73 38.93 -9.67
CA LYS H 151 6.21 40.30 -9.52
C LYS H 151 7.67 40.49 -9.89
N VAL H 152 8.40 39.40 -10.14
CA VAL H 152 9.82 39.46 -10.47
C VAL H 152 10.03 40.12 -11.83
N VAL H 153 10.76 41.22 -11.85
CA VAL H 153 11.15 41.86 -13.10
C VAL H 153 12.65 41.73 -13.34
N ASN H 154 13.45 42.14 -12.35
CA ASN H 154 14.89 41.98 -12.42
C ASN H 154 15.36 40.83 -11.52
N GLU H 155 15.80 39.74 -12.16
CA GLU H 155 16.21 38.54 -11.43
C GLU H 155 17.48 38.73 -10.58
N THR H 156 18.39 39.59 -11.04
CA THR H 156 19.64 39.79 -10.32
C THR H 156 19.59 40.95 -9.30
N ALA H 157 18.43 41.56 -9.16
CA ALA H 157 18.22 42.57 -8.11
C ALA H 157 18.61 42.00 -6.73
N PRO H 158 19.29 42.80 -5.92
CA PRO H 158 19.76 42.34 -4.61
C PRO H 158 18.66 41.82 -3.69
N GLU H 159 17.45 42.40 -3.75
CA GLU H 159 16.36 41.95 -2.90
C GLU H 159 15.81 40.61 -3.41
N ILE H 160 15.85 40.42 -4.72
CA ILE H 160 15.35 39.20 -5.34
C ILE H 160 16.27 38.01 -5.07
N VAL H 161 17.57 38.22 -5.24
CA VAL H 161 18.55 37.19 -4.97
C VAL H 161 18.57 36.85 -3.47
N ALA H 162 18.41 37.85 -2.63
CA ALA H 162 18.30 37.62 -1.18
C ALA H 162 17.05 36.78 -0.82
N TYR H 163 15.93 37.09 -1.47
CA TYR H 163 14.70 36.33 -1.26
C TYR H 163 14.95 34.90 -1.74
N ALA H 164 15.57 34.76 -2.91
CA ALA H 164 15.84 33.43 -3.47
C ALA H 164 16.61 32.57 -2.43
N ALA H 165 17.68 33.16 -1.85
CA ALA H 165 18.51 32.46 -0.87
C ALA H 165 17.72 32.06 0.36
N ARG H 166 16.93 32.99 0.87
CA ARG H 166 16.16 32.71 2.07
C ARG H 166 15.10 31.61 1.82
N ILE H 167 14.37 31.71 0.72
CA ILE H 167 13.42 30.69 0.38
C ILE H 167 14.05 29.31 0.36
N ALA H 168 15.17 29.15 -0.33
CA ALA H 168 15.88 27.86 -0.34
C ALA H 168 16.16 27.31 1.07
N LEU H 169 16.71 28.14 1.95
CA LEU H 169 16.86 27.77 3.37
C LEU H 169 15.54 27.33 4.03
N GLU H 170 14.49 28.16 3.90
CA GLU H 170 13.20 27.87 4.52
C GLU H 170 12.60 26.54 4.04
N LEU H 171 12.82 26.21 2.78
CA LEU H 171 12.22 25.01 2.19
C LEU H 171 13.00 23.72 2.40
N GLY H 172 14.21 23.80 2.93
CA GLY H 172 14.93 22.60 3.32
C GLY H 172 16.20 22.30 2.55
N ALA H 173 16.62 23.21 1.66
CA ALA H 173 17.85 23.05 0.90
C ALA H 173 19.05 22.79 1.85
N ASP H 174 19.91 21.83 1.47
CA ASP H 174 21.13 21.57 2.21
C ASP H 174 22.32 22.31 1.59
N ALA H 175 22.14 22.71 0.33
CA ALA H 175 23.03 23.61 -0.37
C ALA H 175 22.16 24.34 -1.39
N MET H 176 22.60 25.50 -1.87
CA MET H 176 21.77 26.22 -2.83
C MET H 176 22.59 26.88 -3.90
N LYS H 177 21.92 27.19 -5.01
CA LYS H 177 22.52 27.75 -6.18
C LYS H 177 21.66 28.96 -6.54
N ILE H 178 22.26 30.14 -6.60
CA ILE H 178 21.52 31.37 -6.91
C ILE H 178 22.31 32.26 -7.87
N LYS H 179 21.61 33.18 -8.51
CA LYS H 179 22.26 34.14 -9.40
C LYS H 179 23.06 35.19 -8.61
N TYR H 180 24.15 35.66 -9.22
CA TYR H 180 24.97 36.74 -8.67
C TYR H 180 24.26 38.09 -8.79
N THR H 181 24.51 38.99 -7.84
CA THR H 181 23.92 40.33 -7.89
C THR H 181 24.71 41.30 -8.78
N GLY H 182 25.94 40.92 -9.11
CA GLY H 182 26.83 41.80 -9.83
C GLY H 182 27.85 42.47 -8.91
N ASP H 183 27.57 42.53 -7.61
CA ASP H 183 28.54 43.07 -6.67
C ASP H 183 28.56 42.31 -5.35
N PRO H 184 29.76 42.15 -4.77
CA PRO H 184 29.93 41.36 -3.53
C PRO H 184 29.23 41.91 -2.27
N LYS H 185 28.97 43.21 -2.18
CA LYS H 185 28.34 43.73 -0.96
C LYS H 185 26.89 43.22 -0.84
N THR H 186 26.09 43.36 -1.90
CA THR H 186 24.71 42.85 -1.91
C THR H 186 24.65 41.32 -1.91
N PHE H 187 25.57 40.67 -2.63
CA PHE H 187 25.59 39.22 -2.64
C PHE H 187 25.88 38.61 -1.28
N SER H 188 26.66 39.31 -0.45
CA SER H 188 26.93 38.80 0.87
C SER H 188 25.70 38.89 1.79
N TRP H 189 24.73 39.77 1.50
CA TRP H 189 23.48 39.77 2.27
C TRP H 189 22.71 38.47 1.94
N ALA H 190 22.69 38.09 0.67
CA ALA H 190 22.08 36.83 0.26
C ALA H 190 22.74 35.64 0.95
N VAL H 191 24.08 35.63 0.98
CA VAL H 191 24.84 34.59 1.67
C VAL H 191 24.51 34.53 3.17
N LYS H 192 24.38 35.71 3.80
CA LYS H 192 24.01 35.81 5.21
C LYS H 192 22.64 35.22 5.53
N VAL H 193 21.63 35.64 4.78
CA VAL H 193 20.26 35.18 5.04
C VAL H 193 20.10 33.68 4.77
N ALA H 194 21.04 33.10 4.00
CA ALA H 194 21.10 31.66 3.80
C ALA H 194 21.56 30.91 5.04
N GLY H 195 22.13 31.62 6.01
CA GLY H 195 22.56 31.03 7.26
C GLY H 195 23.53 29.86 7.10
N LYS H 196 23.18 28.75 7.73
CA LYS H 196 24.02 27.55 7.71
C LYS H 196 24.12 26.87 6.36
N VAL H 197 23.28 27.26 5.40
CA VAL H 197 23.25 26.59 4.10
C VAL H 197 24.17 27.24 3.09
N PRO H 198 25.15 26.47 2.60
CA PRO H 198 26.16 27.00 1.65
C PRO H 198 25.52 27.45 0.33
N VAL H 199 26.09 28.50 -0.25
CA VAL H 199 25.60 29.13 -1.47
C VAL H 199 26.63 28.99 -2.58
N LEU H 200 26.20 28.44 -3.72
CA LEU H 200 27.00 28.39 -4.93
C LEU H 200 26.42 29.40 -5.90
N MET H 201 27.30 30.10 -6.60
CA MET H 201 26.92 31.06 -7.63
C MET H 201 26.54 30.29 -8.87
N SER H 202 25.41 30.65 -9.47
CA SER H 202 25.03 30.12 -10.77
C SER H 202 25.85 30.85 -11.84
N GLY H 203 26.66 30.09 -12.60
CA GLY H 203 27.64 30.65 -13.52
C GLY H 203 27.07 31.59 -14.56
N GLY H 204 26.03 31.13 -15.27
CA GLY H 204 25.29 31.92 -16.26
C GLY H 204 25.81 31.89 -17.69
N PRO H 205 25.34 32.82 -18.53
CA PRO H 205 25.81 32.94 -19.92
C PRO H 205 27.29 33.31 -20.04
N LYS H 206 27.93 32.82 -21.11
CA LYS H 206 29.33 33.11 -21.44
C LYS H 206 29.59 34.61 -21.43
N THR H 207 30.62 35.03 -20.69
CA THR H 207 30.96 36.46 -20.58
C THR H 207 31.91 36.91 -21.68
N LYS H 208 31.85 38.22 -21.99
CA LYS H 208 32.63 38.83 -23.06
C LYS H 208 34.07 38.29 -23.12
N THR H 209 34.76 38.33 -21.98
CA THR H 209 36.08 37.75 -21.85
C THR H 209 36.15 36.83 -20.64
N GLU H 210 37.23 36.05 -20.60
CA GLU H 210 37.53 35.15 -19.50
C GLU H 210 37.84 35.91 -18.21
N GLU H 211 38.22 37.17 -18.36
CA GLU H 211 38.58 38.03 -17.23
C GLU H 211 37.33 38.54 -16.51
N ASP H 212 36.33 38.96 -17.28
CA ASP H 212 35.05 39.42 -16.73
C ASP H 212 34.48 38.41 -15.75
N PHE H 213 34.55 37.13 -16.15
CA PHE H 213 34.04 36.03 -15.34
C PHE H 213 34.83 35.86 -14.05
N LEU H 214 36.15 35.91 -14.13
CA LEU H 214 36.99 35.76 -12.94
C LEU H 214 36.76 36.85 -11.88
N LYS H 215 36.52 38.09 -12.32
CA LYS H 215 36.24 39.17 -11.36
C LYS H 215 34.82 39.08 -10.79
N GLN H 216 34.04 38.15 -11.34
CA GLN H 216 32.72 37.80 -10.85
C GLN H 216 32.86 36.71 -9.80
N VAL H 217 33.59 35.64 -10.16
CA VAL H 217 33.97 34.58 -9.23
C VAL H 217 34.64 35.14 -7.97
N GLU H 218 35.73 35.88 -8.14
CA GLU H 218 36.36 36.64 -7.05
C GLU H 218 35.34 37.40 -6.21
N GLY H 219 34.46 38.16 -6.87
CA GLY H 219 33.39 38.87 -6.18
C GLY H 219 32.56 37.97 -5.30
N VAL H 220 32.20 36.81 -5.87
CA VAL H 220 31.45 35.73 -5.23
C VAL H 220 32.17 35.14 -4.02
N LEU H 221 33.50 35.05 -4.06
CA LEU H 221 34.26 34.55 -2.90
C LEU H 221 34.48 35.59 -1.78
N GLU H 222 34.54 36.87 -2.12
CA GLU H 222 34.60 37.94 -1.12
C GLU H 222 33.33 37.93 -0.26
N ALA H 223 32.22 37.57 -0.87
CA ALA H 223 30.91 37.62 -0.24
C ALA H 223 30.67 36.46 0.72
N GLY H 224 31.49 35.41 0.62
CA GLY H 224 31.42 34.28 1.52
C GLY H 224 30.68 33.06 1.01
N ALA H 225 30.35 33.06 -0.29
CA ALA H 225 29.78 31.88 -0.94
C ALA H 225 30.76 30.71 -0.91
N LEU H 226 30.24 29.50 -0.98
CA LEU H 226 31.08 28.30 -1.02
C LEU H 226 31.84 28.13 -2.34
N GLY H 227 31.35 28.78 -3.40
CA GLY H 227 31.97 28.67 -4.69
C GLY H 227 30.97 28.78 -5.83
N ILE H 228 31.18 28.03 -6.92
CA ILE H 228 30.45 28.25 -8.16
C ILE H 228 29.93 26.96 -8.76
N ALA H 229 28.81 27.06 -9.46
CA ALA H 229 28.31 25.98 -10.31
C ALA H 229 28.34 26.55 -11.73
N VAL H 230 29.36 26.15 -12.47
CA VAL H 230 29.68 26.76 -13.73
C VAL H 230 29.41 25.78 -14.85
N GLY H 231 28.84 26.29 -15.93
CA GLY H 231 28.49 25.46 -17.08
C GLY H 231 29.14 25.97 -18.35
N ARG H 232 28.36 26.71 -19.14
CA ARG H 232 28.80 27.38 -20.37
C ARG H 232 30.18 28.03 -20.26
N ASN H 233 30.36 28.84 -19.23
CA ASN H 233 31.59 29.62 -19.05
C ASN H 233 32.87 28.79 -18.97
N VAL H 234 32.73 27.49 -18.76
CA VAL H 234 33.83 26.56 -18.97
C VAL H 234 33.65 25.85 -20.32
N TRP H 235 32.63 24.98 -20.43
CA TRP H 235 32.55 24.09 -21.59
C TRP H 235 32.19 24.68 -22.97
N GLN H 236 31.74 25.94 -22.99
CA GLN H 236 31.47 26.64 -24.24
C GLN H 236 32.77 27.19 -24.87
N ARG H 237 33.84 27.22 -24.07
CA ARG H 237 35.14 27.76 -24.49
C ARG H 237 36.02 26.67 -25.13
N ARG H 238 36.69 27.00 -26.26
CA ARG H 238 37.62 26.06 -26.91
C ARG H 238 38.83 25.74 -26.03
N ASP H 239 39.23 26.73 -25.24
CA ASP H 239 40.24 26.56 -24.19
C ASP H 239 39.58 26.21 -22.84
N ALA H 240 38.64 25.26 -22.88
CA ALA H 240 37.84 24.89 -21.71
C ALA H 240 38.69 24.44 -20.52
N LEU H 241 39.60 23.50 -20.79
CA LEU H 241 40.41 22.91 -19.72
C LEU H 241 41.39 23.90 -19.11
N LYS H 242 42.01 24.72 -19.95
CA LYS H 242 42.88 25.81 -19.51
C LYS H 242 42.13 26.74 -18.58
N PHE H 243 41.01 27.29 -19.06
CA PHE H 243 40.22 28.22 -18.25
C PHE H 243 39.74 27.56 -16.96
N ALA H 244 39.36 26.28 -17.07
CA ALA H 244 38.99 25.51 -15.89
C ALA H 244 40.13 25.54 -14.82
N ARG H 245 41.35 25.21 -15.29
CA ARG H 245 42.56 25.13 -14.42
C ARG H 245 43.07 26.45 -13.79
N ALA H 246 42.78 27.54 -14.50
CA ALA H 246 42.79 28.89 -13.90
C ALA H 246 41.65 29.12 -12.83
N LEU H 247 40.39 28.75 -13.15
CA LEU H 247 39.30 28.89 -12.17
C LEU H 247 39.68 28.11 -10.90
N ALA H 248 40.32 26.94 -11.09
CA ALA H 248 40.66 26.05 -9.96
C ALA H 248 41.57 26.78 -9.01
N GLU H 249 42.65 27.29 -9.60
CA GLU H 249 43.64 28.11 -8.91
C GLU H 249 42.98 29.20 -8.11
N LEU H 250 42.15 30.02 -8.76
CA LEU H 250 41.47 31.10 -8.07
C LEU H 250 40.58 30.64 -6.90
N VAL H 251 39.71 29.64 -7.14
CA VAL H 251 38.75 29.15 -6.16
C VAL H 251 39.40 28.37 -5.00
N TYR H 252 40.25 27.40 -5.32
CA TYR H 252 40.87 26.56 -4.29
C TYR H 252 42.07 27.20 -3.58
N GLY H 253 42.37 28.47 -3.88
CA GLY H 253 43.45 29.21 -3.25
C GLY H 253 44.82 28.63 -3.57
N ALA I 2 -5.79 12.73 23.25
CA ALA I 2 -7.19 12.82 22.71
C ALA I 2 -7.67 14.26 22.43
N ASN I 3 -7.75 15.11 23.47
CA ASN I 3 -8.15 16.51 23.30
C ASN I 3 -6.96 17.44 22.97
N LEU I 4 -6.91 17.87 21.70
CA LEU I 4 -5.73 18.55 21.17
C LEU I 4 -5.66 20.03 21.53
N THR I 5 -6.81 20.69 21.60
CA THR I 5 -6.89 22.04 22.16
C THR I 5 -6.29 22.09 23.59
N GLU I 6 -6.63 21.11 24.41
CA GLU I 6 -6.10 21.00 25.78
C GLU I 6 -4.59 20.79 25.80
N LYS I 7 -4.09 19.91 24.93
CA LYS I 7 -2.66 19.69 24.75
C LYS I 7 -1.98 20.99 24.35
N PHE I 8 -2.54 21.70 23.37
CA PHE I 8 -2.03 23.00 22.97
C PHE I 8 -1.92 23.98 24.14
N LEU I 9 -3.00 24.12 24.92
CA LEU I 9 -3.04 25.01 26.09
C LEU I 9 -2.01 24.64 27.15
N ARG I 10 -1.91 23.37 27.50
CA ARG I 10 -0.85 22.89 28.41
C ARG I 10 0.52 23.32 27.95
N ILE I 11 0.81 23.20 26.65
CA ILE I 11 2.18 23.43 26.17
C ILE I 11 2.43 24.89 25.90
N PHE I 12 1.48 25.56 25.26
CA PHE I 12 1.67 26.92 24.77
C PHE I 12 1.00 28.01 25.62
N ALA I 13 0.33 27.61 26.70
CA ALA I 13 -0.33 28.58 27.56
C ALA I 13 -0.41 28.12 29.02
N ARG I 14 0.71 27.62 29.55
CA ARG I 14 0.73 27.18 30.95
C ARG I 14 0.26 28.24 31.92
N ARG I 15 0.51 29.51 31.57
CA ARG I 15 0.13 30.62 32.46
C ARG I 15 -1.29 31.10 32.21
N GLY I 16 -2.02 30.45 31.31
CA GLY I 16 -3.39 30.86 31.01
C GLY I 16 -3.57 31.83 29.85
N LYS I 17 -2.46 32.42 29.42
CA LYS I 17 -2.38 33.24 28.21
C LYS I 17 -1.11 32.82 27.48
N SER I 18 -0.90 33.37 26.28
CA SER I 18 0.07 32.82 25.36
C SER I 18 0.70 33.88 24.46
N ILE I 19 2.03 33.80 24.32
CA ILE I 19 2.76 34.59 23.34
C ILE I 19 3.61 33.64 22.50
N ILE I 20 3.35 33.67 21.19
CA ILE I 20 4.11 32.91 20.22
C ILE I 20 5.01 33.88 19.45
N LEU I 21 6.29 33.52 19.30
CA LEU I 21 7.18 34.28 18.42
C LEU I 21 7.16 33.69 16.98
N ALA I 22 6.49 34.41 16.07
CA ALA I 22 6.28 33.96 14.71
C ALA I 22 7.53 34.26 13.93
N TYR I 23 7.95 33.31 13.10
CA TYR I 23 9.18 33.48 12.32
C TYR I 23 9.11 32.73 10.98
N ASP I 24 7.95 32.75 10.34
CA ASP I 24 7.84 32.19 8.99
C ASP I 24 8.09 33.25 7.90
N HIS I 25 8.47 34.44 8.34
CA HIS I 25 8.53 35.62 7.47
C HIS I 25 9.53 35.52 6.33
N GLY I 26 10.61 34.77 6.56
CA GLY I 26 11.63 34.52 5.56
C GLY I 26 11.07 34.02 4.22
N ILE I 27 10.05 33.18 4.26
CA ILE I 27 9.40 32.74 3.04
C ILE I 27 8.24 33.66 2.63
N GLU I 28 7.41 34.02 3.59
CA GLU I 28 6.18 34.76 3.33
C GLU I 28 6.46 36.13 2.75
N HIS I 29 7.43 36.85 3.33
CA HIS I 29 7.70 38.23 2.93
C HIS I 29 9.13 38.41 2.40
N GLY I 30 9.98 37.44 2.68
CA GLY I 30 11.39 37.54 2.32
C GLY I 30 12.22 38.27 3.38
N PRO I 31 13.52 38.37 3.15
CA PRO I 31 14.45 38.81 4.17
C PRO I 31 14.60 40.33 4.33
N ALA I 32 13.90 41.15 3.53
CA ALA I 32 14.10 42.60 3.56
C ALA I 32 13.83 43.21 4.94
N ASP I 33 12.77 42.76 5.62
CA ASP I 33 12.46 43.20 6.99
C ASP I 33 13.62 42.97 7.97
N PHE I 34 14.36 41.88 7.77
CA PHE I 34 15.47 41.54 8.65
C PHE I 34 16.54 42.63 8.71
N MET I 35 16.50 43.59 7.78
CA MET I 35 17.55 44.60 7.67
C MET I 35 17.54 45.65 8.80
N ASP I 36 16.35 45.95 9.33
CA ASP I 36 16.18 46.90 10.44
C ASP I 36 16.93 46.47 11.70
N ASN I 37 16.90 45.17 11.97
CA ASN I 37 17.63 44.54 13.08
C ASN I 37 18.31 43.27 12.57
N PRO I 38 19.51 43.41 12.01
CA PRO I 38 20.17 42.32 11.25
C PRO I 38 20.25 40.95 11.92
N ASP I 39 20.37 40.91 13.25
CA ASP I 39 20.40 39.64 13.98
C ASP I 39 19.13 38.78 13.76
N SER I 40 18.04 39.41 13.35
CA SER I 40 16.77 38.73 13.17
C SER I 40 16.78 37.74 11.99
N ALA I 41 17.67 37.94 11.04
CA ALA I 41 17.91 36.98 9.98
C ALA I 41 18.47 35.65 10.51
N ASP I 42 18.99 35.66 11.75
CA ASP I 42 19.60 34.47 12.38
C ASP I 42 18.58 33.75 13.27
N PRO I 43 18.17 32.55 12.90
CA PRO I 43 17.17 31.82 13.68
C PRO I 43 17.63 31.50 15.12
N GLU I 44 18.94 31.36 15.31
CA GLU I 44 19.53 31.17 16.64
C GLU I 44 19.23 32.33 17.58
N TYR I 45 19.28 33.55 17.03
CA TYR I 45 18.91 34.75 17.77
C TYR I 45 17.45 34.73 18.17
N ILE I 46 16.60 34.17 17.30
CA ILE I 46 15.17 34.11 17.51
C ILE I 46 14.86 33.17 18.66
N LEU I 47 15.54 32.03 18.69
CA LEU I 47 15.36 31.06 19.76
C LEU I 47 15.78 31.64 21.12
N ARG I 48 16.95 32.29 21.15
CA ARG I 48 17.44 32.97 22.34
C ARG I 48 16.45 34.03 22.79
N LEU I 49 15.95 34.80 21.84
CA LEU I 49 15.00 35.87 22.11
C LEU I 49 13.71 35.33 22.71
N ALA I 50 13.18 34.26 22.14
CA ALA I 50 11.94 33.67 22.64
C ALA I 50 12.11 33.15 24.06
N ARG I 51 13.24 32.49 24.30
CA ARG I 51 13.54 31.88 25.60
C ARG I 51 13.80 32.96 26.68
N ASP I 52 14.64 33.95 26.36
CA ASP I 52 14.96 35.04 27.28
C ASP I 52 13.75 35.89 27.62
N ALA I 53 12.77 35.98 26.71
CA ALA I 53 11.58 36.76 26.98
C ALA I 53 10.52 35.97 27.75
N GLY I 54 10.74 34.66 27.95
CA GLY I 54 9.77 33.80 28.61
C GLY I 54 8.56 33.44 27.72
N PHE I 55 8.67 33.62 26.40
CA PHE I 55 7.57 33.32 25.47
C PHE I 55 7.22 31.82 25.43
N ASP I 56 6.08 31.49 24.83
CA ASP I 56 5.59 30.10 24.87
C ASP I 56 6.00 29.25 23.71
N GLY I 57 6.31 29.87 22.58
CA GLY I 57 6.72 29.10 21.43
C GLY I 57 7.28 29.93 20.29
N VAL I 58 7.77 29.22 19.28
CA VAL I 58 8.22 29.80 18.03
C VAL I 58 7.53 29.09 16.88
N VAL I 59 7.38 29.80 15.78
CA VAL I 59 6.84 29.22 14.55
C VAL I 59 7.96 29.23 13.52
N PHE I 60 8.34 28.05 13.04
CA PHE I 60 9.38 27.87 12.03
C PHE I 60 8.78 27.11 10.86
N GLN I 61 9.27 27.41 9.66
CA GLN I 61 9.11 26.53 8.51
C GLN I 61 10.08 25.35 8.71
N ARG I 62 9.79 24.25 8.03
CA ARG I 62 10.56 23.04 8.21
C ARG I 62 12.08 23.21 8.03
N GLY I 63 12.48 23.95 7.00
CA GLY I 63 13.89 24.21 6.75
C GLY I 63 14.63 24.84 7.89
N ILE I 64 14.03 25.88 8.47
CA ILE I 64 14.59 26.52 9.65
C ILE I 64 14.56 25.58 10.87
N ALA I 65 13.45 24.86 11.03
CA ALA I 65 13.35 23.92 12.15
C ALA I 65 14.44 22.86 12.05
N GLU I 66 14.62 22.31 10.86
CA GLU I 66 15.61 21.27 10.62
C GLU I 66 17.02 21.70 10.92
N LYS I 67 17.38 22.88 10.45
CA LYS I 67 18.76 23.36 10.60
C LYS I 67 19.03 24.02 11.94
N TYR I 68 18.01 24.61 12.59
CA TYR I 68 18.23 25.38 13.81
C TYR I 68 17.51 24.95 15.10
N TYR I 69 16.42 24.21 15.00
CA TYR I 69 15.63 23.96 16.21
C TYR I 69 16.38 23.09 17.22
N ASP I 70 16.41 23.54 18.48
CA ASP I 70 17.23 22.91 19.51
C ASP I 70 16.42 22.48 20.73
N GLY I 71 15.09 22.50 20.61
CA GLY I 71 14.22 22.01 21.67
C GLY I 71 14.07 22.95 22.87
N SER I 72 14.59 24.17 22.76
CA SER I 72 14.70 25.05 23.92
C SER I 72 13.42 25.85 24.17
N VAL I 73 12.57 25.89 23.15
CA VAL I 73 11.28 26.57 23.20
C VAL I 73 10.31 25.72 22.38
N PRO I 74 9.10 25.46 22.88
CA PRO I 74 8.11 24.69 22.11
C PRO I 74 7.96 25.22 20.68
N LEU I 75 7.87 24.31 19.71
CA LEU I 75 7.84 24.64 18.28
C LEU I 75 6.47 24.35 17.64
N ILE I 76 5.98 25.32 16.89
CA ILE I 76 4.89 25.12 15.96
C ILE I 76 5.53 25.07 14.58
N LEU I 77 5.48 23.92 13.92
CA LEU I 77 6.04 23.78 12.58
C LEU I 77 4.99 24.26 11.57
N LYS I 78 5.27 25.39 10.92
CA LYS I 78 4.35 25.93 9.91
C LYS I 78 4.55 25.11 8.64
N LEU I 79 3.52 24.36 8.25
CA LEU I 79 3.62 23.36 7.16
C LEU I 79 3.55 23.93 5.74
N ASN I 80 2.76 24.99 5.55
CA ASN I 80 2.70 25.62 4.24
C ASN I 80 3.33 27.00 4.23
N GLY I 81 3.66 27.48 3.03
CA GLY I 81 4.27 28.78 2.85
C GLY I 81 4.12 29.20 1.41
N LYS I 82 4.06 30.52 1.21
CA LYS I 82 4.03 31.09 -0.16
C LYS I 82 4.84 32.39 -0.13
N THR I 83 5.09 32.99 -1.29
CA THR I 83 5.88 34.23 -1.33
C THR I 83 5.02 35.41 -1.73
N THR I 84 5.50 36.63 -1.45
CA THR I 84 4.81 37.83 -1.90
C THR I 84 5.07 38.08 -3.37
N LEU I 85 6.03 37.35 -3.94
CA LEU I 85 6.36 37.55 -5.35
C LEU I 85 5.25 36.99 -6.23
N TYR I 86 4.52 36.03 -5.67
CA TYR I 86 3.38 35.40 -6.29
C TYR I 86 2.25 36.38 -6.56
N ASN I 87 1.60 36.23 -7.72
CA ASN I 87 0.50 37.09 -8.17
C ASN I 87 -0.86 36.45 -8.40
N GLY I 88 -0.96 35.13 -8.39
CA GLY I 88 -2.27 34.51 -8.63
C GLY I 88 -3.31 34.66 -7.51
N GLU I 89 -4.37 33.86 -7.61
CA GLU I 89 -5.33 33.71 -6.53
C GLU I 89 -4.56 33.11 -5.36
N PRO I 90 -4.72 33.64 -4.15
CA PRO I 90 -3.91 33.25 -2.98
C PRO I 90 -4.00 31.75 -2.69
N VAL I 91 -2.84 31.14 -2.63
CA VAL I 91 -2.71 29.71 -2.38
C VAL I 91 -1.38 29.46 -1.67
N SER I 92 -1.42 28.52 -0.73
CA SER I 92 -0.21 28.18 0.02
C SER I 92 -0.24 26.68 0.26
N VAL I 93 0.70 25.96 -0.31
CA VAL I 93 0.63 24.51 -0.18
C VAL I 93 1.67 24.03 0.82
N ALA I 94 1.43 22.87 1.43
CA ALA I 94 2.40 22.27 2.33
C ALA I 94 3.73 21.92 1.64
N ASN I 95 4.83 22.35 2.27
CA ASN I 95 6.16 21.93 1.84
C ASN I 95 6.73 20.86 2.79
N CYS I 96 5.90 20.44 3.75
CA CYS I 96 6.33 19.42 4.68
C CYS I 96 5.14 18.67 5.20
N SER I 97 5.32 17.90 6.27
CA SER I 97 4.28 16.99 6.74
C SER I 97 4.24 16.96 8.26
N VAL I 98 3.12 16.49 8.80
CA VAL I 98 2.98 16.32 10.23
C VAL I 98 3.99 15.31 10.72
N GLU I 99 4.13 14.18 10.01
CA GLU I 99 5.06 13.11 10.41
C GLU I 99 6.50 13.60 10.55
N GLU I 100 6.95 14.40 9.59
CA GLU I 100 8.28 15.03 9.66
C GLU I 100 8.40 16.05 10.80
N ALA I 101 7.33 16.83 11.03
CA ALA I 101 7.29 17.79 12.15
C ALA I 101 7.47 17.10 13.49
N VAL I 102 6.82 15.94 13.62
CA VAL I 102 6.94 15.13 14.81
C VAL I 102 8.40 14.81 15.06
N SER I 103 9.08 14.32 14.05
CA SER I 103 10.46 13.86 14.19
C SER I 103 11.44 15.02 14.40
N LEU I 104 11.02 16.25 14.06
CA LEU I 104 11.80 17.45 14.33
C LEU I 104 11.52 18.04 15.72
N GLY I 105 10.66 17.38 16.50
CA GLY I 105 10.36 17.83 17.84
C GLY I 105 9.30 18.90 17.95
N ALA I 106 8.45 19.03 16.92
CA ALA I 106 7.38 20.01 16.99
C ALA I 106 6.35 19.61 18.07
N SER I 107 5.75 20.61 18.71
CA SER I 107 4.64 20.36 19.64
C SER I 107 3.28 20.68 19.02
N ALA I 108 3.28 21.29 17.84
CA ALA I 108 2.05 21.60 17.11
C ALA I 108 2.38 21.83 15.65
N VAL I 109 1.38 21.78 14.79
CA VAL I 109 1.57 22.14 13.39
C VAL I 109 0.72 23.35 12.97
N GLY I 110 1.17 24.07 11.96
CA GLY I 110 0.46 25.24 11.52
C GLY I 110 0.15 25.21 10.04
N TYR I 111 -0.98 25.79 9.65
CA TYR I 111 -1.39 25.75 8.25
C TYR I 111 -2.21 26.99 7.98
N THR I 112 -1.88 27.69 6.88
CA THR I 112 -2.64 28.85 6.44
C THR I 112 -3.75 28.49 5.47
N ILE I 113 -4.93 29.05 5.67
CA ILE I 113 -5.97 28.98 4.65
C ILE I 113 -6.34 30.40 4.26
N TYR I 114 -6.78 30.57 3.01
CA TYR I 114 -7.28 31.84 2.52
C TYR I 114 -8.72 31.70 2.07
N PRO I 115 -9.66 31.67 2.99
CA PRO I 115 -11.07 31.57 2.61
C PRO I 115 -11.42 32.64 1.56
N GLY I 116 -12.22 32.29 0.57
CA GLY I 116 -12.62 33.27 -0.42
C GLY I 116 -11.82 33.21 -1.68
N SER I 117 -10.54 32.87 -1.57
CA SER I 117 -9.66 32.69 -2.72
C SER I 117 -10.26 31.78 -3.76
N GLY I 118 -9.92 32.02 -5.02
CA GLY I 118 -10.28 31.12 -6.11
C GLY I 118 -9.68 29.72 -5.90
N PHE I 119 -8.68 29.65 -5.03
CA PHE I 119 -8.03 28.40 -4.71
C PHE I 119 -8.40 27.92 -3.32
N GLU I 120 -9.51 28.39 -2.76
CA GLU I 120 -9.88 28.00 -1.37
C GLU I 120 -10.03 26.48 -1.23
N TRP I 121 -10.61 25.84 -2.24
CA TRP I 121 -10.77 24.39 -2.26
C TRP I 121 -9.43 23.65 -2.15
N LYS I 122 -8.38 24.22 -2.74
CA LYS I 122 -7.08 23.54 -2.78
C LYS I 122 -6.50 23.43 -1.38
N MET I 123 -6.59 24.50 -0.63
CA MET I 123 -6.22 24.43 0.79
C MET I 123 -7.12 23.60 1.72
N PHE I 124 -8.44 23.59 1.46
CA PHE I 124 -9.37 22.80 2.27
C PHE I 124 -9.08 21.30 2.09
N GLU I 125 -8.87 20.93 0.84
CA GLU I 125 -8.50 19.58 0.40
C GLU I 125 -7.27 19.12 1.16
N GLU I 126 -6.24 19.96 1.14
CA GLU I 126 -5.00 19.62 1.79
C GLU I 126 -5.14 19.69 3.32
N LEU I 127 -5.84 20.70 3.83
CA LEU I 127 -6.13 20.71 5.27
C LEU I 127 -6.78 19.40 5.78
N ALA I 128 -7.69 18.80 5.01
CA ALA I 128 -8.27 17.51 5.35
C ALA I 128 -7.20 16.47 5.72
N ARG I 129 -6.17 16.34 4.86
CA ARG I 129 -5.09 15.38 5.08
C ARG I 129 -4.28 15.77 6.31
N ILE I 130 -3.98 17.05 6.44
CA ILE I 130 -3.16 17.53 7.53
C ILE I 130 -3.87 17.38 8.88
N LYS I 131 -5.14 17.76 8.93
CA LYS I 131 -5.95 17.57 10.12
C LYS I 131 -5.95 16.09 10.56
N ARG I 132 -6.19 15.19 9.62
CA ARG I 132 -6.15 13.76 9.87
C ARG I 132 -4.79 13.34 10.41
N ASP I 133 -3.69 13.76 9.77
CA ASP I 133 -2.35 13.51 10.31
C ASP I 133 -2.10 14.12 11.70
N ALA I 134 -2.59 15.34 11.94
CA ALA I 134 -2.44 15.99 13.25
C ALA I 134 -3.06 15.14 14.35
N VAL I 135 -4.27 14.65 14.14
CA VAL I 135 -4.95 13.79 15.10
C VAL I 135 -4.13 12.50 15.27
N LYS I 136 -3.73 11.91 14.16
CA LYS I 136 -2.96 10.66 14.17
C LYS I 136 -1.66 10.78 15.01
N PHE I 137 -0.93 11.88 14.83
CA PHE I 137 0.33 12.07 15.55
C PHE I 137 0.15 12.83 16.88
N ASP I 138 -1.11 13.13 17.23
CA ASP I 138 -1.41 13.84 18.49
C ASP I 138 -0.71 15.20 18.56
N LEU I 139 -0.74 15.92 17.43
CA LEU I 139 -0.14 17.27 17.37
C LEU I 139 -1.25 18.29 17.09
N PRO I 140 -1.48 19.24 17.99
CA PRO I 140 -2.51 20.25 17.76
C PRO I 140 -2.30 20.97 16.44
N LEU I 141 -3.39 21.25 15.73
CA LEU I 141 -3.36 22.00 14.48
C LEU I 141 -3.74 23.44 14.79
N VAL I 142 -2.81 24.35 14.48
CA VAL I 142 -3.02 25.80 14.57
C VAL I 142 -3.32 26.31 13.16
N VAL I 143 -4.49 26.94 12.97
CA VAL I 143 -4.86 27.43 11.63
C VAL I 143 -4.73 28.96 11.57
N TRP I 144 -3.93 29.42 10.61
CA TRP I 144 -3.84 30.83 10.30
C TRP I 144 -5.00 31.00 9.36
N SER I 145 -6.00 31.77 9.77
CA SER I 145 -7.19 31.91 8.95
C SER I 145 -7.28 33.34 8.38
N TYR I 146 -6.97 33.46 7.09
CA TYR I 146 -6.78 34.78 6.47
C TYR I 146 -7.61 34.94 5.20
N PRO I 147 -8.89 35.28 5.33
CA PRO I 147 -9.74 35.46 4.14
C PRO I 147 -9.09 36.43 3.17
N ARG I 148 -9.01 36.04 1.90
CA ARG I 148 -8.29 36.83 0.92
C ARG I 148 -8.64 36.32 -0.47
N GLY I 149 -8.77 37.23 -1.43
CA GLY I 149 -9.29 36.92 -2.74
C GLY I 149 -10.82 36.91 -2.75
N GLY I 150 -11.40 36.43 -3.85
CA GLY I 150 -12.85 36.45 -4.04
C GLY I 150 -13.45 37.79 -3.67
N LYS I 151 -14.43 37.76 -2.74
CA LYS I 151 -15.20 38.94 -2.34
C LYS I 151 -14.51 39.79 -1.25
N VAL I 152 -13.42 39.28 -0.68
CA VAL I 152 -12.74 39.97 0.41
C VAL I 152 -12.08 41.28 -0.08
N VAL I 153 -12.51 42.40 0.45
CA VAL I 153 -11.87 43.69 0.15
C VAL I 153 -11.11 44.22 1.37
N ASN I 154 -11.78 44.29 2.50
CA ASN I 154 -11.14 44.71 3.71
C ASN I 154 -10.91 43.53 4.67
N GLU I 155 -9.65 43.15 4.84
CA GLU I 155 -9.30 41.96 5.61
C GLU I 155 -9.57 42.08 7.12
N THR I 156 -9.49 43.31 7.64
CA THR I 156 -9.72 43.52 9.08
C THR I 156 -11.17 43.93 9.39
N ALA I 157 -12.03 43.95 8.39
CA ALA I 157 -13.47 44.18 8.63
C ALA I 157 -13.97 43.18 9.67
N PRO I 158 -14.78 43.64 10.63
CA PRO I 158 -15.28 42.78 11.71
C PRO I 158 -16.01 41.54 11.18
N GLU I 159 -16.71 41.64 10.05
CA GLU I 159 -17.47 40.49 9.56
C GLU I 159 -16.51 39.48 8.93
N ILE I 160 -15.40 39.98 8.39
CA ILE I 160 -14.43 39.12 7.73
C ILE I 160 -13.60 38.36 8.75
N VAL I 161 -13.20 39.05 9.82
CA VAL I 161 -12.40 38.45 10.88
C VAL I 161 -13.27 37.42 11.62
N ALA I 162 -14.53 37.76 11.89
CA ALA I 162 -15.47 36.81 12.44
C ALA I 162 -15.60 35.55 11.56
N TYR I 163 -15.79 35.74 10.25
CA TYR I 163 -15.94 34.63 9.33
C TYR I 163 -14.69 33.76 9.42
N ALA I 164 -13.51 34.39 9.33
CA ALA I 164 -12.20 33.74 9.48
C ALA I 164 -12.15 32.84 10.71
N ALA I 165 -12.60 33.37 11.86
CA ALA I 165 -12.62 32.64 13.13
C ALA I 165 -13.53 31.44 13.05
N ARG I 166 -14.70 31.64 12.46
CA ARG I 166 -15.66 30.56 12.42
C ARG I 166 -15.20 29.44 11.49
N ILE I 167 -14.62 29.83 10.35
CA ILE I 167 -14.14 28.84 9.39
C ILE I 167 -13.10 27.95 10.05
N ALA I 168 -12.15 28.55 10.78
CA ALA I 168 -11.11 27.76 11.44
C ALA I 168 -11.71 26.70 12.38
N LEU I 169 -12.68 27.12 13.20
CA LEU I 169 -13.41 26.21 14.07
C LEU I 169 -14.07 25.06 13.28
N GLU I 170 -14.79 25.42 12.22
CA GLU I 170 -15.55 24.44 11.43
C GLU I 170 -14.61 23.40 10.82
N LEU I 171 -13.40 23.83 10.43
CA LEU I 171 -12.49 22.98 9.68
C LEU I 171 -11.61 22.10 10.56
N GLY I 172 -11.63 22.35 11.88
CA GLY I 172 -10.94 21.48 12.81
C GLY I 172 -9.74 22.07 13.54
N ALA I 173 -9.53 23.38 13.43
CA ALA I 173 -8.46 24.04 14.17
C ALA I 173 -8.55 23.76 15.67
N ASP I 174 -7.39 23.52 16.31
CA ASP I 174 -7.36 23.33 17.76
C ASP I 174 -6.94 24.62 18.43
N ALA I 175 -6.44 25.54 17.62
CA ALA I 175 -6.11 26.90 18.02
C ALA I 175 -6.12 27.68 16.73
N MET I 176 -6.31 28.98 16.78
CA MET I 176 -6.28 29.71 15.52
C MET I 176 -5.60 31.03 15.69
N LYS I 177 -5.25 31.62 14.55
CA LYS I 177 -4.52 32.88 14.49
C LYS I 177 -5.25 33.73 13.43
N ILE I 178 -5.73 34.90 13.82
CA ILE I 178 -6.53 35.74 12.95
C ILE I 178 -6.09 37.20 13.11
N LYS I 179 -6.42 38.04 12.14
CA LYS I 179 -6.13 39.47 12.20
C LYS I 179 -7.02 40.20 13.22
N TYR I 180 -6.46 41.24 13.83
CA TYR I 180 -7.20 42.11 14.73
C TYR I 180 -8.15 43.04 13.94
N THR I 181 -9.35 43.28 14.48
CA THR I 181 -10.29 44.22 13.86
C THR I 181 -9.95 45.70 14.09
N GLY I 182 -9.12 45.98 15.09
CA GLY I 182 -8.81 47.35 15.45
C GLY I 182 -9.48 47.79 16.74
N ASP I 183 -10.55 47.10 17.13
CA ASP I 183 -11.24 47.39 18.38
C ASP I 183 -11.77 46.12 19.08
N PRO I 184 -11.69 46.12 20.42
CA PRO I 184 -12.06 44.93 21.21
C PRO I 184 -13.54 44.48 21.17
N LYS I 185 -14.48 45.35 20.79
CA LYS I 185 -15.88 44.95 20.74
C LYS I 185 -16.16 44.01 19.57
N THR I 186 -15.73 44.42 18.38
CA THR I 186 -15.89 43.53 17.22
C THR I 186 -14.99 42.30 17.31
N PHE I 187 -13.80 42.46 17.87
CA PHE I 187 -12.90 41.31 17.97
C PHE I 187 -13.44 40.25 18.92
N SER I 188 -14.15 40.68 19.95
CA SER I 188 -14.71 39.70 20.86
C SER I 188 -15.85 38.89 20.23
N TRP I 189 -16.55 39.42 19.20
CA TRP I 189 -17.50 38.61 18.43
C TRP I 189 -16.78 37.47 17.68
N ALA I 190 -15.62 37.79 17.07
CA ALA I 190 -14.77 36.77 16.44
C ALA I 190 -14.39 35.68 17.45
N VAL I 191 -13.88 36.10 18.63
CA VAL I 191 -13.51 35.19 19.71
C VAL I 191 -14.71 34.32 20.16
N LYS I 192 -15.89 34.92 20.28
CA LYS I 192 -17.11 34.21 20.64
C LYS I 192 -17.49 33.10 19.64
N VAL I 193 -17.49 33.43 18.34
CA VAL I 193 -17.87 32.46 17.31
C VAL I 193 -16.82 31.35 17.16
N ALA I 194 -15.61 31.59 17.65
CA ALA I 194 -14.56 30.57 17.71
C ALA I 194 -14.87 29.46 18.73
N GLY I 195 -15.77 29.75 19.67
CA GLY I 195 -16.20 28.79 20.67
C GLY I 195 -15.08 28.29 21.56
N LYS I 196 -14.99 26.98 21.70
CA LYS I 196 -13.92 26.33 22.49
C LYS I 196 -12.52 26.51 21.92
N VAL I 197 -12.38 26.98 20.69
CA VAL I 197 -11.05 27.10 20.09
C VAL I 197 -10.35 28.46 20.39
N PRO I 198 -9.21 28.41 21.09
CA PRO I 198 -8.50 29.62 21.50
C PRO I 198 -8.04 30.44 20.28
N VAL I 199 -8.06 31.77 20.43
CA VAL I 199 -7.71 32.68 19.34
C VAL I 199 -6.45 33.46 19.70
N LEU I 200 -5.48 33.46 18.79
CA LEU I 200 -4.28 34.28 18.91
C LEU I 200 -4.35 35.38 17.89
N MET I 201 -4.02 36.61 18.30
CA MET I 201 -3.93 37.75 17.39
C MET I 201 -2.71 37.64 16.51
N SER I 202 -2.89 37.83 15.22
CA SER I 202 -1.77 37.92 14.30
C SER I 202 -1.14 39.30 14.47
N GLY I 203 0.11 39.33 14.90
CA GLY I 203 0.81 40.58 15.24
C GLY I 203 0.81 41.66 14.15
N GLY I 204 1.25 41.29 12.94
CA GLY I 204 1.23 42.18 11.78
C GLY I 204 2.47 43.05 11.58
N PRO I 205 2.36 44.04 10.69
CA PRO I 205 3.47 44.97 10.40
C PRO I 205 3.85 45.85 11.59
N LYS I 206 5.10 46.30 11.67
CA LYS I 206 5.58 47.10 12.81
C LYS I 206 4.81 48.41 13.00
N THR I 207 4.25 48.57 14.20
CA THR I 207 3.54 49.78 14.60
C THR I 207 4.54 50.92 14.77
N LYS I 208 4.06 52.15 14.58
CA LYS I 208 4.94 53.34 14.64
C LYS I 208 5.76 53.41 15.94
N THR I 209 5.11 53.08 17.07
CA THR I 209 5.77 53.04 18.39
C THR I 209 5.46 51.74 19.10
N GLU I 210 6.29 51.37 20.08
CA GLU I 210 6.02 50.26 21.00
C GLU I 210 4.59 50.40 21.62
N GLU I 211 4.21 51.63 22.00
CA GLU I 211 2.92 51.84 22.67
C GLU I 211 1.70 51.50 21.82
N ASP I 212 1.72 51.84 20.53
CA ASP I 212 0.57 51.55 19.63
C ASP I 212 0.21 50.06 19.66
N PHE I 213 1.27 49.27 19.66
CA PHE I 213 1.18 47.81 19.66
C PHE I 213 0.67 47.26 21.00
N LEU I 214 1.18 47.83 22.10
CA LEU I 214 0.81 47.37 23.44
C LEU I 214 -0.69 47.57 23.70
N LYS I 215 -1.21 48.69 23.20
CA LYS I 215 -2.61 49.01 23.41
C LYS I 215 -3.44 48.06 22.58
N GLN I 216 -2.96 47.69 21.39
CA GLN I 216 -3.64 46.71 20.50
C GLN I 216 -3.78 45.36 21.20
N VAL I 217 -2.64 44.84 21.66
CA VAL I 217 -2.55 43.67 22.53
C VAL I 217 -3.53 43.76 23.73
N GLU I 218 -3.46 44.83 24.51
CA GLU I 218 -4.41 45.03 25.61
C GLU I 218 -5.89 44.92 25.17
N GLY I 219 -6.22 45.42 23.99
CA GLY I 219 -7.57 45.28 23.45
C GLY I 219 -7.93 43.85 23.07
N VAL I 220 -6.98 43.17 22.41
CA VAL I 220 -7.07 41.73 22.12
C VAL I 220 -7.41 40.92 23.38
N LEU I 221 -6.72 41.23 24.49
CA LEU I 221 -6.95 40.53 25.76
C LEU I 221 -8.27 40.93 26.42
N GLU I 222 -8.71 42.17 26.19
CA GLU I 222 -10.05 42.60 26.64
C GLU I 222 -11.14 41.79 25.95
N ALA I 223 -10.89 41.41 24.70
CA ALA I 223 -11.83 40.64 23.86
C ALA I 223 -11.93 39.16 24.23
N GLY I 224 -10.97 38.66 25.01
CA GLY I 224 -10.98 37.28 25.45
C GLY I 224 -10.10 36.35 24.65
N ALA I 225 -9.25 36.89 23.79
CA ALA I 225 -8.27 36.07 23.06
C ALA I 225 -7.26 35.45 24.02
N LEU I 226 -6.70 34.30 23.62
CA LEU I 226 -5.66 33.63 24.39
C LEU I 226 -4.33 34.41 24.42
N GLY I 227 -4.12 35.28 23.44
CA GLY I 227 -2.85 36.00 23.38
C GLY I 227 -2.48 36.40 21.97
N ILE I 228 -1.18 36.38 21.67
CA ILE I 228 -0.69 36.97 20.43
C ILE I 228 0.34 36.06 19.81
N ALA I 229 0.41 36.09 18.48
CA ALA I 229 1.49 35.47 17.73
C ALA I 229 2.21 36.61 17.05
N VAL I 230 3.32 37.02 17.62
CA VAL I 230 3.97 38.24 17.22
C VAL I 230 5.29 37.91 16.52
N GLY I 231 5.56 38.65 15.46
CA GLY I 231 6.79 38.51 14.69
C GLY I 231 7.61 39.77 14.62
N ARG I 232 7.45 40.49 13.51
CA ARG I 232 8.09 41.77 13.21
C ARG I 232 8.10 42.76 14.38
N ASN I 233 6.95 42.90 15.05
CA ASN I 233 6.80 43.87 16.12
C ASN I 233 7.68 43.60 17.33
N VAL I 234 8.22 42.39 17.42
CA VAL I 234 9.31 42.13 18.35
C VAL I 234 10.65 42.18 17.61
N TRP I 235 10.91 41.22 16.72
CA TRP I 235 12.26 41.03 16.19
C TRP I 235 12.76 42.05 15.17
N GLN I 236 11.88 42.91 14.67
CA GLN I 236 12.29 44.01 13.79
C GLN I 236 12.87 45.20 14.60
N ARG I 237 12.64 45.19 15.90
CA ARG I 237 13.07 46.26 16.81
C ARG I 237 14.49 46.01 17.36
N ARG I 238 15.32 47.04 17.41
CA ARG I 238 16.69 46.88 17.95
C ARG I 238 16.68 46.30 19.37
N ASP I 239 15.70 46.72 20.15
CA ASP I 239 15.61 46.39 21.54
C ASP I 239 14.57 45.31 21.77
N ALA I 240 14.62 44.26 20.95
CA ALA I 240 13.58 43.22 20.92
C ALA I 240 13.27 42.58 22.28
N LEU I 241 14.31 42.31 23.07
CA LEU I 241 14.11 41.66 24.36
C LEU I 241 13.34 42.53 25.34
N LYS I 242 13.81 43.75 25.60
CA LYS I 242 13.06 44.66 26.47
C LYS I 242 11.62 44.68 26.03
N PHE I 243 11.39 45.01 24.76
CA PHE I 243 10.03 45.11 24.32
C PHE I 243 9.25 43.77 24.38
N ALA I 244 9.91 42.66 24.05
CA ALA I 244 9.37 41.32 24.32
C ALA I 244 9.01 41.17 25.77
N ARG I 245 9.98 41.47 26.65
CA ARG I 245 9.77 41.42 28.09
C ARG I 245 8.58 42.30 28.54
N ALA I 246 8.38 43.41 27.85
CA ALA I 246 7.18 44.22 28.09
C ALA I 246 5.91 43.53 27.59
N LEU I 247 5.99 42.81 26.49
CA LEU I 247 4.82 42.15 26.01
C LEU I 247 4.42 41.07 26.99
N ALA I 248 5.44 40.45 27.60
CA ALA I 248 5.24 39.37 28.57
C ALA I 248 4.63 39.86 29.89
N GLU I 249 5.08 41.02 30.37
CA GLU I 249 4.51 41.63 31.57
C GLU I 249 3.03 41.84 31.33
N LEU I 250 2.72 42.51 30.22
CA LEU I 250 1.34 42.79 29.85
C LEU I 250 0.48 41.54 29.77
N VAL I 251 0.89 40.54 28.97
CA VAL I 251 0.04 39.37 28.64
C VAL I 251 -0.05 38.36 29.78
N TYR I 252 1.05 38.12 30.49
CA TYR I 252 1.07 37.10 31.54
C TYR I 252 0.62 37.60 32.92
N GLY I 253 0.58 38.92 33.11
CA GLY I 253 0.33 39.48 34.43
C GLY I 253 1.59 39.41 35.30
N ALA J 2 -26.32 -3.48 5.19
CA ALA J 2 -26.45 -3.62 3.70
C ALA J 2 -27.29 -2.51 3.04
N ASN J 3 -28.58 -2.40 3.38
CA ASN J 3 -29.43 -1.33 2.83
C ASN J 3 -29.34 -0.03 3.64
N LEU J 4 -28.67 0.98 3.06
CA LEU J 4 -28.33 2.20 3.79
C LEU J 4 -29.46 3.22 3.90
N THR J 5 -30.31 3.29 2.87
CA THR J 5 -31.54 4.06 2.96
C THR J 5 -32.38 3.59 4.17
N GLU J 6 -32.48 2.27 4.34
CA GLU J 6 -33.23 1.69 5.44
C GLU J 6 -32.62 2.05 6.79
N LYS J 7 -31.29 1.95 6.88
CA LYS J 7 -30.54 2.38 8.06
C LYS J 7 -30.78 3.86 8.34
N PHE J 8 -30.76 4.69 7.30
CA PHE J 8 -31.05 6.11 7.48
C PHE J 8 -32.46 6.35 8.05
N LEU J 9 -33.47 5.71 7.46
CA LEU J 9 -34.85 5.81 7.93
C LEU J 9 -35.02 5.37 9.37
N ARG J 10 -34.37 4.26 9.73
CA ARG J 10 -34.47 3.71 11.07
C ARG J 10 -33.90 4.69 12.11
N ILE J 11 -32.81 5.38 11.76
CA ILE J 11 -32.16 6.31 12.68
C ILE J 11 -32.74 7.71 12.65
N PHE J 12 -33.03 8.22 11.45
CA PHE J 12 -33.46 9.61 11.29
C PHE J 12 -34.97 9.80 11.02
N ALA J 13 -35.73 8.71 10.97
CA ALA J 13 -37.17 8.82 10.70
C ALA J 13 -37.95 7.70 11.38
N ARG J 14 -37.66 7.44 12.66
CA ARG J 14 -38.37 6.40 13.40
C ARG J 14 -39.89 6.60 13.42
N ARG J 15 -40.34 7.85 13.34
CA ARG J 15 -41.76 8.17 13.31
C ARG J 15 -42.35 8.19 11.90
N GLY J 16 -41.53 7.89 10.90
CA GLY J 16 -41.97 7.82 9.51
C GLY J 16 -41.80 9.11 8.73
N LYS J 17 -41.50 10.20 9.45
CA LYS J 17 -41.11 11.47 8.85
C LYS J 17 -39.89 11.97 9.61
N SER J 18 -39.29 13.03 9.12
CA SER J 18 -37.98 13.43 9.62
C SER J 18 -37.76 14.93 9.67
N ILE J 19 -37.20 15.39 10.78
CA ILE J 19 -36.69 16.77 10.88
C ILE J 19 -35.24 16.73 11.29
N ILE J 20 -34.40 17.34 10.47
CA ILE J 20 -32.97 17.47 10.72
C ILE J 20 -32.68 18.94 11.03
N LEU J 21 -31.94 19.21 12.10
CA LEU J 21 -31.47 20.56 12.40
C LEU J 21 -30.09 20.82 11.74
N ALA J 22 -30.11 21.59 10.67
CA ALA J 22 -28.93 21.87 9.87
C ALA J 22 -28.11 22.94 10.54
N TYR J 23 -26.79 22.73 10.60
CA TYR J 23 -25.90 23.67 11.26
C TYR J 23 -24.51 23.74 10.62
N ASP J 24 -24.44 23.65 9.30
CA ASP J 24 -23.17 23.82 8.60
C ASP J 24 -22.96 25.28 8.23
N HIS J 25 -23.89 26.12 8.70
CA HIS J 25 -23.99 27.48 8.22
C HIS J 25 -22.78 28.35 8.54
N GLY J 26 -22.07 27.99 9.61
CA GLY J 26 -20.87 28.71 10.05
C GLY J 26 -19.81 28.82 8.98
N ILE J 27 -19.63 27.76 8.18
CA ILE J 27 -18.71 27.78 7.06
C ILE J 27 -19.36 28.29 5.78
N GLU J 28 -20.57 27.83 5.50
CA GLU J 28 -21.25 28.14 4.24
C GLU J 28 -21.53 29.62 4.11
N HIS J 29 -22.03 30.23 5.17
CA HIS J 29 -22.51 31.60 5.10
C HIS J 29 -21.75 32.51 6.06
N GLY J 30 -21.09 31.90 7.04
CA GLY J 30 -20.43 32.66 8.08
C GLY J 30 -21.36 33.02 9.22
N PRO J 31 -20.79 33.64 10.25
CA PRO J 31 -21.48 33.82 11.54
C PRO J 31 -22.42 35.02 11.63
N ALA J 32 -22.58 35.80 10.55
CA ALA J 32 -23.44 36.99 10.59
C ALA J 32 -24.91 36.65 10.94
N ASP J 33 -25.44 35.59 10.32
CA ASP J 33 -26.78 35.06 10.62
C ASP J 33 -27.01 34.84 12.14
N PHE J 34 -25.95 34.46 12.87
CA PHE J 34 -26.02 34.12 14.31
C PHE J 34 -26.38 35.33 15.20
N MET J 35 -26.29 36.53 14.65
CA MET J 35 -26.45 37.74 15.44
C MET J 35 -27.90 37.97 15.88
N ASP J 36 -28.86 37.56 15.06
CA ASP J 36 -30.29 37.70 15.39
C ASP J 36 -30.68 36.99 16.69
N ASN J 37 -30.10 35.81 16.91
CA ASN J 37 -30.29 35.02 18.13
C ASN J 37 -28.93 34.49 18.58
N PRO J 38 -28.19 35.31 19.32
CA PRO J 38 -26.76 35.05 19.60
C PRO J 38 -26.40 33.66 20.11
N ASP J 39 -27.30 32.99 20.82
CA ASP J 39 -27.04 31.65 21.32
C ASP J 39 -26.78 30.63 20.19
N SER J 40 -27.25 30.95 18.98
CA SER J 40 -27.13 30.08 17.84
C SER J 40 -25.68 29.90 17.37
N ALA J 41 -24.81 30.84 17.72
CA ALA J 41 -23.37 30.68 17.48
C ALA J 41 -22.75 29.57 18.34
N ASP J 42 -23.47 29.13 19.36
CA ASP J 42 -23.01 28.09 20.30
C ASP J 42 -23.58 26.73 19.91
N PRO J 43 -22.73 25.81 19.46
CA PRO J 43 -23.20 24.49 19.03
C PRO J 43 -23.88 23.70 20.15
N GLU J 44 -23.52 23.97 21.40
CA GLU J 44 -24.13 23.34 22.57
C GLU J 44 -25.61 23.70 22.69
N TYR J 45 -25.92 24.95 22.38
CA TYR J 45 -27.30 25.39 22.29
C TYR J 45 -28.09 24.64 21.20
N ILE J 46 -27.44 24.38 20.05
CA ILE J 46 -28.04 23.69 18.93
C ILE J 46 -28.38 22.26 19.29
N LEU J 47 -27.46 21.56 19.94
CA LEU J 47 -27.71 20.22 20.44
C LEU J 47 -28.90 20.14 21.43
N ARG J 48 -28.93 21.06 22.40
CA ARG J 48 -30.03 21.18 23.34
C ARG J 48 -31.34 21.43 22.60
N LEU J 49 -31.28 22.36 21.65
CA LEU J 49 -32.44 22.74 20.87
C LEU J 49 -33.00 21.54 20.09
N ALA J 50 -32.11 20.81 19.40
CA ALA J 50 -32.53 19.64 18.64
C ALA J 50 -33.20 18.59 19.52
N ARG J 51 -32.61 18.35 20.68
CA ARG J 51 -33.07 17.33 21.61
C ARG J 51 -34.39 17.73 22.24
N ASP J 52 -34.47 18.97 22.75
CA ASP J 52 -35.68 19.46 23.40
C ASP J 52 -36.87 19.56 22.44
N ALA J 53 -36.59 19.74 21.15
CA ALA J 53 -37.66 19.81 20.16
C ALA J 53 -38.09 18.42 19.67
N GLY J 54 -37.36 17.38 20.07
CA GLY J 54 -37.63 16.03 19.60
C GLY J 54 -37.21 15.75 18.15
N PHE J 55 -36.31 16.57 17.59
CA PHE J 55 -35.84 16.40 16.20
C PHE J 55 -35.04 15.12 16.01
N ASP J 56 -34.80 14.74 14.76
CA ASP J 56 -34.15 13.48 14.45
C ASP J 56 -32.64 13.49 14.34
N GLY J 57 -32.06 14.66 14.05
CA GLY J 57 -30.64 14.76 13.85
C GLY J 57 -30.15 16.19 13.72
N VAL J 58 -28.84 16.32 13.72
CA VAL J 58 -28.14 17.57 13.47
C VAL J 58 -27.10 17.34 12.39
N VAL J 59 -26.77 18.41 11.67
CA VAL J 59 -25.71 18.36 10.66
C VAL J 59 -24.61 19.27 11.14
N PHE J 60 -23.44 18.70 11.38
CA PHE J 60 -22.25 19.44 11.78
C PHE J 60 -21.12 19.21 10.75
N GLN J 61 -20.30 20.24 10.55
CA GLN J 61 -18.98 20.06 9.98
C GLN J 61 -18.10 19.34 11.02
N ARG J 62 -17.06 18.70 10.52
CA ARG J 62 -16.16 17.94 11.38
C ARG J 62 -15.58 18.69 12.59
N GLY J 63 -15.17 19.95 12.39
CA GLY J 63 -14.66 20.76 13.50
C GLY J 63 -15.66 20.93 14.64
N ILE J 64 -16.91 21.23 14.28
CA ILE J 64 -17.98 21.37 15.28
C ILE J 64 -18.29 20.00 15.90
N ALA J 65 -18.31 18.96 15.09
CA ALA J 65 -18.56 17.62 15.61
C ALA J 65 -17.49 17.24 16.63
N GLU J 66 -16.25 17.44 16.26
CA GLU J 66 -15.11 17.07 17.09
C GLU J 66 -15.09 17.79 18.43
N LYS J 67 -15.35 19.10 18.43
CA LYS J 67 -15.31 19.88 19.66
C LYS J 67 -16.60 19.82 20.48
N TYR J 68 -17.75 19.57 19.83
CA TYR J 68 -19.03 19.67 20.56
C TYR J 68 -19.93 18.43 20.59
N TYR J 69 -19.80 17.52 19.62
CA TYR J 69 -20.80 16.44 19.54
C TYR J 69 -20.72 15.53 20.78
N ASP J 70 -21.89 15.25 21.36
CA ASP J 70 -21.96 14.54 22.63
C ASP J 70 -22.83 13.30 22.55
N GLY J 71 -23.19 12.89 21.33
CA GLY J 71 -24.00 11.70 21.15
C GLY J 71 -25.47 11.79 21.53
N SER J 72 -25.95 13.00 21.82
CA SER J 72 -27.30 13.15 22.38
C SER J 72 -28.41 13.20 21.31
N VAL J 73 -28.00 13.42 20.06
CA VAL J 73 -28.88 13.49 18.91
C VAL J 73 -28.08 12.87 17.76
N PRO J 74 -28.69 12.00 16.96
CA PRO J 74 -28.00 11.43 15.79
C PRO J 74 -27.34 12.52 14.91
N LEU J 75 -26.12 12.23 14.42
CA LEU J 75 -25.30 13.21 13.71
C LEU J 75 -25.10 12.83 12.25
N ILE J 76 -25.34 13.79 11.37
CA ILE J 76 -24.92 13.72 9.97
C ILE J 76 -23.69 14.62 9.89
N LEU J 77 -22.54 14.04 9.55
CA LEU J 77 -21.31 14.79 9.45
C LEU J 77 -21.23 15.27 8.02
N LYS J 78 -21.37 16.58 7.83
CA LYS J 78 -21.26 17.20 6.51
C LYS J 78 -19.77 17.26 6.17
N LEU J 79 -19.39 16.48 5.15
CA LEU J 79 -17.97 16.26 4.79
C LEU J 79 -17.31 17.41 4.02
N ASN J 80 -18.06 18.05 3.13
CA ASN J 80 -17.54 19.18 2.40
C ASN J 80 -18.16 20.51 2.83
N GLY J 81 -17.44 21.60 2.56
CA GLY J 81 -17.93 22.94 2.81
C GLY J 81 -17.17 23.95 1.98
N LYS J 82 -17.85 25.04 1.63
CA LYS J 82 -17.24 26.19 0.97
C LYS J 82 -17.78 27.47 1.58
N THR J 83 -17.23 28.63 1.20
CA THR J 83 -17.69 29.91 1.74
C THR J 83 -18.42 30.73 0.68
N THR J 84 -19.22 31.69 1.15
CA THR J 84 -19.82 32.69 0.24
C THR J 84 -18.80 33.75 -0.23
N LEU J 85 -17.63 33.83 0.40
CA LEU J 85 -16.60 34.75 -0.04
C LEU J 85 -15.97 34.32 -1.37
N TYR J 86 -16.08 33.03 -1.64
CA TYR J 86 -15.58 32.44 -2.88
C TYR J 86 -16.35 32.96 -4.10
N ASN J 87 -15.65 33.19 -5.20
CA ASN J 87 -16.26 33.74 -6.42
C ASN J 87 -16.20 32.88 -7.66
N GLY J 88 -15.45 31.78 -7.66
CA GLY J 88 -15.32 30.97 -8.87
C GLY J 88 -16.55 30.14 -9.24
N GLU J 89 -16.38 29.22 -10.19
CA GLU J 89 -17.40 28.20 -10.47
C GLU J 89 -17.63 27.45 -9.15
N PRO J 90 -18.88 27.17 -8.80
CA PRO J 90 -19.22 26.54 -7.51
C PRO J 90 -18.51 25.20 -7.32
N VAL J 91 -17.82 25.08 -6.19
CA VAL J 91 -17.11 23.85 -5.87
C VAL J 91 -17.02 23.74 -4.35
N SER J 92 -17.10 22.51 -3.86
CA SER J 92 -17.01 22.28 -2.44
C SER J 92 -16.31 20.97 -2.23
N VAL J 93 -15.14 21.00 -1.64
CA VAL J 93 -14.37 19.78 -1.45
C VAL J 93 -14.44 19.29 -0.02
N ALA J 94 -14.27 17.97 0.15
CA ALA J 94 -14.24 17.37 1.49
C ALA J 94 -13.09 17.92 2.33
N ASN J 95 -13.40 18.31 3.57
CA ASN J 95 -12.37 18.69 4.54
C ASN J 95 -12.22 17.59 5.57
N CYS J 96 -12.90 16.48 5.33
CA CYS J 96 -12.86 15.33 6.24
C CYS J 96 -13.23 14.04 5.49
N SER J 97 -13.41 12.95 6.25
CA SER J 97 -13.57 11.64 5.66
C SER J 97 -14.62 10.85 6.41
N VAL J 98 -15.13 9.82 5.73
CA VAL J 98 -16.13 8.92 6.30
C VAL J 98 -15.54 8.22 7.51
N GLU J 99 -14.30 7.76 7.39
CA GLU J 99 -13.63 7.03 8.46
C GLU J 99 -13.55 7.85 9.74
N GLU J 100 -13.22 9.13 9.61
CA GLU J 100 -13.18 10.05 10.76
C GLU J 100 -14.58 10.33 11.30
N ALA J 101 -15.55 10.44 10.40
CA ALA J 101 -16.94 10.67 10.83
C ALA J 101 -17.41 9.50 11.70
N VAL J 102 -17.04 8.29 11.29
CA VAL J 102 -17.39 7.10 12.04
C VAL J 102 -16.87 7.22 13.47
N SER J 103 -15.59 7.53 13.60
CA SER J 103 -14.95 7.63 14.91
C SER J 103 -15.49 8.78 15.76
N LEU J 104 -16.11 9.79 15.14
CA LEU J 104 -16.76 10.87 15.86
C LEU J 104 -18.22 10.55 16.25
N GLY J 105 -18.68 9.36 15.93
CA GLY J 105 -20.02 8.94 16.29
C GLY J 105 -21.10 9.37 15.31
N ALA J 106 -20.75 9.67 14.07
CA ALA J 106 -21.75 10.05 13.07
C ALA J 106 -22.64 8.85 12.73
N SER J 107 -23.90 9.10 12.41
CA SER J 107 -24.77 8.03 11.92
C SER J 107 -24.97 8.10 10.41
N ALA J 108 -24.50 9.18 9.79
CA ALA J 108 -24.62 9.37 8.34
C ALA J 108 -23.59 10.40 7.91
N VAL J 109 -23.30 10.46 6.61
CA VAL J 109 -22.42 11.50 6.08
C VAL J 109 -23.12 12.35 5.04
N GLY J 110 -22.71 13.61 4.92
CA GLY J 110 -23.31 14.55 4.01
C GLY J 110 -22.32 15.10 2.99
N TYR J 111 -22.80 15.32 1.78
CA TYR J 111 -21.96 15.84 0.71
C TYR J 111 -22.79 16.68 -0.26
N THR J 112 -22.33 17.89 -0.54
CA THR J 112 -22.97 18.77 -1.50
C THR J 112 -22.38 18.58 -2.88
N ILE J 113 -23.25 18.52 -3.89
CA ILE J 113 -22.83 18.60 -5.29
C ILE J 113 -23.53 19.80 -5.90
N TYR J 114 -22.90 20.42 -6.88
CA TYR J 114 -23.48 21.52 -7.66
C TYR J 114 -23.53 21.13 -9.12
N PRO J 115 -24.50 20.32 -9.52
CA PRO J 115 -24.64 19.92 -10.92
C PRO J 115 -24.69 21.17 -11.82
N GLY J 116 -24.03 21.09 -12.98
CA GLY J 116 -24.00 22.23 -13.89
C GLY J 116 -22.78 23.09 -13.73
N SER J 117 -22.20 23.13 -12.54
CA SER J 117 -20.98 23.91 -12.31
C SER J 117 -19.86 23.52 -13.29
N GLY J 118 -18.98 24.48 -13.59
CA GLY J 118 -17.77 24.24 -14.35
C GLY J 118 -16.92 23.21 -13.65
N PHE J 119 -17.17 23.05 -12.36
CA PHE J 119 -16.41 22.13 -11.52
C PHE J 119 -17.24 20.89 -11.13
N GLU J 120 -18.30 20.58 -11.88
CA GLU J 120 -19.19 19.48 -11.51
C GLU J 120 -18.40 18.16 -11.43
N TRP J 121 -17.50 17.96 -12.39
CA TRP J 121 -16.65 16.78 -12.41
C TRP J 121 -15.83 16.59 -11.13
N LYS J 122 -15.38 17.69 -10.54
CA LYS J 122 -14.52 17.62 -9.36
C LYS J 122 -15.30 17.01 -8.22
N MET J 123 -16.53 17.46 -8.03
CA MET J 123 -17.36 16.87 -6.99
C MET J 123 -17.85 15.42 -7.25
N PHE J 124 -18.07 15.07 -8.52
CA PHE J 124 -18.49 13.72 -8.87
C PHE J 124 -17.34 12.72 -8.60
N GLU J 125 -16.16 13.16 -8.96
CA GLU J 125 -14.92 12.42 -8.75
C GLU J 125 -14.76 12.11 -7.26
N GLU J 126 -14.92 13.14 -6.45
CA GLU J 126 -14.75 12.99 -5.03
C GLU J 126 -15.93 12.19 -4.42
N LEU J 127 -17.14 12.47 -4.88
CA LEU J 127 -18.29 11.69 -4.45
C LEU J 127 -18.10 10.17 -4.65
N ALA J 128 -17.46 9.79 -5.76
CA ALA J 128 -17.14 8.38 -5.97
C ALA J 128 -16.42 7.75 -4.78
N ARG J 129 -15.37 8.42 -4.31
CA ARG J 129 -14.61 7.94 -3.15
C ARG J 129 -15.48 7.91 -1.90
N ILE J 130 -16.23 8.98 -1.68
CA ILE J 130 -17.02 9.11 -0.46
C ILE J 130 -18.15 8.07 -0.40
N LYS J 131 -18.81 7.86 -1.54
CA LYS J 131 -19.85 6.83 -1.65
C LYS J 131 -19.27 5.45 -1.35
N ARG J 132 -18.11 5.14 -1.93
CA ARG J 132 -17.43 3.89 -1.66
C ARG J 132 -17.13 3.75 -0.17
N ASP J 133 -16.55 4.79 0.43
CA ASP J 133 -16.33 4.82 1.89
C ASP J 133 -17.61 4.67 2.72
N ALA J 134 -18.69 5.34 2.32
CA ALA J 134 -19.95 5.27 3.04
C ALA J 134 -20.45 3.84 3.11
N VAL J 135 -20.43 3.14 1.97
CA VAL J 135 -20.80 1.73 1.90
C VAL J 135 -19.87 0.92 2.81
N LYS J 136 -18.56 1.15 2.69
CA LYS J 136 -17.56 0.42 3.46
C LYS J 136 -17.78 0.55 4.96
N PHE J 137 -18.10 1.75 5.43
CA PHE J 137 -18.28 1.99 6.86
C PHE J 137 -19.76 1.85 7.29
N ASP J 138 -20.63 1.48 6.35
CA ASP J 138 -22.05 1.31 6.63
C ASP J 138 -22.69 2.60 7.17
N LEU J 139 -22.36 3.73 6.54
CA LEU J 139 -22.91 5.02 6.90
C LEU J 139 -23.72 5.56 5.73
N PRO J 140 -25.02 5.80 5.88
CA PRO J 140 -25.81 6.35 4.78
C PRO J 140 -25.20 7.67 4.27
N LEU J 141 -25.23 7.86 2.95
CA LEU J 141 -24.77 9.08 2.32
C LEU J 141 -25.97 9.94 2.02
N VAL J 142 -25.96 11.15 2.57
CA VAL J 142 -27.00 12.17 2.32
C VAL J 142 -26.43 13.20 1.36
N VAL J 143 -27.06 13.34 0.20
CA VAL J 143 -26.54 14.28 -0.81
C VAL J 143 -27.37 15.56 -0.84
N TRP J 144 -26.68 16.67 -0.64
CA TRP J 144 -27.28 17.98 -0.84
C TRP J 144 -27.11 18.21 -2.32
N SER J 145 -28.19 18.25 -3.07
CA SER J 145 -28.08 18.37 -4.52
C SER J 145 -28.54 19.77 -4.98
N TYR J 146 -27.58 20.63 -5.30
CA TYR J 146 -27.87 22.04 -5.58
C TYR J 146 -27.32 22.49 -6.92
N PRO J 147 -28.07 22.27 -7.99
CA PRO J 147 -27.63 22.71 -9.31
C PRO J 147 -27.29 24.19 -9.29
N ARG J 148 -26.12 24.54 -9.81
CA ARG J 148 -25.64 25.91 -9.72
C ARG J 148 -24.45 26.08 -10.63
N GLY J 149 -24.40 27.22 -11.33
CA GLY J 149 -23.40 27.43 -12.37
C GLY J 149 -23.90 26.90 -13.71
N GLY J 150 -23.03 26.92 -14.72
CA GLY J 150 -23.40 26.47 -16.05
C GLY J 150 -24.66 27.13 -16.56
N LYS J 151 -25.65 26.30 -16.93
CA LYS J 151 -26.92 26.78 -17.49
C LYS J 151 -27.99 27.15 -16.44
N VAL J 152 -27.74 26.81 -15.19
CA VAL J 152 -28.69 27.07 -14.11
C VAL J 152 -28.88 28.57 -13.90
N VAL J 153 -30.11 29.06 -14.10
CA VAL J 153 -30.43 30.45 -13.79
C VAL J 153 -31.35 30.53 -12.58
N ASN J 154 -32.46 29.81 -12.63
CA ASN J 154 -33.37 29.77 -11.50
C ASN J 154 -33.26 28.42 -10.78
N GLU J 155 -32.72 28.44 -9.57
CA GLU J 155 -32.45 27.23 -8.79
C GLU J 155 -33.70 26.50 -8.33
N THR J 156 -34.79 27.24 -8.09
CA THR J 156 -36.03 26.64 -7.63
C THR J 156 -37.00 26.31 -8.77
N ALA J 157 -36.57 26.51 -10.02
CA ALA J 157 -37.36 26.07 -11.16
C ALA J 157 -37.68 24.57 -11.05
N PRO J 158 -38.93 24.18 -11.35
CA PRO J 158 -39.36 22.79 -11.18
C PRO J 158 -38.50 21.80 -11.98
N GLU J 159 -38.02 22.17 -13.16
CA GLU J 159 -37.19 21.27 -13.92
C GLU J 159 -35.80 21.11 -13.29
N ILE J 160 -35.34 22.17 -12.62
CA ILE J 160 -34.02 22.17 -12.00
C ILE J 160 -33.99 21.35 -10.71
N VAL J 161 -35.03 21.53 -9.90
CA VAL J 161 -35.17 20.76 -8.66
C VAL J 161 -35.37 19.28 -8.99
N ALA J 162 -36.14 18.99 -10.05
CA ALA J 162 -36.33 17.61 -10.47
C ALA J 162 -35.02 16.99 -10.93
N TYR J 163 -34.24 17.74 -11.71
CA TYR J 163 -32.92 17.28 -12.15
C TYR J 163 -32.05 17.00 -10.91
N ALA J 164 -32.05 17.94 -9.97
CA ALA J 164 -31.29 17.81 -8.74
C ALA J 164 -31.60 16.49 -8.03
N ALA J 165 -32.90 16.18 -7.93
CA ALA J 165 -33.36 14.97 -7.25
C ALA J 165 -32.91 13.72 -8.01
N ARG J 166 -33.01 13.77 -9.33
CA ARG J 166 -32.67 12.60 -10.11
C ARG J 166 -31.16 12.34 -10.07
N ILE J 167 -30.36 13.41 -10.18
CA ILE J 167 -28.92 13.28 -10.08
C ILE J 167 -28.50 12.63 -8.79
N ALA J 168 -29.09 13.06 -7.67
CA ALA J 168 -28.74 12.46 -6.39
C ALA J 168 -29.01 10.96 -6.36
N LEU J 169 -30.14 10.53 -6.86
CA LEU J 169 -30.45 9.10 -6.97
C LEU J 169 -29.44 8.34 -7.85
N GLU J 170 -29.16 8.88 -9.04
CA GLU J 170 -28.19 8.30 -9.98
C GLU J 170 -26.79 8.11 -9.36
N LEU J 171 -26.36 9.06 -8.53
CA LEU J 171 -24.99 9.05 -8.03
C LEU J 171 -24.82 8.24 -6.74
N GLY J 172 -25.93 7.77 -6.16
CA GLY J 172 -25.85 6.86 -5.04
C GLY J 172 -26.30 7.40 -3.71
N ALA J 173 -26.91 8.56 -3.68
CA ALA J 173 -27.50 9.09 -2.46
C ALA J 173 -28.45 8.07 -1.78
N ASP J 174 -28.32 7.91 -0.47
CA ASP J 174 -29.27 7.09 0.28
C ASP J 174 -30.42 7.94 0.84
N ALA J 175 -30.19 9.25 0.89
CA ALA J 175 -31.21 10.22 1.24
C ALA J 175 -30.75 11.50 0.57
N MET J 176 -31.65 12.43 0.28
CA MET J 176 -31.19 13.65 -0.37
C MET J 176 -31.86 14.87 0.20
N LYS J 177 -31.25 16.01 -0.08
CA LYS J 177 -31.72 17.30 0.40
C LYS J 177 -31.72 18.23 -0.80
N ILE J 178 -32.89 18.79 -1.11
CA ILE J 178 -33.07 19.65 -2.29
C ILE J 178 -33.93 20.87 -1.95
N LYS J 179 -33.85 21.90 -2.77
CA LYS J 179 -34.65 23.11 -2.62
C LYS J 179 -36.11 22.85 -3.00
N TYR J 180 -37.00 23.57 -2.31
CA TYR J 180 -38.43 23.55 -2.60
C TYR J 180 -38.73 24.35 -3.86
N THR J 181 -39.70 23.88 -4.65
CA THR J 181 -40.12 24.58 -5.87
C THR J 181 -41.01 25.79 -5.60
N GLY J 182 -41.62 25.83 -4.40
CA GLY J 182 -42.63 26.82 -4.10
C GLY J 182 -44.06 26.27 -4.15
N ASP J 183 -44.28 25.16 -4.83
CA ASP J 183 -45.60 24.52 -4.83
C ASP J 183 -45.52 23.00 -4.83
N PRO J 184 -46.44 22.36 -4.12
CA PRO J 184 -46.40 20.90 -3.93
C PRO J 184 -46.58 20.06 -5.21
N LYS J 185 -47.18 20.62 -6.27
CA LYS J 185 -47.41 19.83 -7.48
C LYS J 185 -46.08 19.53 -8.14
N THR J 186 -45.31 20.57 -8.43
CA THR J 186 -44.01 20.39 -9.08
C THR J 186 -43.00 19.70 -8.18
N PHE J 187 -43.10 19.93 -6.86
CA PHE J 187 -42.19 19.30 -5.93
C PHE J 187 -42.43 17.79 -5.87
N SER J 188 -43.66 17.36 -6.07
CA SER J 188 -43.93 15.94 -6.03
C SER J 188 -43.38 15.20 -7.25
N TRP J 189 -43.18 15.89 -8.38
CA TRP J 189 -42.44 15.32 -9.51
C TRP J 189 -40.97 15.07 -9.13
N ALA J 190 -40.36 16.03 -8.43
CA ALA J 190 -39.01 15.84 -7.91
C ALA J 190 -38.97 14.62 -7.00
N VAL J 191 -39.93 14.52 -6.09
CA VAL J 191 -40.02 13.40 -5.15
C VAL J 191 -40.21 12.10 -5.93
N LYS J 192 -41.02 12.15 -6.99
CA LYS J 192 -41.27 10.95 -7.78
C LYS J 192 -40.00 10.42 -8.48
N VAL J 193 -39.24 11.31 -9.11
CA VAL J 193 -38.05 10.89 -9.85
C VAL J 193 -36.89 10.45 -8.92
N ALA J 194 -37.00 10.80 -7.64
CA ALA J 194 -36.06 10.35 -6.62
C ALA J 194 -36.26 8.87 -6.29
N GLY J 195 -37.40 8.30 -6.70
CA GLY J 195 -37.67 6.89 -6.50
C GLY J 195 -37.65 6.45 -5.05
N LYS J 196 -36.94 5.35 -4.78
CA LYS J 196 -36.74 4.82 -3.43
C LYS J 196 -35.98 5.73 -2.47
N VAL J 197 -35.31 6.77 -2.97
CA VAL J 197 -34.50 7.63 -2.10
C VAL J 197 -35.28 8.79 -1.48
N PRO J 198 -35.37 8.81 -0.13
CA PRO J 198 -36.15 9.84 0.57
C PRO J 198 -35.60 11.24 0.35
N VAL J 199 -36.50 12.21 0.26
CA VAL J 199 -36.19 13.61 -0.02
C VAL J 199 -36.52 14.45 1.20
N LEU J 200 -35.53 15.24 1.64
CA LEU J 200 -35.74 16.29 2.65
C LEU J 200 -35.66 17.63 1.98
N MET J 201 -36.58 18.51 2.35
CA MET J 201 -36.59 19.89 1.89
C MET J 201 -35.47 20.68 2.57
N SER J 202 -34.67 21.39 1.78
CA SER J 202 -33.71 22.33 2.31
C SER J 202 -34.47 23.57 2.81
N GLY J 203 -34.34 23.86 4.11
CA GLY J 203 -35.11 24.90 4.79
C GLY J 203 -35.00 26.29 4.16
N GLY J 204 -33.76 26.75 3.98
CA GLY J 204 -33.47 28.03 3.33
C GLY J 204 -33.44 29.26 4.24
N PRO J 205 -33.41 30.45 3.63
CA PRO J 205 -33.40 31.72 4.38
C PRO J 205 -34.66 31.93 5.23
N LYS J 206 -34.49 32.62 6.36
CA LYS J 206 -35.59 32.87 7.29
C LYS J 206 -36.74 33.59 6.60
N THR J 207 -37.90 32.94 6.59
CA THR J 207 -39.10 33.47 5.94
C THR J 207 -39.68 34.68 6.69
N LYS J 208 -40.43 35.51 5.95
CA LYS J 208 -41.02 36.74 6.49
C LYS J 208 -41.79 36.49 7.80
N THR J 209 -42.63 35.44 7.80
CA THR J 209 -43.40 35.01 8.98
C THR J 209 -43.32 33.50 9.15
N GLU J 210 -43.66 33.02 10.34
CA GLU J 210 -43.63 31.59 10.63
C GLU J 210 -44.63 30.78 9.80
N GLU J 211 -45.81 31.36 9.51
CA GLU J 211 -46.85 30.66 8.75
C GLU J 211 -46.43 30.38 7.32
N ASP J 212 -45.62 31.26 6.74
CA ASP J 212 -45.06 31.06 5.39
C ASP J 212 -44.25 29.77 5.34
N PHE J 213 -43.51 29.52 6.42
CA PHE J 213 -42.66 28.34 6.52
C PHE J 213 -43.49 27.10 6.75
N LEU J 214 -44.46 27.16 7.65
CA LEU J 214 -45.32 26.00 7.90
C LEU J 214 -46.07 25.56 6.64
N LYS J 215 -46.42 26.54 5.79
CA LYS J 215 -47.16 26.27 4.56
C LYS J 215 -46.28 25.56 3.56
N GLN J 216 -45.03 26.00 3.44
CA GLN J 216 -44.05 25.28 2.65
C GLN J 216 -43.91 23.84 3.16
N VAL J 217 -43.80 23.68 4.47
CA VAL J 217 -43.60 22.35 5.07
C VAL J 217 -44.80 21.44 4.77
N GLU J 218 -46.01 21.98 4.90
CA GLU J 218 -47.22 21.23 4.55
C GLU J 218 -47.19 20.78 3.09
N GLY J 219 -46.84 21.71 2.19
CA GLY J 219 -46.75 21.40 0.76
C GLY J 219 -45.72 20.32 0.48
N VAL J 220 -44.58 20.42 1.16
CA VAL J 220 -43.49 19.45 1.08
C VAL J 220 -43.95 18.04 1.51
N LEU J 221 -44.65 17.97 2.64
CA LEU J 221 -45.18 16.69 3.12
C LEU J 221 -46.25 16.13 2.17
N GLU J 222 -47.14 17.01 1.69
CA GLU J 222 -48.20 16.68 0.69
C GLU J 222 -47.57 16.02 -0.53
N ALA J 223 -46.43 16.59 -0.96
CA ALA J 223 -45.71 16.15 -2.14
C ALA J 223 -45.04 14.80 -1.91
N GLY J 224 -44.95 14.36 -0.65
CA GLY J 224 -44.44 13.04 -0.34
C GLY J 224 -42.99 13.00 0.13
N ALA J 225 -42.44 14.17 0.43
CA ALA J 225 -41.11 14.26 1.02
C ALA J 225 -41.09 13.63 2.40
N LEU J 226 -39.92 13.13 2.81
CA LEU J 226 -39.75 12.55 4.13
C LEU J 226 -39.77 13.61 5.23
N GLY J 227 -39.54 14.87 4.88
CA GLY J 227 -39.53 15.94 5.84
C GLY J 227 -38.57 17.06 5.47
N ILE J 228 -37.96 17.67 6.48
CA ILE J 228 -37.20 18.91 6.29
C ILE J 228 -35.84 18.88 6.98
N ALA J 229 -34.88 19.57 6.39
CA ALA J 229 -33.60 19.85 7.01
C ALA J 229 -33.57 21.34 7.20
N VAL J 230 -33.90 21.77 8.39
CA VAL J 230 -34.09 23.18 8.68
C VAL J 230 -32.93 23.74 9.50
N GLY J 231 -32.51 24.96 9.17
CA GLY J 231 -31.45 25.61 9.89
C GLY J 231 -31.94 26.94 10.45
N ARG J 232 -31.65 28.00 9.69
CA ARG J 232 -31.96 29.37 10.07
C ARG J 232 -33.41 29.56 10.54
N ASN J 233 -34.35 28.97 9.83
CA ASN J 233 -35.76 29.13 10.14
C ASN J 233 -36.19 28.60 11.52
N VAL J 234 -35.32 27.82 12.15
CA VAL J 234 -35.44 27.53 13.56
C VAL J 234 -34.50 28.43 14.35
N TRP J 235 -33.18 28.22 14.23
CA TRP J 235 -32.23 28.80 15.18
C TRP J 235 -31.95 30.29 15.04
N GLN J 236 -32.40 30.90 13.94
CA GLN J 236 -32.29 32.35 13.78
C GLN J 236 -33.38 33.11 14.56
N ARG J 237 -34.41 32.39 14.99
CA ARG J 237 -35.56 32.94 15.73
C ARG J 237 -35.36 32.98 17.24
N ARG J 238 -35.81 34.05 17.89
CA ARG J 238 -35.71 34.18 19.36
C ARG J 238 -36.57 33.13 20.08
N ASP J 239 -37.73 32.83 19.48
CA ASP J 239 -38.61 31.76 19.94
C ASP J 239 -38.28 30.41 19.24
N ALA J 240 -37.00 30.07 19.16
CA ALA J 240 -36.57 28.89 18.40
C ALA J 240 -37.25 27.61 18.88
N LEU J 241 -37.22 27.35 20.19
CA LEU J 241 -37.75 26.10 20.73
C LEU J 241 -39.24 25.96 20.50
N LYS J 242 -39.97 27.03 20.76
CA LYS J 242 -41.40 27.06 20.56
C LYS J 242 -41.69 26.72 19.10
N PHE J 243 -41.06 27.44 18.17
CA PHE J 243 -41.34 27.20 16.76
C PHE J 243 -40.86 25.83 16.28
N ALA J 244 -39.74 25.36 16.85
CA ALA J 244 -39.27 24.00 16.59
C ALA J 244 -40.37 22.99 16.94
N ARG J 245 -40.99 23.19 18.11
CA ARG J 245 -42.03 22.29 18.61
C ARG J 245 -43.32 22.31 17.77
N ALA J 246 -43.65 23.48 17.22
CA ALA J 246 -44.72 23.58 16.24
C ALA J 246 -44.35 22.85 14.92
N LEU J 247 -43.10 22.98 14.49
CA LEU J 247 -42.64 22.24 13.31
C LEU J 247 -42.76 20.74 13.53
N ALA J 248 -42.39 20.31 14.75
CA ALA J 248 -42.48 18.90 15.14
C ALA J 248 -43.91 18.36 15.08
N GLU J 249 -44.87 19.08 15.68
CA GLU J 249 -46.27 18.68 15.65
C GLU J 249 -46.76 18.55 14.20
N LEU J 250 -46.35 19.47 13.34
CA LEU J 250 -46.72 19.42 11.93
C LEU J 250 -46.12 18.24 11.17
N VAL J 251 -44.81 18.02 11.30
CA VAL J 251 -44.14 16.96 10.55
C VAL J 251 -44.50 15.54 11.05
N TYR J 252 -44.40 15.32 12.35
CA TYR J 252 -44.65 13.99 12.92
C TYR J 252 -46.15 13.63 13.01
N GLY J 253 -47.03 14.63 12.89
CA GLY J 253 -48.47 14.41 12.99
C GLY J 253 -48.93 14.09 14.42
#